data_9GV6
#
_entry.id   9GV6
#
_cell.length_a   74.120
_cell.length_b   93.530
_cell.length_c   388.950
_cell.angle_alpha   90.00
_cell.angle_beta   90.00
_cell.angle_gamma   90.00
#
_symmetry.space_group_name_H-M   'P 21 21 21'
#
loop_
_entity.id
_entity.type
_entity.pdbx_description
1 polymer 'MHC class I antigen'
2 polymer Beta-2-microglobulin
3 polymer Peptide
4 polymer 'TCR alpha'
5 polymer 'TCR Beta'
6 water water
#
loop_
_entity_poly.entity_id
_entity_poly.type
_entity_poly.pdbx_seq_one_letter_code
_entity_poly.pdbx_strand_id
1 'polypeptide(L)'
;GSHSMRYFFTSVSRPGRGEPRFIAVGYVDDTQFVRFDSDAASQRMEPRAPWIEQEGPEYWDGETRKVKAHSQTHRVDLGT
LRGYYNQSEAGSHTVQRMYGCDVGSDWRFLRGYHQYAYDGKDYIALKEDLRSWTAADMAAQTTKHKWEAAHVAEQLRAYL
EGTCVEWLRRYLENGKETLQRTDAPKTHMTHHAVSDHEATLRCWALSFYPAEITLTWQRDGEDQTQDTELVETRPAGDGT
FQKWAAVVVPSGQEQRYTCHVQHEGLPKPLTLRWEP
;
A,G
2 'polypeptide(L)'
;MIQRTPKIQVYSRHPAENGKSNFLNCYVSGFHPSDIEVDLLKNGERIEKVEHSDLSFSKDWSFYLLYYTEFTPTEKDEYA
CRVNHVTLSQPKIVKWDRDM
;
B,H
3 'polypeptide(L)' SLSNRLYYL C,I
4 'polypeptide(L)'
;MLAKTTQPISMDSYEGQEVNITCSHNHIAANDFITWYQQFPSQGPRFFIQGYKTNVSNEVASLFIPADRKSSTLSLPRVS
LSDTAVYYCLAWGGTDMLIFGTGTRLQVFPNIQNPDPAVYQLRDSKSSDKSVCLFTDFDSQTNVSQSKDSDVYITDKCVL
DMRSMDFKSNSAVAWSNKSDFACANAFNNSIIPEDT
;
D,J
5 'polypeptide(L)'
;MEAGVAQSPRYKIIEKRQSVAFWCNPISGHGTLYWYQQILGQGPKLLIQFHNNGVVDDSQLPKDRFSAERLKGVDSTLKI
QPAKLEDSAVYLCASSLDWVGDGERQYFGPGTRLLVLEDLKNVFPPEVAVFEPSEAEISHTQKATLVCLATGFYPDHVEL
SWWVNGKEVHSGVCTDPQPLKEQPALNDSRYALSSRLRVSATFWQDPRNHFRCQVQFYGLSENDEWTQDRAKPVTQIVSA
EAWGRAD
;
E,K
#
# COMPACT_ATOMS: atom_id res chain seq x y z
N GLY A 1 28.43 -4.19 13.84
CA GLY A 1 27.49 -4.91 12.97
C GLY A 1 26.35 -3.99 12.59
N SER A 2 25.34 -3.91 13.46
CA SER A 2 24.22 -2.99 13.28
C SER A 2 24.66 -1.54 13.48
N HIS A 3 24.02 -0.63 12.70
CA HIS A 3 24.29 0.79 12.77
C HIS A 3 23.01 1.63 12.58
N SER A 4 23.02 2.79 13.22
CA SER A 4 21.92 3.74 13.12
C SER A 4 22.39 5.17 12.84
N MET A 5 21.49 5.98 12.25
CA MET A 5 21.60 7.43 12.26
C MET A 5 20.27 8.01 12.75
N ARG A 6 20.35 9.04 13.58
CA ARG A 6 19.16 9.54 14.24
C ARG A 6 19.34 11.04 14.44
N TYR A 7 18.28 11.79 14.17
CA TYR A 7 18.23 13.20 14.50
C TYR A 7 17.16 13.38 15.59
N PHE A 8 17.43 14.31 16.51
CA PHE A 8 16.58 14.54 17.66
C PHE A 8 16.28 16.03 17.80
N PHE A 9 15.00 16.37 17.76
CA PHE A 9 14.61 17.76 17.82
C PHE A 9 13.72 18.01 19.02
N THR A 10 14.10 19.03 19.78
CA THR A 10 13.34 19.50 20.92
C THR A 10 13.02 20.98 20.71
N SER A 11 11.76 21.37 20.89
CA SER A 11 11.45 22.79 20.86
C SER A 11 10.51 23.12 22.01
N VAL A 12 10.86 24.14 22.80
CA VAL A 12 10.09 24.47 23.98
C VAL A 12 9.74 25.97 23.94
N SER A 13 8.44 26.22 24.01
CA SER A 13 7.93 27.62 24.04
C SER A 13 8.42 28.37 25.26
N ARG A 14 8.75 29.63 25.09
CA ARG A 14 9.16 30.47 26.24
C ARG A 14 8.18 31.64 26.28
N PRO A 15 6.90 31.43 26.67
CA PRO A 15 5.92 32.50 26.60
C PRO A 15 6.49 33.73 27.28
N GLY A 16 6.40 34.87 26.60
CA GLY A 16 6.99 36.11 27.16
C GLY A 16 8.34 36.35 26.52
N ARG A 17 9.18 35.32 26.47
CA ARG A 17 10.49 35.45 25.76
C ARG A 17 10.22 35.17 24.28
N GLY A 18 8.96 34.93 23.93
CA GLY A 18 8.58 34.72 22.52
C GLY A 18 9.34 33.61 21.85
N GLU A 19 10.35 33.95 21.04
CA GLU A 19 11.09 32.93 20.26
C GLU A 19 11.27 31.65 21.06
N PRO A 20 10.67 30.53 20.61
CA PRO A 20 10.87 29.25 21.29
C PRO A 20 12.29 28.73 21.18
N ARG A 21 12.76 28.03 22.19
CA ARG A 21 14.05 27.37 22.14
C ARG A 21 13.95 26.14 21.25
N PHE A 22 14.93 25.99 20.35
CA PHE A 22 14.94 24.84 19.45
C PHE A 22 16.37 24.32 19.39
N ILE A 23 16.49 23.01 19.68
CA ILE A 23 17.78 22.34 19.68
C ILE A 23 17.65 21.06 18.87
N ALA A 24 18.53 20.91 17.88
CA ALA A 24 18.58 19.69 17.09
C ALA A 24 19.95 19.07 17.23
N VAL A 25 19.99 17.74 17.27
CA VAL A 25 21.26 17.05 17.30
C VAL A 25 21.17 15.83 16.40
N GLY A 26 22.33 15.32 16.00
CA GLY A 26 22.36 14.18 15.12
C GLY A 26 23.41 13.17 15.58
N TYR A 27 23.04 11.90 15.55
CA TYR A 27 23.92 10.85 16.02
C TYR A 27 24.13 9.83 14.91
N VAL A 28 25.32 9.24 14.92
CA VAL A 28 25.55 7.96 14.25
C VAL A 28 25.89 6.93 15.32
N ASP A 29 25.13 5.82 15.38
CA ASP A 29 25.21 4.94 16.53
C ASP A 29 25.17 5.87 17.76
N ASP A 30 26.11 5.67 18.71
CA ASP A 30 26.11 6.40 19.97
C ASP A 30 27.08 7.58 19.94
N THR A 31 27.48 8.08 18.75
CA THR A 31 28.40 9.21 18.63
C THR A 31 27.64 10.40 18.05
N GLN A 32 27.59 11.54 18.75
CA GLN A 32 26.95 12.75 18.22
C GLN A 32 27.87 13.42 17.20
N PHE A 33 27.32 13.93 16.07
CA PHE A 33 28.14 14.53 15.02
C PHE A 33 27.70 15.93 14.59
N VAL A 34 26.42 16.32 14.75
CA VAL A 34 26.01 17.68 14.39
C VAL A 34 25.12 18.21 15.50
N ARG A 35 25.05 19.54 15.61
CA ARG A 35 24.08 20.18 16.50
C ARG A 35 23.63 21.52 15.92
N PHE A 36 22.48 21.98 16.39
CA PHE A 36 21.98 23.29 16.08
C PHE A 36 21.23 23.75 17.31
N ASP A 37 21.49 24.99 17.69
CA ASP A 37 20.86 25.56 18.86
C ASP A 37 20.40 26.98 18.51
N SER A 38 19.08 27.20 18.56
CA SER A 38 18.50 28.49 18.22
C SER A 38 19.10 29.62 19.06
N ASP A 39 19.72 29.31 20.19
CA ASP A 39 20.21 30.34 21.08
C ASP A 39 21.68 30.63 20.85
N ALA A 40 22.34 29.85 20.00
CA ALA A 40 23.77 30.02 19.74
C ALA A 40 24.02 31.21 18.82
N ALA A 41 25.27 31.68 18.79
CA ALA A 41 25.65 32.80 17.92
C ALA A 41 25.59 32.41 16.44
N SER A 42 26.19 31.26 16.09
CA SER A 42 26.49 30.87 14.72
C SER A 42 25.24 30.78 13.84
N GLN A 43 24.12 30.33 14.38
CA GLN A 43 22.89 30.22 13.60
C GLN A 43 23.13 29.34 12.39
N ARG A 44 24.15 28.49 12.47
CA ARG A 44 24.35 27.39 11.52
C ARG A 44 24.41 26.06 12.27
N MET A 45 24.26 24.97 11.50
CA MET A 45 24.55 23.63 11.98
C MET A 45 26.05 23.56 12.26
N GLU A 46 26.44 23.11 13.47
CA GLU A 46 27.82 23.05 13.89
C GLU A 46 28.27 21.59 13.96
N PRO A 47 29.58 21.29 13.78
CA PRO A 47 30.09 19.93 13.88
C PRO A 47 30.45 19.59 15.32
N ARG A 48 30.21 18.32 15.70
CA ARG A 48 30.44 17.82 17.06
C ARG A 48 31.26 16.55 17.04
N ALA A 49 32.05 16.39 15.98
CA ALA A 49 32.84 15.20 15.71
C ALA A 49 33.88 15.55 14.65
N PRO A 50 35.16 15.21 14.85
CA PRO A 50 36.17 15.42 13.82
C PRO A 50 35.84 15.02 12.38
N TRP A 51 35.30 13.82 12.16
CA TRP A 51 35.15 13.30 10.78
C TRP A 51 34.18 14.08 9.90
N ILE A 52 33.19 14.72 10.51
CA ILE A 52 32.18 15.42 9.73
C ILE A 52 32.72 16.76 9.30
N GLU A 53 33.80 17.23 9.91
CA GLU A 53 34.40 18.53 9.58
C GLU A 53 34.94 18.54 8.15
N GLN A 54 35.35 17.36 7.68
CA GLN A 54 35.93 17.22 6.33
C GLN A 54 34.86 17.52 5.28
N GLU A 55 33.60 17.41 5.66
CA GLU A 55 32.49 17.68 4.70
C GLU A 55 32.65 19.13 4.20
N GLY A 56 32.42 19.35 2.91
CA GLY A 56 32.61 20.66 2.31
C GLY A 56 31.48 21.65 2.62
N PRO A 57 31.59 22.91 2.17
CA PRO A 57 30.68 23.96 2.60
C PRO A 57 29.29 23.89 1.94
N GLU A 58 29.16 23.12 0.85
CA GLU A 58 27.87 22.88 0.23
C GLU A 58 26.97 22.13 1.22
N TYR A 59 27.62 21.20 1.98
CA TYR A 59 27.00 20.38 2.99
C TYR A 59 26.47 21.28 4.10
N TRP A 60 27.39 22.04 4.73
CA TRP A 60 27.05 22.86 5.89
C TRP A 60 25.94 23.84 5.56
N ASP A 61 26.06 24.52 4.41
CA ASP A 61 24.99 25.32 3.86
C ASP A 61 23.69 24.51 3.87
N GLY A 62 23.69 23.36 3.20
CA GLY A 62 22.47 22.61 2.97
C GLY A 62 21.80 22.09 4.24
N GLU A 63 22.61 21.80 5.27
CA GLU A 63 22.10 21.36 6.56
C GLU A 63 21.57 22.54 7.36
N THR A 64 22.33 23.63 7.39
CA THR A 64 21.84 24.87 8.00
C THR A 64 20.47 25.26 7.39
N ARG A 65 20.31 25.07 6.07
CA ARG A 65 19.06 25.45 5.41
C ARG A 65 17.94 24.58 5.97
N LYS A 66 18.14 23.27 5.87
CA LYS A 66 17.17 22.26 6.30
C LYS A 66 16.78 22.42 7.77
N VAL A 67 17.76 22.75 8.63
CA VAL A 67 17.51 22.76 10.07
C VAL A 67 16.66 23.97 10.42
N LYS A 68 16.92 25.08 9.75
CA LYS A 68 16.09 26.26 9.88
C LYS A 68 14.67 25.92 9.51
N ALA A 69 14.47 25.08 8.50
CA ALA A 69 13.14 24.69 8.11
C ALA A 69 12.50 23.86 9.22
N HIS A 70 13.32 23.00 9.82
CA HIS A 70 12.87 22.22 10.96
C HIS A 70 12.41 23.18 12.05
N SER A 71 13.28 24.15 12.41
CA SER A 71 13.00 25.09 13.50
C SER A 71 11.67 25.81 13.26
N GLN A 72 11.44 26.20 12.01
CA GLN A 72 10.22 26.87 11.60
C GLN A 72 9.01 25.95 11.75
N THR A 73 9.04 24.79 11.12
CA THR A 73 7.92 23.88 11.24
C THR A 73 7.56 23.69 12.73
N HIS A 74 8.53 23.71 13.66
CA HIS A 74 8.22 23.43 15.05
C HIS A 74 7.61 24.62 15.75
N ARG A 75 8.13 25.83 15.49
CA ARG A 75 7.56 27.05 16.05
C ARG A 75 6.06 27.10 15.74
N VAL A 76 5.67 26.69 14.53
CA VAL A 76 4.28 26.70 14.09
C VAL A 76 3.51 25.61 14.83
N ASP A 77 4.07 24.40 14.77
CA ASP A 77 3.53 23.20 15.42
C ASP A 77 3.13 23.53 16.86
N LEU A 78 3.99 24.26 17.58
CA LEU A 78 3.75 24.58 18.98
C LEU A 78 2.40 25.24 19.12
N GLY A 79 2.16 26.24 18.29
CA GLY A 79 0.90 26.95 18.30
C GLY A 79 -0.25 26.05 17.86
N THR A 80 -0.02 25.19 16.85
CA THR A 80 -1.12 24.42 16.29
C THR A 80 -1.72 23.53 17.40
N LEU A 81 -0.81 22.88 18.15
CA LEU A 81 -1.17 21.93 19.20
C LEU A 81 -1.84 22.70 20.33
N ARG A 82 -1.27 23.87 20.66
CA ARG A 82 -1.84 24.72 21.68
C ARG A 82 -3.34 24.86 21.42
N GLY A 83 -3.73 24.97 20.16
CA GLY A 83 -5.12 25.17 19.80
C GLY A 83 -5.90 23.86 19.75
N TYR A 84 -5.24 22.80 19.24
CA TYR A 84 -5.83 21.48 19.15
C TYR A 84 -6.20 20.95 20.53
N TYR A 85 -5.29 21.13 21.51
CA TYR A 85 -5.52 20.72 22.89
C TYR A 85 -6.22 21.82 23.67
N ASN A 86 -6.74 22.84 22.97
CA ASN A 86 -7.45 23.97 23.57
C ASN A 86 -6.77 24.43 24.85
N GLN A 87 -5.45 24.67 24.81
CA GLN A 87 -4.66 25.17 25.91
C GLN A 87 -4.40 26.66 25.72
N SER A 88 -3.98 27.35 26.78
CA SER A 88 -3.84 28.81 26.74
C SER A 88 -2.40 29.21 26.49
N GLU A 89 -2.16 30.48 26.19
CA GLU A 89 -0.80 30.91 25.79
C GLU A 89 0.03 31.33 27.00
N ALA A 90 -0.21 30.73 28.16
CA ALA A 90 0.52 31.20 29.36
C ALA A 90 1.49 30.12 29.82
N GLY A 91 1.32 28.90 29.29
CA GLY A 91 2.16 27.78 29.74
C GLY A 91 3.26 27.46 28.75
N SER A 92 4.38 26.93 29.25
CA SER A 92 5.47 26.49 28.36
C SER A 92 5.20 25.04 27.96
N HIS A 93 5.18 24.77 26.67
CA HIS A 93 4.96 23.41 26.19
C HIS A 93 6.18 22.95 25.43
N THR A 94 6.25 21.65 25.14
CA THR A 94 7.42 21.01 24.56
C THR A 94 6.96 20.16 23.38
N VAL A 95 7.61 20.31 22.23
CA VAL A 95 7.41 19.41 21.10
C VAL A 95 8.74 18.76 20.79
N GLN A 96 8.68 17.47 20.46
CA GLN A 96 9.87 16.68 20.20
C GLN A 96 9.64 15.85 18.95
N ARG A 97 10.69 15.74 18.14
CA ARG A 97 10.64 14.98 16.90
C ARG A 97 11.85 14.05 16.92
N MET A 98 11.68 12.84 16.39
CA MET A 98 12.81 11.98 16.18
C MET A 98 12.61 11.21 14.90
N TYR A 99 13.67 11.16 14.08
CA TYR A 99 13.67 10.29 12.93
C TYR A 99 15.08 9.79 12.67
N GLY A 100 15.16 8.74 11.85
CA GLY A 100 16.45 8.14 11.55
C GLY A 100 16.25 6.77 10.92
N CYS A 101 17.35 6.01 10.74
CA CYS A 101 17.23 4.71 10.12
C CYS A 101 18.29 3.74 10.66
N ASP A 102 18.06 2.44 10.40
CA ASP A 102 18.93 1.39 10.90
C ASP A 102 19.30 0.43 9.80
N VAL A 103 20.54 -0.05 9.86
CA VAL A 103 21.00 -1.05 8.91
C VAL A 103 21.76 -2.16 9.62
N GLY A 104 21.70 -3.36 9.02
CA GLY A 104 22.45 -4.54 9.42
C GLY A 104 23.95 -4.38 9.16
N SER A 105 24.69 -5.49 9.24
CA SER A 105 26.12 -5.50 8.96
C SER A 105 26.36 -5.43 7.46
N ASP A 106 25.37 -5.95 6.71
CA ASP A 106 25.32 -5.83 5.26
C ASP A 106 25.23 -4.34 4.87
N TRP A 107 24.86 -3.51 5.86
CA TRP A 107 24.67 -2.06 5.63
C TRP A 107 23.42 -1.84 4.78
N ARG A 108 22.45 -2.76 4.86
CA ARG A 108 21.17 -2.58 4.16
C ARG A 108 20.10 -2.10 5.13
N PHE A 109 19.03 -1.53 4.58
CA PHE A 109 17.96 -1.00 5.39
C PHE A 109 17.34 -2.09 6.25
N LEU A 110 17.15 -1.82 7.56
CA LEU A 110 16.38 -2.69 8.45
C LEU A 110 15.07 -2.04 8.88
N ARG A 111 15.16 -0.90 9.57
CA ARG A 111 13.98 -0.19 10.00
C ARG A 111 14.21 1.31 9.84
N GLY A 112 13.10 2.07 9.78
CA GLY A 112 13.13 3.51 9.87
C GLY A 112 12.14 4.06 10.90
N TYR A 113 12.29 5.33 11.25
CA TYR A 113 11.51 5.95 12.32
C TYR A 113 11.18 7.41 11.95
N HIS A 114 9.97 7.82 12.35
CA HIS A 114 9.52 9.20 12.35
C HIS A 114 8.44 9.35 13.43
N GLN A 115 8.72 10.16 14.45
CA GLN A 115 7.81 10.19 15.59
C GLN A 115 7.83 11.52 16.31
N TYR A 116 6.66 11.87 16.83
CA TYR A 116 6.44 13.14 17.48
C TYR A 116 5.91 12.95 18.90
N ALA A 117 6.28 13.89 19.77
CA ALA A 117 5.80 13.93 21.13
C ALA A 117 5.47 15.37 21.53
N TYR A 118 4.43 15.54 22.33
CA TYR A 118 4.04 16.84 22.83
C TYR A 118 3.92 16.77 24.34
N ASP A 119 4.79 17.50 25.05
CA ASP A 119 4.79 17.57 26.50
C ASP A 119 5.00 16.19 27.12
N GLY A 120 5.95 15.41 26.58
CA GLY A 120 6.40 14.19 27.22
C GLY A 120 5.48 12.99 27.00
N LYS A 121 4.49 13.13 26.09
CA LYS A 121 3.64 12.02 25.68
C LYS A 121 3.76 11.88 24.17
N ASP A 122 3.48 10.66 23.67
CA ASP A 122 3.37 10.42 22.25
C ASP A 122 2.31 11.33 21.62
N TYR A 123 2.54 11.67 20.34
CA TYR A 123 1.59 12.49 19.60
C TYR A 123 1.24 11.74 18.33
N ILE A 124 2.20 11.63 17.41
CA ILE A 124 1.96 10.86 16.21
C ILE A 124 3.28 10.24 15.80
N ALA A 125 3.17 9.08 15.16
CA ALA A 125 4.35 8.35 14.75
C ALA A 125 4.02 7.46 13.57
N LEU A 126 5.05 7.15 12.83
CA LEU A 126 4.90 6.36 11.64
C LEU A 126 5.14 4.92 12.03
N LYS A 127 4.22 4.03 11.67
CA LYS A 127 4.31 2.61 11.99
C LYS A 127 5.56 2.03 11.35
N GLU A 128 5.89 0.78 11.64
CA GLU A 128 7.17 0.20 11.27
C GLU A 128 7.27 0.03 9.75
N ASP A 129 6.12 -0.20 9.08
CA ASP A 129 6.06 -0.44 7.64
C ASP A 129 6.16 0.88 6.85
N LEU A 130 6.13 2.00 7.59
CA LEU A 130 6.26 3.34 7.04
C LEU A 130 5.19 3.59 6.00
N ARG A 131 4.04 2.91 6.09
CA ARG A 131 2.95 3.15 5.16
C ARG A 131 1.75 3.81 5.82
N SER A 132 1.77 3.99 7.16
CA SER A 132 0.60 4.45 7.90
C SER A 132 1.02 5.02 9.26
N TRP A 133 0.08 5.77 9.86
CA TRP A 133 0.38 6.54 11.05
C TRP A 133 -0.33 5.99 12.28
N THR A 134 0.27 6.20 13.46
CA THR A 134 -0.38 5.89 14.73
C THR A 134 -0.66 7.20 15.44
N ALA A 135 -1.95 7.47 15.65
CA ALA A 135 -2.38 8.66 16.34
C ALA A 135 -2.62 8.33 17.81
N ALA A 136 -1.84 8.96 18.68
CA ALA A 136 -1.85 8.62 20.10
C ALA A 136 -3.22 8.89 20.74
N ASP A 137 -3.95 9.90 20.25
CA ASP A 137 -5.20 10.32 20.87
C ASP A 137 -6.17 10.84 19.81
N MET A 138 -7.12 11.70 20.22
CA MET A 138 -8.10 12.31 19.33
C MET A 138 -7.47 13.48 18.58
N ALA A 139 -6.78 14.32 19.34
CA ALA A 139 -6.12 15.47 18.76
C ALA A 139 -5.28 15.06 17.54
N ALA A 140 -4.37 14.08 17.70
CA ALA A 140 -3.43 13.74 16.64
C ALA A 140 -4.12 12.99 15.49
N GLN A 141 -5.36 12.57 15.70
CA GLN A 141 -6.16 12.03 14.61
C GLN A 141 -6.24 13.08 13.50
N THR A 142 -6.29 14.37 13.87
CA THR A 142 -6.41 15.47 12.93
C THR A 142 -5.15 15.55 12.05
N THR A 143 -3.96 15.43 12.66
CA THR A 143 -2.71 15.41 11.91
C THR A 143 -2.67 14.18 11.01
N LYS A 144 -3.21 13.06 11.47
CA LYS A 144 -3.21 11.86 10.66
C LYS A 144 -4.00 12.12 9.38
N HIS A 145 -5.29 12.45 9.51
CA HIS A 145 -6.15 12.72 8.36
C HIS A 145 -5.47 13.64 7.35
N LYS A 146 -4.70 14.63 7.82
CA LYS A 146 -4.07 15.59 6.93
C LYS A 146 -2.93 14.90 6.19
N TRP A 147 -2.00 14.29 6.91
CA TRP A 147 -0.81 13.73 6.30
C TRP A 147 -1.14 12.52 5.43
N GLU A 148 -2.34 11.99 5.56
CA GLU A 148 -2.78 10.92 4.68
C GLU A 148 -3.11 11.53 3.32
N ALA A 149 -3.98 12.53 3.31
CA ALA A 149 -4.36 13.19 2.08
C ALA A 149 -3.15 13.72 1.32
N ALA A 150 -2.13 14.18 2.07
CA ALA A 150 -0.94 14.83 1.53
C ALA A 150 0.22 13.85 1.26
N HIS A 151 -0.09 12.55 1.26
CA HIS A 151 0.81 11.49 0.84
C HIS A 151 2.19 11.62 1.48
N VAL A 152 2.21 11.97 2.76
CA VAL A 152 3.46 12.21 3.47
C VAL A 152 4.22 10.90 3.68
N ALA A 153 3.45 9.82 3.89
CA ALA A 153 4.07 8.56 4.24
C ALA A 153 5.03 8.13 3.13
N GLU A 154 4.48 8.08 1.90
CA GLU A 154 5.22 7.69 0.71
C GLU A 154 6.57 8.42 0.68
N GLN A 155 6.54 9.73 0.90
CA GLN A 155 7.77 10.53 0.74
C GLN A 155 8.75 10.22 1.88
N LEU A 156 8.31 10.40 3.11
CA LEU A 156 9.20 10.15 4.26
C LEU A 156 9.79 8.74 4.10
N ARG A 157 9.00 7.81 3.60
CA ARG A 157 9.49 6.44 3.47
C ARG A 157 10.74 6.46 2.61
N ALA A 158 10.60 7.08 1.44
CA ALA A 158 11.67 7.07 0.47
C ALA A 158 12.95 7.66 1.07
N TYR A 159 12.79 8.67 1.97
CA TYR A 159 13.93 9.24 2.65
C TYR A 159 14.61 8.20 3.52
N LEU A 160 13.79 7.52 4.34
CA LEU A 160 14.29 6.65 5.39
C LEU A 160 14.89 5.36 4.82
N GLU A 161 14.25 4.77 3.82
CA GLU A 161 14.78 3.56 3.20
C GLU A 161 15.96 3.89 2.29
N GLY A 162 15.93 5.09 1.69
CA GLY A 162 16.90 5.47 0.67
C GLY A 162 17.97 6.40 1.22
N THR A 163 17.64 7.69 1.24
CA THR A 163 18.59 8.75 1.49
C THR A 163 19.31 8.48 2.80
N CYS A 164 18.49 8.33 3.85
CA CYS A 164 18.98 8.20 5.21
C CYS A 164 20.11 7.17 5.28
N VAL A 165 19.86 6.01 4.67
CA VAL A 165 20.80 4.90 4.65
C VAL A 165 22.11 5.31 3.97
N GLU A 166 22.01 5.89 2.79
CA GLU A 166 23.24 6.21 2.01
C GLU A 166 24.13 7.12 2.83
N TRP A 167 23.53 8.09 3.53
CA TRP A 167 24.35 9.06 4.28
C TRP A 167 25.04 8.36 5.42
N LEU A 168 24.32 7.46 6.09
CA LEU A 168 24.95 6.66 7.16
C LEU A 168 26.19 5.96 6.57
N ARG A 169 25.98 5.21 5.49
CA ARG A 169 27.11 4.44 4.91
C ARG A 169 28.28 5.42 4.72
N ARG A 170 28.00 6.58 4.15
CA ARG A 170 29.08 7.56 3.88
C ARG A 170 29.73 7.94 5.21
N TYR A 171 28.91 8.40 6.15
CA TYR A 171 29.46 8.85 7.46
C TYR A 171 30.32 7.75 8.03
N LEU A 172 29.86 6.50 7.91
CA LEU A 172 30.60 5.36 8.48
C LEU A 172 31.98 5.27 7.84
N GLU A 173 32.02 5.24 6.52
CA GLU A 173 33.33 5.18 5.81
C GLU A 173 34.17 6.38 6.23
N ASN A 174 33.62 7.59 6.16
CA ASN A 174 34.42 8.80 6.45
C ASN A 174 34.93 8.76 7.89
N GLY A 175 34.15 8.18 8.81
CA GLY A 175 34.56 8.12 10.22
C GLY A 175 35.02 6.72 10.60
N LYS A 176 35.34 5.90 9.61
CA LYS A 176 35.77 4.50 9.86
C LYS A 176 36.64 4.42 11.11
N GLU A 177 37.66 5.27 11.23
CA GLU A 177 38.63 5.14 12.35
C GLU A 177 38.02 5.57 13.70
N THR A 178 36.70 5.72 13.78
CA THR A 178 36.06 6.07 15.06
C THR A 178 34.76 5.31 15.17
N LEU A 179 33.83 5.57 14.26
CA LEU A 179 32.48 4.95 14.35
C LEU A 179 32.56 3.43 14.17
N GLN A 180 33.50 2.94 13.36
CA GLN A 180 33.53 1.48 13.07
C GLN A 180 34.48 0.77 14.03
N ARG A 181 34.88 1.44 15.12
CA ARG A 181 35.80 0.83 16.11
C ARG A 181 34.99 0.04 17.15
N THR A 182 35.59 -0.99 17.73
CA THR A 182 34.93 -1.75 18.81
C THR A 182 35.83 -1.70 20.02
N ASP A 183 35.51 -0.84 20.98
CA ASP A 183 36.29 -0.69 22.19
C ASP A 183 35.79 -1.63 23.29
N ALA A 184 36.51 -2.74 23.52
CA ALA A 184 36.10 -3.78 24.47
C ALA A 184 36.24 -3.21 25.88
N PRO A 185 35.34 -3.57 26.81
CA PRO A 185 35.36 -2.98 28.15
C PRO A 185 36.55 -3.44 28.96
N LYS A 186 37.14 -2.52 29.73
CA LYS A 186 38.08 -2.86 30.79
C LYS A 186 37.27 -3.21 32.04
N THR A 187 37.55 -4.41 32.61
CA THR A 187 36.70 -5.01 33.65
C THR A 187 37.49 -5.33 34.90
N HIS A 188 36.91 -4.98 36.05
CA HIS A 188 37.45 -5.34 37.35
C HIS A 188 36.27 -5.62 38.30
N MET A 189 36.55 -6.22 39.48
CA MET A 189 35.54 -6.38 40.53
C MET A 189 36.08 -5.83 41.86
N THR A 190 35.20 -5.21 42.67
CA THR A 190 35.57 -4.73 44.00
C THR A 190 34.71 -5.35 45.10
N HIS A 191 35.27 -5.39 46.32
CA HIS A 191 34.68 -6.01 47.49
C HIS A 191 34.64 -4.99 48.64
N HIS A 192 33.45 -4.66 49.14
CA HIS A 192 33.29 -3.75 50.27
C HIS A 192 32.33 -4.37 51.29
N ALA A 193 32.79 -4.53 52.53
CA ALA A 193 32.02 -5.20 53.57
C ALA A 193 31.13 -4.21 54.32
N VAL A 194 29.80 -4.35 54.22
CA VAL A 194 28.84 -3.57 54.99
C VAL A 194 28.77 -4.05 56.45
N SER A 195 28.86 -5.37 56.69
CA SER A 195 28.84 -5.87 58.05
C SER A 195 29.74 -7.10 58.18
N ASP A 196 29.78 -7.67 59.39
CA ASP A 196 30.37 -8.97 59.61
C ASP A 196 29.54 -10.01 58.86
N HIS A 197 28.31 -9.65 58.47
CA HIS A 197 27.36 -10.55 57.81
C HIS A 197 27.46 -10.43 56.29
N GLU A 198 26.83 -9.40 55.72
CA GLU A 198 26.75 -9.25 54.27
C GLU A 198 28.01 -8.55 53.77
N ALA A 199 28.21 -8.54 52.44
CA ALA A 199 29.28 -7.83 51.74
C ALA A 199 28.86 -7.56 50.29
N THR A 200 29.29 -6.43 49.70
CA THR A 200 28.93 -6.08 48.32
C THR A 200 30.05 -6.41 47.34
N LEU A 201 29.73 -7.17 46.29
CA LEU A 201 30.59 -7.38 45.13
C LEU A 201 30.13 -6.48 43.99
N ARG A 202 31.04 -5.62 43.47
CA ARG A 202 30.70 -4.69 42.39
C ARG A 202 31.51 -4.98 41.14
N CYS A 203 30.80 -5.22 40.03
CA CYS A 203 31.43 -5.61 38.78
C CYS A 203 31.39 -4.45 37.79
N TRP A 204 32.59 -4.03 37.34
CA TRP A 204 32.79 -2.81 36.57
C TRP A 204 33.11 -3.11 35.09
N ALA A 205 32.58 -2.25 34.23
CA ALA A 205 32.93 -2.21 32.80
C ALA A 205 33.17 -0.75 32.38
N LEU A 206 34.43 -0.47 32.05
CA LEU A 206 34.79 0.93 31.77
C LEU A 206 35.44 1.07 30.40
N SER A 207 35.37 2.26 29.82
CA SER A 207 35.97 2.61 28.55
C SER A 207 35.52 1.71 27.40
N PHE A 208 34.20 1.59 27.19
CA PHE A 208 33.69 0.75 26.10
C PHE A 208 32.86 1.58 25.12
N TYR A 209 32.92 1.16 23.84
CA TYR A 209 32.08 1.77 22.78
C TYR A 209 31.84 0.64 21.81
N PRO A 210 30.59 0.38 21.34
CA PRO A 210 29.43 1.21 21.71
C PRO A 210 28.91 0.95 23.12
N ALA A 211 27.75 1.56 23.47
CA ALA A 211 27.22 1.58 24.83
C ALA A 211 26.40 0.32 25.14
N GLU A 212 25.89 -0.31 24.08
CA GLU A 212 25.22 -1.61 24.20
C GLU A 212 26.18 -2.58 24.86
N ILE A 213 25.81 -2.98 26.09
CA ILE A 213 26.50 -3.99 26.90
C ILE A 213 25.46 -4.79 27.65
N THR A 214 25.85 -5.93 28.24
CA THR A 214 25.04 -6.62 29.24
C THR A 214 25.94 -7.11 30.37
N LEU A 215 25.57 -6.77 31.62
CA LEU A 215 26.19 -7.34 32.81
C LEU A 215 25.17 -8.14 33.62
N THR A 216 25.42 -9.42 33.88
CA THR A 216 24.53 -10.18 34.74
C THR A 216 25.36 -10.92 35.78
N TRP A 217 24.76 -11.09 36.96
CA TRP A 217 25.35 -11.87 38.02
C TRP A 217 24.79 -13.29 38.01
N GLN A 218 25.66 -14.28 38.21
CA GLN A 218 25.21 -15.70 38.18
C GLN A 218 25.67 -16.40 39.46
N ARG A 219 24.71 -16.84 40.29
CA ARG A 219 25.07 -17.61 41.51
C ARG A 219 25.20 -19.09 41.12
N ASP A 220 26.35 -19.69 41.43
CA ASP A 220 26.57 -21.11 41.07
C ASP A 220 26.10 -21.33 39.64
N GLY A 221 26.41 -20.39 38.75
CA GLY A 221 26.08 -20.57 37.35
C GLY A 221 24.58 -20.54 37.06
N GLU A 222 23.77 -19.97 37.96
CA GLU A 222 22.35 -19.73 37.73
C GLU A 222 22.04 -18.23 37.88
N ASP A 223 21.26 -17.69 36.94
CA ASP A 223 21.02 -16.26 36.89
C ASP A 223 20.47 -15.77 38.23
N GLN A 224 21.31 -15.03 38.97
CA GLN A 224 20.93 -14.42 40.22
C GLN A 224 20.54 -12.98 39.94
N THR A 225 19.31 -12.65 40.32
CA THR A 225 18.65 -11.46 39.83
C THR A 225 18.24 -10.59 41.02
N GLN A 226 18.30 -11.14 42.23
CA GLN A 226 17.43 -10.72 43.31
C GLN A 226 18.09 -9.64 44.17
N ASP A 227 19.27 -9.92 44.73
CA ASP A 227 19.87 -8.95 45.62
C ASP A 227 20.87 -8.11 44.86
N THR A 228 20.35 -7.34 43.89
CA THR A 228 21.11 -6.90 42.73
C THR A 228 20.84 -5.42 42.53
N GLU A 229 21.90 -4.69 42.14
CA GLU A 229 21.79 -3.28 41.73
C GLU A 229 22.55 -3.09 40.41
N LEU A 230 21.92 -2.38 39.47
CA LEU A 230 22.46 -2.20 38.13
C LEU A 230 22.27 -0.74 37.71
N VAL A 231 23.35 0.06 37.69
CA VAL A 231 23.21 1.46 37.27
C VAL A 231 23.01 1.55 35.74
N GLU A 232 22.24 2.59 35.34
CA GLU A 232 22.06 3.03 33.96
C GLU A 232 23.43 3.18 33.28
N THR A 233 23.58 2.66 32.04
CA THR A 233 24.82 2.86 31.30
C THR A 233 25.07 4.35 31.16
N ARG A 234 26.29 4.81 31.44
CA ARG A 234 26.53 6.24 31.49
C ARG A 234 27.74 6.61 30.62
N PRO A 235 27.76 7.83 30.05
CA PRO A 235 28.87 8.28 29.21
C PRO A 235 30.06 8.80 30.01
N ALA A 236 31.26 8.45 29.56
CA ALA A 236 32.48 8.66 30.34
C ALA A 236 33.01 10.08 30.13
N GLY A 237 32.61 10.70 29.01
CA GLY A 237 33.00 12.07 28.70
C GLY A 237 33.92 12.10 27.47
N ASP A 238 34.70 11.04 27.28
CA ASP A 238 35.64 10.95 26.17
C ASP A 238 35.14 9.99 25.08
N GLY A 239 33.81 9.80 24.94
CA GLY A 239 33.24 9.05 23.84
C GLY A 239 33.09 7.55 24.14
N THR A 240 33.54 7.11 25.33
CA THR A 240 33.36 5.74 25.81
C THR A 240 32.26 5.71 26.87
N PHE A 241 31.91 4.51 27.34
CA PHE A 241 30.83 4.35 28.31
C PHE A 241 31.26 3.61 29.57
N GLN A 242 30.37 3.65 30.57
CA GLN A 242 30.60 3.00 31.85
C GLN A 242 29.33 2.31 32.32
N LYS A 243 29.49 1.15 32.99
CA LYS A 243 28.40 0.47 33.69
C LYS A 243 28.98 -0.37 34.83
N TRP A 244 28.17 -0.59 35.87
CA TRP A 244 28.52 -1.60 36.86
C TRP A 244 27.28 -2.30 37.38
N ALA A 245 27.52 -3.53 37.85
CA ALA A 245 26.51 -4.38 38.48
C ALA A 245 26.98 -4.79 39.87
N ALA A 246 26.04 -4.89 40.80
CA ALA A 246 26.36 -5.20 42.19
C ALA A 246 25.49 -6.34 42.74
N VAL A 247 26.07 -7.11 43.68
CA VAL A 247 25.36 -8.11 44.45
C VAL A 247 25.83 -8.01 45.89
N VAL A 248 24.87 -7.92 46.80
CA VAL A 248 25.15 -8.06 48.20
C VAL A 248 25.06 -9.54 48.55
N VAL A 249 25.96 -10.00 49.41
CA VAL A 249 26.27 -11.41 49.49
C VAL A 249 26.54 -11.82 50.94
N PRO A 250 25.97 -12.95 51.37
CA PRO A 250 26.43 -13.61 52.59
C PRO A 250 27.93 -13.92 52.61
N SER A 251 28.63 -13.37 53.61
CA SER A 251 30.09 -13.43 53.61
C SER A 251 30.55 -14.87 53.83
N GLY A 252 31.62 -15.28 53.13
CA GLY A 252 32.02 -16.66 53.06
C GLY A 252 31.54 -17.32 51.78
N GLN A 253 30.52 -16.71 51.17
CA GLN A 253 29.96 -17.28 49.92
C GLN A 253 30.33 -16.37 48.75
N GLU A 254 31.47 -15.67 48.86
CA GLU A 254 31.86 -14.71 47.81
C GLU A 254 32.14 -15.43 46.49
N GLN A 255 32.90 -16.52 46.51
CA GLN A 255 33.28 -17.17 45.22
C GLN A 255 32.12 -17.99 44.65
N ARG A 256 30.91 -17.80 45.18
CA ARG A 256 29.73 -18.51 44.63
C ARG A 256 29.11 -17.66 43.52
N TYR A 257 29.55 -16.41 43.40
CA TYR A 257 28.94 -15.49 42.41
C TYR A 257 29.93 -15.18 41.29
N THR A 258 29.44 -15.05 40.06
CA THR A 258 30.32 -14.71 38.91
C THR A 258 29.68 -13.60 38.11
N CYS A 259 30.47 -12.62 37.64
CA CYS A 259 29.93 -11.59 36.77
C CYS A 259 30.17 -11.93 35.29
N HIS A 260 29.11 -11.80 34.48
CA HIS A 260 29.14 -12.13 33.06
C HIS A 260 28.95 -10.87 32.20
N VAL A 261 29.89 -10.65 31.27
CA VAL A 261 30.02 -9.41 30.51
C VAL A 261 29.99 -9.74 29.02
N GLN A 262 28.99 -9.20 28.33
CA GLN A 262 28.83 -9.39 26.89
C GLN A 262 28.91 -8.04 26.20
N HIS A 263 29.80 -7.95 25.22
CA HIS A 263 30.03 -6.71 24.51
C HIS A 263 30.68 -7.02 23.17
N GLU A 264 30.39 -6.19 22.16
CA GLU A 264 30.68 -6.58 20.80
C GLU A 264 32.19 -6.67 20.55
N GLY A 265 32.99 -6.05 21.41
CA GLY A 265 34.43 -6.00 21.20
C GLY A 265 35.17 -7.24 21.71
N LEU A 266 34.46 -8.05 22.49
CA LEU A 266 35.06 -9.24 23.07
C LEU A 266 34.87 -10.42 22.11
N PRO A 267 35.92 -11.16 21.72
CA PRO A 267 35.72 -12.40 20.96
C PRO A 267 34.72 -13.32 21.66
N LYS A 268 35.01 -13.70 22.91
CA LYS A 268 34.10 -14.49 23.73
C LYS A 268 33.67 -13.66 24.94
N PRO A 269 32.52 -13.97 25.57
CA PRO A 269 32.10 -13.28 26.78
C PRO A 269 33.08 -13.55 27.92
N LEU A 270 33.04 -12.67 28.94
CA LEU A 270 33.99 -12.68 30.04
C LEU A 270 33.32 -13.19 31.31
N THR A 271 34.07 -13.93 32.13
CA THR A 271 33.57 -14.39 33.41
C THR A 271 34.55 -13.96 34.52
N LEU A 272 34.04 -13.21 35.49
CA LEU A 272 34.89 -12.61 36.50
C LEU A 272 34.44 -13.06 37.88
N ARG A 273 35.41 -13.36 38.75
CA ARG A 273 35.14 -13.98 40.04
C ARG A 273 36.08 -13.38 41.08
N TRP A 274 35.55 -12.92 42.22
CA TRP A 274 36.35 -12.19 43.19
C TRP A 274 37.61 -12.95 43.59
N GLU A 275 38.78 -12.33 43.38
CA GLU A 275 40.08 -12.89 43.78
C GLU A 275 40.67 -12.03 44.88
N PRO A 276 40.90 -12.58 46.09
CA PRO A 276 41.42 -11.82 47.22
C PRO A 276 42.90 -11.45 47.08
N MET B 1 -0.03 16.06 30.13
CA MET B 1 1.33 16.64 30.34
C MET B 1 2.06 15.86 31.42
N ILE B 2 3.15 15.22 31.01
CA ILE B 2 3.84 14.21 31.78
C ILE B 2 5.19 14.73 32.25
N GLN B 3 5.39 14.78 33.57
CA GLN B 3 6.69 15.08 34.15
C GLN B 3 7.33 13.81 34.69
N ARG B 4 8.65 13.81 34.64
CA ARG B 4 9.53 12.74 35.06
C ARG B 4 10.64 13.42 35.86
N THR B 5 11.22 12.73 36.82
CA THR B 5 12.17 13.36 37.72
C THR B 5 13.59 12.95 37.31
N PRO B 6 14.58 13.85 37.44
CA PRO B 6 15.94 13.52 37.03
C PRO B 6 16.51 12.35 37.83
N LYS B 7 17.19 11.45 37.13
CA LYS B 7 18.08 10.47 37.72
C LYS B 7 19.50 11.01 37.62
N ILE B 8 20.29 10.86 38.69
CA ILE B 8 21.56 11.57 38.83
C ILE B 8 22.69 10.59 39.14
N GLN B 9 23.70 10.50 38.28
CA GLN B 9 24.92 9.79 38.61
C GLN B 9 26.08 10.77 38.65
N VAL B 10 27.01 10.60 39.60
CA VAL B 10 28.13 11.50 39.83
C VAL B 10 29.39 10.65 39.93
N TYR B 11 30.27 10.74 38.92
CA TYR B 11 31.40 9.82 38.81
C TYR B 11 32.54 10.44 38.01
N SER B 12 33.73 9.82 38.05
CA SER B 12 34.88 10.29 37.28
C SER B 12 34.95 9.58 35.92
N ARG B 13 35.62 10.24 34.97
CA ARG B 13 35.77 9.64 33.62
C ARG B 13 36.76 8.50 33.72
N HIS B 14 37.84 8.74 34.45
CA HIS B 14 38.90 7.70 34.56
C HIS B 14 39.01 7.26 36.02
N PRO B 15 39.40 6.00 36.29
CA PRO B 15 39.64 5.56 37.65
C PRO B 15 40.31 6.66 38.45
N ALA B 16 39.72 7.01 39.59
CA ALA B 16 40.24 8.15 40.38
C ALA B 16 41.56 7.81 41.08
N GLU B 17 42.56 8.70 40.96
CA GLU B 17 43.84 8.53 41.69
C GLU B 17 44.14 9.88 42.32
N ASN B 18 44.51 9.92 43.61
CA ASN B 18 44.66 11.24 44.26
C ASN B 18 45.81 12.01 43.64
N GLY B 19 45.67 13.33 43.51
CA GLY B 19 46.69 14.19 42.94
C GLY B 19 46.94 13.96 41.45
N LYS B 20 45.93 13.48 40.70
CA LYS B 20 46.06 13.27 39.26
C LYS B 20 44.81 13.76 38.55
N SER B 21 45.00 14.54 37.47
CA SER B 21 43.94 15.26 36.81
C SER B 21 42.94 14.28 36.23
N ASN B 22 41.68 14.67 36.33
CA ASN B 22 40.59 13.82 35.77
C ASN B 22 39.41 14.72 35.47
N PHE B 23 38.31 14.11 35.06
CA PHE B 23 37.07 14.81 34.82
C PHE B 23 35.99 14.31 35.76
N LEU B 24 35.40 15.23 36.52
CA LEU B 24 34.22 14.97 37.34
C LEU B 24 33.00 15.11 36.44
N ASN B 25 32.14 14.09 36.42
CA ASN B 25 30.95 14.06 35.60
C ASN B 25 29.73 14.17 36.49
N CYS B 26 28.61 14.56 35.91
CA CYS B 26 27.31 14.40 36.55
C CYS B 26 26.28 14.22 35.45
N TYR B 27 25.80 13.00 35.28
CA TYR B 27 24.90 12.68 34.18
C TYR B 27 23.46 12.70 34.72
N VAL B 28 22.63 13.63 34.22
CA VAL B 28 21.23 13.65 34.60
C VAL B 28 20.42 13.11 33.43
N SER B 29 19.33 12.39 33.72
CA SER B 29 18.70 11.51 32.73
C SER B 29 17.26 11.23 33.10
N GLY B 30 16.46 10.78 32.12
CA GLY B 30 15.08 10.40 32.37
C GLY B 30 14.17 11.53 32.88
N PHE B 31 14.49 12.80 32.58
CA PHE B 31 13.68 13.89 33.09
C PHE B 31 12.80 14.49 32.00
N HIS B 32 11.76 15.20 32.43
CA HIS B 32 10.83 15.89 31.56
C HIS B 32 10.04 16.89 32.42
N PRO B 33 9.86 18.17 32.03
CA PRO B 33 10.47 18.75 30.83
C PRO B 33 11.99 19.01 30.91
N SER B 34 12.53 19.77 29.95
CA SER B 34 13.97 19.90 29.74
C SER B 34 14.59 20.89 30.72
N ASP B 35 13.83 21.87 31.22
CA ASP B 35 14.36 22.91 32.09
C ASP B 35 14.99 22.28 33.33
N ILE B 36 16.32 22.35 33.44
CA ILE B 36 17.01 21.73 34.55
C ILE B 36 18.16 22.64 34.99
N GLU B 37 18.38 22.73 36.31
CA GLU B 37 19.52 23.43 36.87
C GLU B 37 20.51 22.38 37.38
N VAL B 38 21.77 22.47 36.98
CA VAL B 38 22.79 21.53 37.41
C VAL B 38 24.02 22.33 37.83
N ASP B 39 24.65 21.90 38.91
CA ASP B 39 25.82 22.58 39.43
C ASP B 39 26.69 21.54 40.11
N LEU B 40 27.90 21.34 39.62
CA LEU B 40 28.89 20.58 40.34
C LEU B 40 29.42 21.41 41.53
N LEU B 41 29.57 20.77 42.70
CA LEU B 41 30.04 21.43 43.90
C LEU B 41 31.43 20.93 44.27
N LYS B 42 32.23 21.82 44.87
CA LYS B 42 33.47 21.43 45.51
C LYS B 42 33.45 22.01 46.93
N ASN B 43 33.30 21.11 47.92
CA ASN B 43 33.20 21.45 49.32
C ASN B 43 31.99 22.34 49.56
N GLY B 44 30.94 22.15 48.75
CA GLY B 44 29.66 22.83 48.94
C GLY B 44 29.66 24.24 48.38
N GLU B 45 30.14 24.38 47.15
CA GLU B 45 30.35 25.68 46.54
C GLU B 45 30.39 25.46 45.02
N ARG B 46 29.68 26.31 44.27
CA ARG B 46 29.54 26.15 42.83
C ARG B 46 30.92 26.22 42.15
N ILE B 47 31.20 25.29 41.22
CA ILE B 47 32.40 25.32 40.39
C ILE B 47 32.05 26.06 39.11
N GLU B 48 32.88 27.05 38.74
CA GLU B 48 32.55 27.94 37.63
C GLU B 48 32.64 27.22 36.30
N LYS B 49 33.79 26.59 36.04
CA LYS B 49 34.22 26.14 34.73
C LYS B 49 33.52 24.85 34.27
N VAL B 50 32.19 24.83 34.26
CA VAL B 50 31.43 23.60 34.05
C VAL B 50 30.75 23.67 32.70
N GLU B 51 31.08 22.73 31.81
CA GLU B 51 30.50 22.63 30.50
C GLU B 51 29.43 21.55 30.50
N HIS B 52 28.71 21.37 29.39
CA HIS B 52 27.65 20.38 29.35
C HIS B 52 27.25 20.03 27.93
N SER B 53 26.84 18.77 27.73
CA SER B 53 26.48 18.22 26.44
C SER B 53 25.24 18.93 25.90
N ASP B 54 24.94 18.67 24.63
CA ASP B 54 23.76 19.20 23.98
C ASP B 54 22.52 18.39 24.33
N LEU B 55 21.39 19.05 24.52
CA LEU B 55 20.16 18.35 24.86
C LEU B 55 19.76 17.33 23.80
N SER B 56 19.81 16.06 24.21
CA SER B 56 19.19 14.96 23.49
C SER B 56 18.16 14.27 24.38
N PHE B 57 17.51 13.23 23.85
CA PHE B 57 16.59 12.42 24.65
C PHE B 57 16.55 10.95 24.22
N SER B 58 15.85 10.16 25.03
CA SER B 58 15.76 8.70 24.91
C SER B 58 14.45 8.32 24.26
N LYS B 59 14.21 7.01 24.11
CA LYS B 59 13.13 6.50 23.30
C LYS B 59 11.79 6.81 23.95
N ASP B 60 11.82 7.16 25.24
CA ASP B 60 10.61 7.46 26.01
C ASP B 60 10.38 8.98 26.10
N TRP B 61 11.22 9.76 25.39
CA TRP B 61 11.12 11.20 25.25
C TRP B 61 11.78 11.95 26.41
N SER B 62 12.52 11.25 27.25
CA SER B 62 13.05 11.88 28.44
C SER B 62 14.46 12.36 28.14
N PHE B 63 14.87 13.44 28.80
CA PHE B 63 16.07 14.16 28.41
C PHE B 63 17.28 13.61 29.16
N TYR B 64 18.46 13.69 28.54
CA TYR B 64 19.70 13.37 29.21
C TYR B 64 20.79 14.38 28.88
N LEU B 65 21.55 14.73 29.91
CA LEU B 65 22.60 15.72 29.82
C LEU B 65 23.79 15.26 30.66
N LEU B 66 24.99 15.49 30.15
CA LEU B 66 26.21 15.29 30.92
C LEU B 66 26.79 16.65 31.25
N TYR B 67 27.01 16.93 32.52
CA TYR B 67 27.81 18.06 32.95
C TYR B 67 29.17 17.53 33.38
N TYR B 68 30.24 18.25 33.07
CA TYR B 68 31.57 17.79 33.36
C TYR B 68 32.47 18.99 33.62
N THR B 69 33.49 18.80 34.45
CA THR B 69 34.53 19.80 34.67
C THR B 69 35.88 19.09 34.78
N GLU B 70 36.95 19.86 34.67
CA GLU B 70 38.26 19.31 34.95
C GLU B 70 38.46 19.38 36.46
N PHE B 71 39.12 18.38 37.03
CA PHE B 71 39.46 18.45 38.44
C PHE B 71 40.56 17.46 38.79
N THR B 72 41.17 17.75 39.95
CA THR B 72 42.17 16.89 40.57
C THR B 72 41.66 16.43 41.94
N PRO B 73 41.28 15.14 42.08
CA PRO B 73 40.74 14.64 43.34
C PRO B 73 41.87 14.60 44.35
N THR B 74 41.50 14.69 45.62
CA THR B 74 42.49 14.60 46.70
C THR B 74 42.04 13.52 47.63
N GLU B 75 42.35 13.65 48.91
CA GLU B 75 41.88 12.67 49.92
C GLU B 75 41.03 13.44 50.93
N LYS B 76 40.77 14.71 50.65
CA LYS B 76 40.05 15.53 51.66
C LYS B 76 38.97 16.36 50.97
N ASP B 77 39.03 16.46 49.65
CA ASP B 77 38.08 17.34 48.94
C ASP B 77 36.84 16.53 48.57
N GLU B 78 35.67 17.02 48.93
CA GLU B 78 34.41 16.35 48.58
C GLU B 78 33.73 17.09 47.43
N TYR B 79 33.40 16.35 46.37
CA TYR B 79 32.62 16.89 45.28
C TYR B 79 31.21 16.33 45.42
N ALA B 80 30.23 17.07 44.91
CA ALA B 80 28.86 16.61 44.82
C ALA B 80 28.25 17.14 43.53
N CYS B 81 26.95 16.88 43.34
CA CYS B 81 26.18 17.42 42.22
C CYS B 81 24.80 17.85 42.68
N ARG B 82 24.46 19.12 42.50
CA ARG B 82 23.18 19.66 42.93
C ARG B 82 22.30 19.90 41.70
N VAL B 83 21.14 19.22 41.63
CA VAL B 83 20.25 19.44 40.51
C VAL B 83 18.89 19.89 41.03
N ASN B 84 18.26 20.82 40.29
CA ASN B 84 16.92 21.31 40.59
C ASN B 84 16.04 21.07 39.37
N HIS B 85 14.73 20.96 39.61
CA HIS B 85 13.75 20.65 38.59
C HIS B 85 12.37 20.93 39.20
N VAL B 86 11.32 20.89 38.37
CA VAL B 86 9.99 21.24 38.84
C VAL B 86 9.46 20.05 39.65
N THR B 87 10.00 18.86 39.38
CA THR B 87 9.49 17.66 40.01
C THR B 87 10.09 17.52 41.41
N LEU B 88 11.16 18.28 41.71
CA LEU B 88 11.80 18.28 43.02
C LEU B 88 11.36 19.54 43.75
N SER B 89 10.80 19.38 44.96
CA SER B 89 10.35 20.51 45.75
C SER B 89 11.56 21.27 46.31
N GLN B 90 12.71 20.59 46.42
CA GLN B 90 13.94 21.28 46.80
C GLN B 90 15.11 20.67 46.04
N PRO B 91 16.25 21.40 45.93
CA PRO B 91 17.42 20.92 45.20
C PRO B 91 17.85 19.54 45.71
N LYS B 92 18.15 18.61 44.81
CA LYS B 92 18.62 17.29 45.20
C LYS B 92 20.12 17.19 44.99
N ILE B 93 20.88 17.07 46.08
CA ILE B 93 22.33 16.96 46.06
C ILE B 93 22.73 15.49 46.15
N VAL B 94 23.81 15.12 45.43
CA VAL B 94 24.24 13.74 45.30
C VAL B 94 25.77 13.67 45.34
N LYS B 95 26.34 13.20 46.45
CA LYS B 95 27.79 13.24 46.63
C LYS B 95 28.50 12.33 45.63
N TRP B 96 29.71 12.73 45.28
CA TRP B 96 30.55 11.90 44.43
C TRP B 96 31.10 10.78 45.28
N ASP B 97 30.93 9.54 44.85
CA ASP B 97 31.49 8.41 45.58
C ASP B 97 32.30 7.62 44.57
N ARG B 98 33.62 7.49 44.84
CA ARG B 98 34.54 7.07 43.79
C ARG B 98 34.43 5.57 43.53
N ASP B 99 33.62 4.86 44.33
CA ASP B 99 33.40 3.43 44.14
C ASP B 99 32.04 3.19 43.48
N MET B 100 31.56 4.17 42.69
CA MET B 100 30.18 4.24 42.26
C MET B 100 30.00 5.06 40.97
N SER C 1 22.51 13.34 6.63
CA SER C 1 21.88 14.62 6.25
C SER C 1 20.44 14.65 6.73
N LEU C 2 19.98 15.82 7.21
CA LEU C 2 18.59 16.03 7.52
C LEU C 2 17.73 15.68 6.33
N SER C 3 16.41 15.63 6.54
CA SER C 3 15.47 15.38 5.42
C SER C 3 15.00 16.72 4.82
N ASN C 4 14.46 16.67 3.61
CA ASN C 4 14.01 17.90 2.91
C ASN C 4 12.50 18.01 3.07
N ARG C 5 11.88 16.98 3.64
CA ARG C 5 10.40 16.98 3.75
C ARG C 5 10.01 17.42 5.16
N LEU C 6 9.20 18.49 5.26
CA LEU C 6 8.74 18.98 6.58
C LEU C 6 7.26 19.35 6.45
N TYR C 7 6.41 18.77 7.31
CA TYR C 7 4.95 19.01 7.23
C TYR C 7 4.43 19.48 8.59
N TYR C 8 3.50 20.42 8.61
CA TYR C 8 2.96 20.98 9.83
C TYR C 8 1.85 20.05 10.37
N LEU C 9 1.48 20.15 11.65
CA LEU C 9 0.76 19.06 12.29
C LEU C 9 -0.73 19.18 12.03
N LYS D 4 21.98 17.00 -9.54
CA LYS D 4 22.32 17.62 -10.82
C LYS D 4 21.47 17.05 -11.95
N THR D 5 20.85 17.97 -12.71
CA THR D 5 20.31 17.72 -14.02
C THR D 5 21.34 18.09 -15.06
N THR D 6 21.29 17.40 -16.21
CA THR D 6 22.12 17.69 -17.36
C THR D 6 21.23 17.63 -18.60
N GLN D 7 21.36 18.64 -19.48
CA GLN D 7 20.45 18.81 -20.61
C GLN D 7 21.17 19.52 -21.77
N PRO D 8 20.72 19.31 -23.04
CA PRO D 8 21.33 20.00 -24.17
C PRO D 8 21.18 21.52 -24.05
N ILE D 9 22.19 22.20 -24.58
CA ILE D 9 22.35 23.64 -24.42
C ILE D 9 21.32 24.35 -25.30
N SER D 10 21.10 23.76 -26.48
CA SER D 10 20.20 24.29 -27.50
C SER D 10 19.46 23.18 -28.22
N MET D 11 18.34 23.52 -28.86
CA MET D 11 17.60 22.52 -29.67
C MET D 11 16.80 23.28 -30.73
N ASP D 12 16.82 22.79 -31.97
CA ASP D 12 16.09 23.48 -33.06
C ASP D 12 14.90 22.62 -33.44
N SER D 13 13.90 23.21 -34.09
CA SER D 13 12.67 22.47 -34.40
C SER D 13 11.83 23.27 -35.39
N TYR D 14 10.92 22.60 -36.10
CA TYR D 14 10.03 23.35 -36.97
C TYR D 14 8.65 23.36 -36.31
N GLU D 15 7.89 24.42 -36.55
CA GLU D 15 6.54 24.49 -36.03
C GLU D 15 5.75 23.31 -36.61
N GLY D 16 4.91 22.75 -35.75
CA GLY D 16 3.99 21.68 -36.08
C GLY D 16 4.53 20.29 -35.72
N GLN D 17 5.80 20.21 -35.31
CA GLN D 17 6.40 18.92 -34.99
C GLN D 17 6.26 18.64 -33.49
N GLU D 18 6.46 17.37 -33.13
CA GLU D 18 6.64 17.01 -31.73
C GLU D 18 8.09 17.24 -31.31
N VAL D 19 8.28 17.86 -30.14
CA VAL D 19 9.66 18.16 -29.65
C VAL D 19 9.90 17.35 -28.38
N ASN D 20 11.09 16.77 -28.24
CA ASN D 20 11.40 15.94 -27.10
C ASN D 20 12.73 16.38 -26.55
N ILE D 21 12.72 17.05 -25.39
CA ILE D 21 13.95 17.37 -24.69
C ILE D 21 14.26 16.29 -23.64
N THR D 22 15.52 15.88 -23.51
CA THR D 22 15.94 14.84 -22.59
C THR D 22 16.64 15.46 -21.38
N CYS D 23 16.10 15.21 -20.18
CA CYS D 23 16.84 15.52 -18.97
C CYS D 23 17.59 14.28 -18.46
N SER D 24 18.78 14.51 -17.94
CA SER D 24 19.59 13.38 -17.39
C SER D 24 19.81 13.61 -15.90
N HIS D 25 19.27 12.72 -15.07
CA HIS D 25 19.35 12.92 -13.59
C HIS D 25 19.58 11.56 -12.92
N ASN D 26 20.82 11.05 -13.00
CA ASN D 26 21.11 9.66 -12.58
C ASN D 26 21.16 9.62 -11.05
N HIS D 27 21.67 10.69 -10.45
CA HIS D 27 21.81 10.73 -8.98
C HIS D 27 20.59 11.44 -8.37
N ILE D 28 19.42 11.20 -8.97
CA ILE D 28 18.18 11.79 -8.42
C ILE D 28 17.92 11.17 -7.04
N ALA D 29 17.52 11.98 -6.08
CA ALA D 29 17.18 11.45 -4.78
C ALA D 29 15.78 10.82 -4.86
N ALA D 30 15.53 9.89 -3.94
CA ALA D 30 14.43 8.97 -4.05
C ALA D 30 13.07 9.64 -3.82
N ASN D 31 13.08 10.86 -3.26
CA ASN D 31 11.82 11.62 -2.98
C ASN D 31 11.76 12.84 -3.89
N ASP D 32 12.84 13.10 -4.63
CA ASP D 32 12.92 14.23 -5.55
C ASP D 32 11.84 14.10 -6.62
N PHE D 33 11.40 15.29 -7.02
CA PHE D 33 10.44 15.37 -8.12
C PHE D 33 11.17 15.94 -9.30
N ILE D 34 10.63 15.67 -10.49
CA ILE D 34 11.19 16.23 -11.75
C ILE D 34 10.29 17.41 -12.13
N THR D 35 10.89 18.58 -12.33
CA THR D 35 10.14 19.81 -12.57
C THR D 35 10.80 20.63 -13.67
N TRP D 36 9.93 21.17 -14.53
CA TRP D 36 10.41 21.96 -15.68
C TRP D 36 9.86 23.37 -15.71
N TYR D 37 10.71 24.39 -15.60
CA TYR D 37 10.38 25.78 -15.85
C TYR D 37 10.66 26.11 -17.31
N GLN D 38 9.85 27.06 -17.84
CA GLN D 38 10.02 27.68 -19.15
C GLN D 38 10.24 29.17 -18.98
N GLN D 39 11.28 29.69 -19.62
CA GLN D 39 11.59 31.12 -19.61
C GLN D 39 11.56 31.66 -21.04
N PHE D 40 10.66 32.61 -21.29
CA PHE D 40 10.68 33.39 -22.52
C PHE D 40 11.72 34.51 -22.45
N PRO D 41 12.12 35.11 -23.61
CA PRO D 41 13.10 36.20 -23.64
C PRO D 41 12.62 37.43 -22.90
N SER D 42 13.43 37.95 -21.99
CA SER D 42 13.07 39.10 -21.15
C SER D 42 11.87 38.90 -20.23
N GLN D 43 11.40 37.67 -20.00
CA GLN D 43 10.44 37.42 -18.93
C GLN D 43 11.17 36.64 -17.82
N GLY D 44 10.54 36.48 -16.64
CA GLY D 44 11.02 35.51 -15.64
C GLY D 44 10.67 34.07 -16.00
N PRO D 45 11.26 33.04 -15.34
CA PRO D 45 10.90 31.65 -15.61
C PRO D 45 9.50 31.39 -15.08
N ARG D 46 8.74 30.54 -15.77
CA ARG D 46 7.45 30.15 -15.25
C ARG D 46 7.35 28.62 -15.19
N PHE D 47 6.58 28.13 -14.22
CA PHE D 47 6.36 26.72 -14.00
C PHE D 47 5.66 26.12 -15.21
N PHE D 48 6.16 24.99 -15.71
CA PHE D 48 5.59 24.41 -16.95
C PHE D 48 4.94 23.07 -16.67
N ILE D 49 5.72 22.11 -16.18
CA ILE D 49 5.18 20.75 -15.90
C ILE D 49 5.99 20.13 -14.75
N GLN D 50 5.34 19.34 -13.90
CA GLN D 50 6.05 18.64 -12.79
C GLN D 50 5.62 17.17 -12.78
N GLY D 51 6.54 16.29 -12.44
CA GLY D 51 6.21 14.85 -12.38
C GLY D 51 6.89 14.21 -11.20
N TYR D 52 6.43 13.02 -10.83
CA TYR D 52 7.00 12.33 -9.67
C TYR D 52 7.68 11.04 -10.13
N LYS D 53 6.89 9.97 -10.16
CA LYS D 53 7.44 8.65 -10.40
C LYS D 53 6.62 7.97 -11.46
N THR D 54 5.49 8.60 -11.77
CA THR D 54 4.62 8.16 -12.83
C THR D 54 4.46 9.30 -13.86
N ASN D 55 4.46 8.88 -15.12
CA ASN D 55 4.37 9.82 -16.27
C ASN D 55 3.21 10.79 -16.08
N VAL D 56 3.40 12.00 -16.60
CA VAL D 56 2.36 13.04 -16.40
C VAL D 56 2.22 13.88 -17.68
N SER D 57 1.01 14.33 -17.97
CA SER D 57 0.77 15.27 -19.06
C SER D 57 -0.37 16.20 -18.68
N ASN D 58 -0.10 17.50 -18.81
CA ASN D 58 -1.12 18.54 -18.54
C ASN D 58 -1.75 18.96 -19.86
N GLU D 59 -1.96 20.26 -20.05
CA GLU D 59 -2.57 20.76 -21.30
C GLU D 59 -1.50 21.55 -22.06
N VAL D 60 -0.23 21.34 -21.72
CA VAL D 60 0.85 22.14 -22.35
C VAL D 60 1.98 21.20 -22.78
N ALA D 61 2.12 20.04 -22.13
CA ALA D 61 3.25 19.15 -22.45
C ALA D 61 3.04 17.76 -21.87
N SER D 62 4.07 16.92 -21.93
CA SER D 62 4.01 15.57 -21.36
C SER D 62 5.39 15.27 -20.77
N LEU D 63 5.42 14.66 -19.59
CA LEU D 63 6.72 14.27 -18.99
C LEU D 63 6.75 12.75 -18.93
N PHE D 64 7.69 12.14 -19.65
CA PHE D 64 7.84 10.66 -19.64
C PHE D 64 8.90 10.32 -18.62
N ILE D 65 8.51 9.55 -17.60
CA ILE D 65 9.45 9.25 -16.50
C ILE D 65 9.67 7.74 -16.39
N PRO D 66 10.82 7.21 -16.81
CA PRO D 66 11.12 5.80 -16.62
C PRO D 66 11.02 5.36 -15.15
N ALA D 67 11.00 4.04 -14.98
CA ALA D 67 10.85 3.43 -13.67
C ALA D 67 12.09 3.75 -12.81
N ASP D 68 13.28 3.65 -13.39
CA ASP D 68 14.50 3.82 -12.60
C ASP D 68 14.86 5.30 -12.48
N ARG D 69 14.11 6.15 -13.19
CA ARG D 69 14.28 7.62 -13.08
C ARG D 69 15.75 8.05 -13.17
N LYS D 70 16.50 7.53 -14.13
CA LYS D 70 17.90 8.02 -14.32
C LYS D 70 17.84 9.15 -15.36
N SER D 71 16.86 9.11 -16.26
CA SER D 71 16.63 10.19 -17.19
C SER D 71 15.14 10.53 -17.22
N SER D 72 14.78 11.63 -17.89
CA SER D 72 13.36 11.99 -18.09
C SER D 72 13.25 12.67 -19.46
N THR D 73 12.05 12.74 -20.03
CA THR D 73 11.88 13.35 -21.37
C THR D 73 10.66 14.25 -21.40
N LEU D 74 10.85 15.52 -21.76
CA LEU D 74 9.73 16.48 -21.89
C LEU D 74 9.22 16.43 -23.33
N SER D 75 7.91 16.41 -23.53
CA SER D 75 7.38 16.24 -24.90
C SER D 75 6.36 17.31 -25.27
N LEU D 76 6.82 18.42 -25.87
CA LEU D 76 5.88 19.43 -26.42
C LEU D 76 5.20 18.67 -27.56
N PRO D 77 3.85 18.59 -27.66
CA PRO D 77 3.23 17.73 -28.67
C PRO D 77 3.30 18.24 -30.09
N ARG D 78 3.04 19.54 -30.29
CA ARG D 78 3.06 20.16 -31.62
C ARG D 78 3.42 21.63 -31.47
N VAL D 79 4.70 21.94 -31.67
CA VAL D 79 5.22 23.29 -31.31
C VAL D 79 4.74 24.48 -32.14
N SER D 80 4.50 25.60 -31.47
CA SER D 80 4.23 26.89 -32.07
C SER D 80 5.52 27.71 -32.10
N LEU D 81 5.53 28.76 -32.92
CA LEU D 81 6.67 29.66 -32.91
C LEU D 81 6.76 30.29 -31.53
N SER D 82 5.57 30.46 -30.90
CA SER D 82 5.42 31.06 -29.57
C SER D 82 6.03 30.22 -28.46
N ASP D 83 6.42 28.98 -28.77
CA ASP D 83 6.96 28.07 -27.73
C ASP D 83 8.49 28.20 -27.69
N THR D 84 9.04 29.12 -28.48
CA THR D 84 10.50 29.32 -28.49
C THR D 84 10.89 29.89 -27.16
N ALA D 85 11.72 29.17 -26.42
CA ALA D 85 12.12 29.64 -25.07
C ALA D 85 13.16 28.73 -24.46
N VAL D 86 13.72 29.13 -23.33
CA VAL D 86 14.61 28.23 -22.60
C VAL D 86 13.78 27.30 -21.70
N TYR D 87 14.18 26.02 -21.70
CA TYR D 87 13.48 25.03 -20.86
C TYR D 87 14.44 24.45 -19.84
N TYR D 88 14.26 24.80 -18.56
CA TYR D 88 15.06 24.32 -17.45
C TYR D 88 14.45 23.05 -16.86
N CYS D 89 15.32 22.13 -16.42
CA CYS D 89 14.91 20.86 -15.86
C CYS D 89 15.58 20.67 -14.51
N LEU D 90 14.74 20.65 -13.48
CA LEU D 90 15.15 20.52 -12.08
C LEU D 90 14.70 19.19 -11.48
N ALA D 91 15.60 18.61 -10.69
CA ALA D 91 15.30 17.46 -9.86
C ALA D 91 15.64 17.80 -8.41
N TRP D 92 14.57 18.05 -7.65
CA TRP D 92 14.71 18.57 -6.27
C TRP D 92 13.49 18.17 -5.45
N GLY D 93 13.37 18.70 -4.24
CA GLY D 93 12.15 18.44 -3.46
C GLY D 93 12.04 19.26 -2.19
N GLY D 94 10.81 19.54 -1.76
CA GLY D 94 10.57 20.22 -0.47
C GLY D 94 11.35 21.49 -0.20
N THR D 95 12.23 21.47 0.78
CA THR D 95 12.93 22.70 1.21
C THR D 95 14.16 22.93 0.39
N ASP D 96 14.28 22.26 -0.75
CA ASP D 96 15.56 22.34 -1.49
C ASP D 96 15.62 23.53 -2.44
N MET D 97 16.71 24.29 -2.40
CA MET D 97 17.00 25.31 -3.41
C MET D 97 16.63 24.85 -4.83
N LEU D 98 16.20 25.79 -5.68
CA LEU D 98 16.16 25.52 -7.11
C LEU D 98 17.55 25.71 -7.71
N ILE D 99 18.01 24.68 -8.45
CA ILE D 99 19.25 24.81 -9.18
C ILE D 99 18.98 24.65 -10.66
N PHE D 100 18.99 25.80 -11.36
CA PHE D 100 18.37 25.91 -12.67
C PHE D 100 19.31 25.44 -13.79
N GLY D 101 20.60 25.76 -13.69
CA GLY D 101 21.51 25.31 -14.72
C GLY D 101 21.44 26.15 -15.98
N THR D 102 21.69 25.51 -17.11
CA THR D 102 21.91 26.22 -18.35
C THR D 102 20.62 26.26 -19.13
N GLY D 103 19.78 25.26 -18.90
CA GLY D 103 18.58 25.11 -19.68
C GLY D 103 18.87 24.52 -21.05
N THR D 104 17.81 24.49 -21.85
CA THR D 104 17.90 24.03 -23.24
C THR D 104 17.18 25.08 -24.07
N ARG D 105 17.91 25.86 -24.85
CA ARG D 105 17.28 26.94 -25.66
C ARG D 105 16.60 26.33 -26.87
N LEU D 106 15.27 26.24 -26.84
CA LEU D 106 14.52 25.66 -27.98
C LEU D 106 14.26 26.76 -28.99
N GLN D 107 14.42 26.44 -30.28
CA GLN D 107 14.12 27.43 -31.35
C GLN D 107 13.10 26.79 -32.30
N VAL D 108 12.00 27.47 -32.55
CA VAL D 108 10.95 26.91 -33.43
C VAL D 108 10.90 27.72 -34.73
N PHE D 109 11.47 27.19 -35.80
CA PHE D 109 11.42 27.82 -37.12
C PHE D 109 10.06 27.61 -37.82
N PRO D 110 9.64 28.53 -38.71
CA PRO D 110 8.31 28.48 -39.30
C PRO D 110 8.29 27.66 -40.57
N ASN D 111 7.08 27.34 -41.01
CA ASN D 111 6.89 26.40 -42.09
C ASN D 111 6.17 27.09 -43.25
N ILE D 112 6.97 27.66 -44.17
CA ILE D 112 6.44 28.62 -45.12
C ILE D 112 5.65 27.93 -46.23
N GLN D 113 4.34 28.28 -46.26
CA GLN D 113 3.35 27.55 -47.04
C GLN D 113 3.38 27.96 -48.51
N ASN D 114 3.69 29.23 -48.81
CA ASN D 114 3.67 29.75 -50.18
C ASN D 114 4.82 30.73 -50.42
N PRO D 115 6.09 30.27 -50.40
CA PRO D 115 7.23 31.18 -50.50
C PRO D 115 7.16 31.97 -51.80
N ASP D 116 7.55 33.24 -51.73
CA ASP D 116 7.59 34.17 -52.86
C ASP D 116 8.83 35.05 -52.72
N PRO D 117 10.03 34.45 -52.74
CA PRO D 117 11.25 35.13 -52.32
C PRO D 117 11.53 36.28 -53.27
N ALA D 118 11.94 37.41 -52.67
CA ALA D 118 12.12 38.66 -53.39
C ALA D 118 12.97 39.63 -52.56
N VAL D 119 13.69 40.51 -53.23
CA VAL D 119 14.36 41.61 -52.55
C VAL D 119 13.68 42.91 -52.97
N TYR D 120 13.46 43.79 -52.00
CA TYR D 120 12.82 45.10 -52.28
C TYR D 120 13.69 46.18 -51.66
N GLN D 121 13.60 47.40 -52.19
CA GLN D 121 14.39 48.53 -51.64
C GLN D 121 13.41 49.57 -51.07
N LEU D 122 13.69 50.05 -49.86
CA LEU D 122 12.80 51.04 -49.22
C LEU D 122 13.58 52.34 -49.01
N ARG D 123 12.94 53.50 -49.22
CA ARG D 123 13.66 54.80 -49.13
C ARG D 123 13.35 55.48 -47.80
N ASP D 124 14.35 56.12 -47.20
CA ASP D 124 14.13 56.87 -45.95
C ASP D 124 12.89 57.73 -46.13
N SER D 125 12.02 57.76 -45.12
CA SER D 125 10.82 58.63 -45.19
C SER D 125 11.25 60.10 -45.02
N LYS D 126 12.55 60.35 -45.09
CA LYS D 126 13.10 61.72 -44.91
C LYS D 126 14.16 61.97 -46.01
N SER D 127 15.41 61.62 -45.73
CA SER D 127 16.51 61.87 -46.70
C SER D 127 16.61 60.71 -47.69
N SER D 128 15.97 60.85 -48.86
CA SER D 128 16.02 59.79 -49.90
C SER D 128 17.40 59.12 -49.91
N ASP D 129 18.47 59.90 -49.81
CA ASP D 129 19.84 59.32 -49.77
C ASP D 129 19.82 58.01 -48.98
N LYS D 130 19.39 58.06 -47.72
CA LYS D 130 19.42 56.84 -46.86
C LYS D 130 18.36 55.86 -47.36
N SER D 131 18.75 54.59 -47.52
CA SER D 131 17.77 53.57 -47.99
C SER D 131 18.12 52.19 -47.42
N VAL D 132 17.16 51.26 -47.46
CA VAL D 132 17.40 49.90 -46.89
C VAL D 132 16.94 48.83 -47.87
N CYS D 133 17.50 47.63 -47.75
CA CYS D 133 17.13 46.49 -48.58
C CYS D 133 16.41 45.42 -47.75
N LEU D 134 15.29 44.95 -48.30
CA LEU D 134 14.44 43.98 -47.56
C LEU D 134 14.29 42.67 -48.34
N PHE D 135 14.92 41.62 -47.85
CA PHE D 135 14.76 40.28 -48.38
C PHE D 135 13.64 39.63 -47.57
N THR D 136 12.55 39.19 -48.22
CA THR D 136 11.32 38.82 -47.55
C THR D 136 10.62 37.76 -48.38
N ASP D 137 9.69 37.04 -47.76
CA ASP D 137 8.89 35.99 -48.40
C ASP D 137 9.71 34.75 -48.79
N PHE D 138 10.88 34.50 -48.18
CA PHE D 138 11.67 33.34 -48.55
C PHE D 138 11.34 32.19 -47.61
N ASP D 139 11.63 30.94 -48.02
CA ASP D 139 11.27 29.76 -47.23
C ASP D 139 12.28 29.57 -46.09
N SER D 140 11.99 28.60 -45.21
CA SER D 140 12.70 28.52 -43.95
C SER D 140 14.02 27.77 -44.11
N GLN D 141 14.15 27.04 -45.23
CA GLN D 141 15.40 26.44 -45.68
C GLN D 141 16.39 27.52 -46.18
N THR D 142 15.89 28.64 -46.76
CA THR D 142 16.76 29.76 -47.08
C THR D 142 17.34 30.32 -45.78
N ASN D 143 18.69 30.37 -45.69
CA ASN D 143 19.40 30.77 -44.49
C ASN D 143 20.16 32.05 -44.80
N VAL D 144 20.09 33.06 -43.92
CA VAL D 144 20.66 34.37 -44.22
C VAL D 144 22.02 34.53 -43.52
N SER D 145 23.08 34.63 -44.32
CA SER D 145 24.44 34.77 -43.82
C SER D 145 24.60 36.16 -43.20
N GLN D 146 25.45 36.28 -42.18
CA GLN D 146 25.79 37.57 -41.60
C GLN D 146 26.84 38.24 -42.50
N SER D 147 27.33 39.42 -42.10
CA SER D 147 28.34 40.13 -42.88
C SER D 147 29.14 41.11 -42.02
N LYS D 148 30.22 40.63 -41.38
CA LYS D 148 31.19 41.47 -40.69
C LYS D 148 32.37 41.77 -41.63
N ASP D 149 32.00 42.37 -42.76
CA ASP D 149 33.00 42.74 -43.79
C ASP D 149 32.58 44.13 -44.28
N SER D 150 33.30 45.17 -43.86
CA SER D 150 32.98 46.57 -44.27
C SER D 150 31.66 47.01 -43.63
N ASP D 151 30.99 47.98 -44.25
CA ASP D 151 29.75 48.55 -43.64
C ASP D 151 28.52 47.83 -44.17
N VAL D 152 28.63 46.54 -44.46
CA VAL D 152 27.41 45.78 -44.84
C VAL D 152 26.76 45.26 -43.56
N TYR D 153 25.50 45.63 -43.30
CA TYR D 153 24.80 45.19 -42.07
C TYR D 153 23.58 44.37 -42.46
N ILE D 154 23.51 43.11 -42.01
CA ILE D 154 22.40 42.24 -42.38
C ILE D 154 21.83 41.56 -41.13
N THR D 155 20.52 41.72 -40.91
CA THR D 155 19.86 41.13 -39.76
C THR D 155 19.60 39.68 -40.10
N ASP D 156 19.33 38.87 -39.08
CA ASP D 156 18.95 37.46 -39.34
C ASP D 156 17.46 37.45 -39.66
N LYS D 157 16.98 36.33 -40.16
CA LYS D 157 15.54 36.25 -40.54
C LYS D 157 14.69 36.52 -39.32
N CYS D 158 13.54 37.17 -39.50
CA CYS D 158 12.60 37.36 -38.37
C CYS D 158 11.21 37.09 -38.96
N VAL D 159 10.43 36.21 -38.35
CA VAL D 159 9.11 35.84 -38.93
C VAL D 159 8.05 36.85 -38.50
N LEU D 160 7.18 37.27 -39.41
CA LEU D 160 6.07 38.16 -39.02
C LEU D 160 4.76 37.40 -39.28
N ASP D 161 3.80 37.49 -38.37
CA ASP D 161 2.49 36.82 -38.60
C ASP D 161 1.37 37.85 -38.74
N MET D 162 0.69 37.86 -39.88
CA MET D 162 -0.47 38.76 -40.07
C MET D 162 -1.71 37.93 -39.72
N ARG D 163 -1.76 37.39 -38.51
CA ARG D 163 -2.90 36.53 -38.07
C ARG D 163 -4.18 36.87 -38.83
N SER D 164 -4.57 38.15 -38.82
CA SER D 164 -5.77 38.60 -39.56
C SER D 164 -5.98 37.71 -40.80
N MET D 165 -4.95 37.56 -41.64
CA MET D 165 -5.10 36.80 -42.90
C MET D 165 -4.30 35.49 -42.82
N ASP D 166 -3.96 35.05 -41.62
CA ASP D 166 -3.25 33.75 -41.44
C ASP D 166 -2.10 33.69 -42.45
N PHE D 167 -1.17 34.64 -42.36
CA PHE D 167 0.01 34.65 -43.27
C PHE D 167 1.25 34.87 -42.43
N LYS D 168 2.29 34.09 -42.68
CA LYS D 168 3.56 34.29 -41.96
C LYS D 168 4.63 34.63 -43.01
N SER D 169 5.65 35.41 -42.63
CA SER D 169 6.65 35.85 -43.63
C SER D 169 8.03 35.96 -42.99
N ASN D 170 9.02 35.32 -43.60
CA ASN D 170 10.41 35.47 -43.10
C ASN D 170 10.97 36.75 -43.71
N SER D 171 11.86 37.44 -43.00
CA SER D 171 12.33 38.75 -43.53
C SER D 171 13.71 39.11 -42.96
N ALA D 172 14.61 39.58 -43.81
CA ALA D 172 15.90 40.05 -43.36
C ALA D 172 16.15 41.41 -43.98
N VAL D 173 16.91 42.23 -43.26
CA VAL D 173 17.09 43.59 -43.69
C VAL D 173 18.58 43.82 -43.85
N ALA D 174 18.97 44.55 -44.90
CA ALA D 174 20.36 44.92 -45.09
C ALA D 174 20.43 46.39 -45.43
N TRP D 175 21.49 47.04 -44.94
CA TRP D 175 21.68 48.48 -45.21
C TRP D 175 23.16 48.83 -45.17
N SER D 176 23.56 49.88 -45.89
CA SER D 176 24.96 50.37 -45.86
C SER D 176 24.97 51.86 -46.20
N ASN D 177 25.98 52.60 -45.74
CA ASN D 177 26.06 54.06 -46.01
C ASN D 177 26.88 54.30 -47.28
N LYS D 178 27.61 53.27 -47.73
CA LYS D 178 28.44 53.41 -48.96
C LYS D 178 27.53 53.76 -50.15
N SER D 179 28.08 54.47 -51.13
CA SER D 179 27.30 54.84 -52.33
C SER D 179 27.28 53.64 -53.28
N ASP D 180 28.29 52.77 -53.19
CA ASP D 180 28.38 51.58 -54.06
C ASP D 180 27.42 50.49 -53.53
N PHE D 181 26.50 50.86 -52.65
CA PHE D 181 25.59 49.86 -52.05
C PHE D 181 24.54 49.46 -53.07
N ALA D 182 24.45 48.17 -53.35
CA ALA D 182 23.47 47.67 -54.35
C ALA D 182 22.39 46.89 -53.64
N CYS D 183 21.19 46.84 -54.22
CA CYS D 183 20.11 46.18 -53.50
C CYS D 183 19.94 44.73 -53.94
N ALA D 184 19.86 44.52 -55.27
CA ALA D 184 19.36 43.29 -55.87
C ALA D 184 20.34 42.12 -55.73
N ASN D 185 21.41 42.27 -54.94
CA ASN D 185 22.42 41.23 -54.81
C ASN D 185 22.82 40.97 -53.35
N ALA D 186 22.51 41.93 -52.47
CA ALA D 186 23.27 42.20 -51.24
C ALA D 186 23.17 41.06 -50.24
N PHE D 187 22.26 40.09 -50.49
CA PHE D 187 22.04 38.96 -49.60
C PHE D 187 22.81 37.73 -50.09
N ASN D 188 23.80 37.99 -50.94
CA ASN D 188 24.63 37.02 -51.63
C ASN D 188 26.10 37.39 -51.43
N ALA E 3 -2.57 36.97 -11.26
CA ALA E 3 -1.58 37.50 -10.30
C ALA E 3 -0.16 37.22 -10.78
N GLY E 4 0.69 38.27 -10.79
CA GLY E 4 2.11 38.12 -11.01
C GLY E 4 2.91 38.83 -9.91
N VAL E 5 4.17 38.40 -9.73
CA VAL E 5 5.14 39.16 -8.96
C VAL E 5 5.47 40.40 -9.75
N ALA E 6 5.64 41.52 -9.06
CA ALA E 6 6.06 42.76 -9.70
C ALA E 6 7.47 43.15 -9.26
N GLN E 7 8.27 43.68 -10.21
CA GLN E 7 9.54 44.30 -9.86
C GLN E 7 9.67 45.65 -10.56
N SER E 8 10.49 46.52 -9.96
CA SER E 8 10.89 47.82 -10.46
C SER E 8 12.39 47.98 -10.16
N PRO E 9 13.25 48.54 -11.03
CA PRO E 9 12.90 48.91 -12.41
C PRO E 9 13.12 47.77 -13.41
N ARG E 10 12.97 48.10 -14.72
CA ARG E 10 13.18 47.10 -15.76
C ARG E 10 14.66 47.14 -16.15
N TYR E 11 15.20 48.33 -16.29
CA TYR E 11 16.62 48.44 -16.74
C TYR E 11 17.32 49.40 -15.82
N LYS E 12 18.63 49.20 -15.67
CA LYS E 12 19.42 50.14 -14.84
C LYS E 12 20.87 50.16 -15.34
N ILE E 13 21.38 51.35 -15.63
CA ILE E 13 22.79 51.49 -16.07
C ILE E 13 23.53 52.13 -14.88
N ILE E 14 24.69 51.61 -14.53
CA ILE E 14 25.35 52.15 -13.35
C ILE E 14 26.86 52.10 -13.57
N GLU E 15 27.58 53.04 -12.96
CA GLU E 15 29.03 53.12 -13.10
C GLU E 15 29.64 52.21 -12.04
N LYS E 16 30.84 51.67 -12.28
CA LYS E 16 31.58 50.88 -11.32
C LYS E 16 31.65 51.65 -10.00
N ARG E 17 31.58 50.91 -8.88
CA ARG E 17 31.69 51.43 -7.51
C ARG E 17 30.45 52.17 -7.02
N GLN E 18 29.34 52.20 -7.77
CA GLN E 18 28.17 52.96 -7.34
C GLN E 18 27.14 52.02 -6.72
N SER E 19 26.15 52.58 -6.01
CA SER E 19 25.04 51.84 -5.44
C SER E 19 23.88 51.63 -6.43
N VAL E 20 23.15 50.53 -6.31
CA VAL E 20 21.90 50.35 -7.05
C VAL E 20 20.96 49.56 -6.17
N ALA E 21 19.63 49.57 -6.45
CA ALA E 21 18.63 48.92 -5.60
C ALA E 21 17.43 48.39 -6.38
N PHE E 22 17.14 47.09 -6.27
CA PHE E 22 15.98 46.57 -6.97
C PHE E 22 14.86 46.42 -5.96
N TRP E 23 13.62 46.38 -6.49
CA TRP E 23 12.43 46.28 -5.66
C TRP E 23 11.55 45.17 -6.18
N CYS E 24 10.85 44.54 -5.24
CA CYS E 24 9.92 43.47 -5.60
C CYS E 24 8.70 43.46 -4.70
N ASN E 25 7.53 43.12 -5.25
CA ASN E 25 6.31 42.96 -4.44
C ASN E 25 5.78 41.56 -4.71
N PRO E 26 5.83 40.64 -3.74
CA PRO E 26 5.45 39.27 -4.00
C PRO E 26 3.97 39.07 -4.19
N ILE E 27 3.58 37.87 -4.61
CA ILE E 27 2.13 37.58 -4.69
C ILE E 27 1.53 37.79 -3.30
N SER E 28 0.38 38.46 -3.20
CA SER E 28 -0.20 38.79 -1.88
C SER E 28 -0.43 37.51 -1.06
N GLY E 29 0.30 37.35 0.03
CA GLY E 29 0.09 36.17 0.90
C GLY E 29 1.30 35.27 0.86
N HIS E 30 1.87 35.08 -0.33
CA HIS E 30 3.10 34.27 -0.43
C HIS E 30 4.04 34.76 0.67
N GLY E 31 4.42 33.87 1.58
CA GLY E 31 5.24 34.29 2.72
C GLY E 31 6.71 34.11 2.49
N THR E 32 7.09 33.32 1.49
CA THR E 32 8.51 33.23 1.19
C THR E 32 8.83 33.94 -0.13
N LEU E 33 9.87 34.76 -0.04
CA LEU E 33 10.33 35.54 -1.20
C LEU E 33 11.78 35.16 -1.49
N TYR E 34 12.19 35.25 -2.74
CA TYR E 34 13.53 34.90 -3.17
C TYR E 34 14.07 36.03 -4.06
N TRP E 35 15.39 36.26 -3.95
CA TRP E 35 16.15 37.01 -4.93
C TRP E 35 17.11 36.06 -5.65
N TYR E 36 17.02 36.02 -6.98
CA TYR E 36 17.98 35.31 -7.80
C TYR E 36 18.81 36.28 -8.65
N GLN E 37 19.99 35.81 -9.11
CA GLN E 37 20.80 36.51 -10.09
C GLN E 37 20.95 35.66 -11.35
N GLN E 38 20.57 36.23 -12.51
CA GLN E 38 20.75 35.56 -13.80
C GLN E 38 21.82 36.26 -14.64
N ILE E 39 23.05 35.78 -14.52
CA ILE E 39 24.11 36.14 -15.44
C ILE E 39 23.73 35.66 -16.83
N LEU E 40 24.07 36.46 -17.85
CA LEU E 40 23.62 36.22 -19.22
C LEU E 40 24.13 34.87 -19.71
N GLY E 41 23.18 34.03 -20.13
CA GLY E 41 23.49 32.75 -20.75
C GLY E 41 23.46 31.57 -19.77
N GLN E 42 23.39 31.87 -18.48
CA GLN E 42 23.12 30.92 -17.41
C GLN E 42 21.64 30.96 -17.03
N GLY E 43 21.26 30.07 -16.10
CA GLY E 43 19.97 30.19 -15.44
C GLY E 43 20.14 30.96 -14.13
N PRO E 44 19.00 31.27 -13.46
CA PRO E 44 19.01 32.04 -12.21
C PRO E 44 19.67 31.22 -11.10
N LYS E 45 20.49 31.88 -10.25
CA LYS E 45 21.06 31.26 -9.07
C LYS E 45 20.52 32.02 -7.86
N LEU E 46 20.33 31.36 -6.72
CA LEU E 46 19.71 32.04 -5.61
C LEU E 46 20.73 32.92 -4.91
N LEU E 47 20.27 34.11 -4.53
CA LEU E 47 21.04 35.06 -3.77
C LEU E 47 20.64 34.97 -2.31
N ILE E 48 19.34 35.17 -2.04
CA ILE E 48 18.85 35.22 -0.67
C ILE E 48 17.37 34.83 -0.60
N GLN E 49 16.96 34.23 0.52
CA GLN E 49 15.60 33.71 0.71
C GLN E 49 15.02 34.18 2.04
N PHE E 50 13.84 34.78 1.98
CA PHE E 50 13.14 35.24 3.19
C PHE E 50 11.93 34.35 3.44
N HIS E 51 11.61 34.09 4.70
CA HIS E 51 10.25 33.72 5.02
C HIS E 51 9.74 34.79 5.96
N ASN E 52 8.51 35.25 5.76
CA ASN E 52 8.03 36.46 6.39
C ASN E 52 9.20 37.46 6.41
N ASN E 53 9.60 37.98 7.57
CA ASN E 53 10.55 39.09 7.57
C ASN E 53 11.94 38.61 7.91
N GLY E 54 12.22 37.33 7.73
CA GLY E 54 13.47 36.80 8.27
C GLY E 54 14.23 35.98 7.24
N VAL E 55 15.54 35.97 7.42
CA VAL E 55 16.35 35.35 6.40
C VAL E 55 16.51 33.87 6.70
N VAL E 56 15.92 33.06 5.85
CA VAL E 56 16.04 31.61 5.92
C VAL E 56 17.34 31.12 5.26
N ASP E 57 17.75 31.72 4.13
CA ASP E 57 18.99 31.31 3.48
C ASP E 57 19.69 32.53 2.89
N ASP E 58 20.96 32.72 3.29
CA ASP E 58 21.81 33.75 2.71
C ASP E 58 23.27 33.28 2.65
N SER E 59 23.52 31.97 2.45
CA SER E 59 24.83 31.38 2.68
C SER E 59 25.76 31.70 1.52
N GLN E 60 25.12 32.08 0.41
CA GLN E 60 25.74 32.17 -0.90
C GLN E 60 25.74 33.62 -1.37
N LEU E 61 25.12 34.54 -0.61
CA LEU E 61 25.07 35.96 -0.91
C LEU E 61 26.42 36.63 -0.65
N PRO E 62 26.99 37.43 -1.59
CA PRO E 62 28.26 38.12 -1.34
C PRO E 62 28.02 39.31 -0.41
N LYS E 63 28.39 39.14 0.85
CA LYS E 63 27.97 40.05 1.91
C LYS E 63 28.82 41.32 1.88
N ASP E 64 29.98 41.23 1.21
CA ASP E 64 30.84 42.37 0.96
C ASP E 64 30.04 43.50 0.30
N ARG E 65 29.10 43.20 -0.60
CA ARG E 65 28.40 44.20 -1.40
C ARG E 65 26.89 44.01 -1.44
N PHE E 66 26.39 42.78 -1.37
CA PHE E 66 24.94 42.60 -1.46
C PHE E 66 24.30 42.60 -0.06
N SER E 67 23.03 43.03 -0.06
CA SER E 67 22.20 43.13 1.13
C SER E 67 20.74 43.21 0.70
N ALA E 68 19.80 42.87 1.59
CA ALA E 68 18.40 42.81 1.21
C ALA E 68 17.52 43.08 2.44
N GLU E 69 16.23 43.29 2.21
CA GLU E 69 15.32 43.69 3.26
C GLU E 69 13.92 43.19 2.94
N ARG E 70 13.13 42.90 3.97
CA ARG E 70 11.70 42.51 3.84
C ARG E 70 11.21 42.78 5.25
N LEU E 71 11.19 44.04 5.69
CA LEU E 71 11.00 44.31 7.11
C LEU E 71 9.53 44.20 7.52
N LYS E 72 8.62 44.26 6.56
CA LYS E 72 7.19 44.08 6.88
C LYS E 72 6.73 42.73 6.29
N GLY E 73 7.66 41.94 5.78
CA GLY E 73 7.30 40.59 5.30
C GLY E 73 6.49 40.63 4.02
N VAL E 74 6.54 41.73 3.28
CA VAL E 74 5.85 41.79 1.96
C VAL E 74 6.49 42.26 0.65
N ASP E 75 6.84 43.53 0.57
CA ASP E 75 7.78 44.09 -0.44
C ASP E 75 9.21 43.82 0.00
N SER E 76 10.12 43.66 -0.97
CA SER E 76 11.54 43.45 -0.63
C SER E 76 12.45 44.36 -1.45
N THR E 77 13.67 44.57 -0.98
CA THR E 77 14.62 45.45 -1.62
C THR E 77 16.02 44.84 -1.56
N LEU E 78 16.51 44.39 -2.71
CA LEU E 78 17.90 43.97 -2.86
C LEU E 78 18.74 45.18 -3.29
N LYS E 79 19.99 45.20 -2.83
CA LYS E 79 20.83 46.37 -2.97
C LYS E 79 22.30 45.96 -3.07
N ILE E 80 22.97 46.44 -4.14
CA ILE E 80 24.39 46.24 -4.39
C ILE E 80 25.10 47.57 -4.09
N GLN E 81 26.22 47.50 -3.37
CA GLN E 81 26.98 48.70 -3.02
C GLN E 81 28.27 48.30 -2.31
N PRO E 82 29.48 48.58 -2.86
CA PRO E 82 29.64 49.14 -4.19
C PRO E 82 29.61 48.04 -5.25
N ALA E 83 29.00 48.31 -6.40
CA ALA E 83 28.88 47.36 -7.49
C ALA E 83 30.23 47.13 -8.20
N LYS E 84 30.32 45.95 -8.82
CA LYS E 84 31.48 45.57 -9.60
C LYS E 84 31.00 45.27 -11.00
N LEU E 85 31.95 45.16 -11.94
CA LEU E 85 31.59 44.95 -13.32
C LEU E 85 30.80 43.65 -13.48
N GLU E 86 31.24 42.61 -12.77
CA GLU E 86 30.71 41.27 -12.94
C GLU E 86 29.28 41.14 -12.42
N ASP E 87 28.75 42.17 -11.72
CA ASP E 87 27.38 42.16 -11.24
C ASP E 87 26.38 42.46 -12.35
N SER E 88 26.86 42.68 -13.58
CA SER E 88 25.95 42.89 -14.68
C SER E 88 25.18 41.59 -14.92
N ALA E 89 23.87 41.66 -14.63
CA ALA E 89 23.01 40.49 -14.70
C ALA E 89 21.55 40.90 -14.73
N VAL E 90 20.63 39.96 -14.99
CA VAL E 90 19.24 40.17 -14.59
C VAL E 90 19.05 39.74 -13.13
N TYR E 91 18.45 40.63 -12.31
CA TYR E 91 18.08 40.33 -10.94
C TYR E 91 16.60 39.93 -10.91
N LEU E 92 16.36 38.63 -10.72
CA LEU E 92 15.00 38.10 -10.64
C LEU E 92 14.54 37.98 -9.19
N CYS E 93 13.22 38.14 -9.03
CA CYS E 93 12.58 38.03 -7.74
C CYS E 93 11.48 36.99 -7.87
N ALA E 94 11.24 36.22 -6.80
CA ALA E 94 10.20 35.18 -6.81
C ALA E 94 9.50 35.10 -5.47
N SER E 95 8.27 34.57 -5.48
CA SER E 95 7.56 34.28 -4.25
C SER E 95 6.94 32.87 -4.24
N SER E 96 6.84 32.32 -3.03
CA SER E 96 6.19 31.04 -2.75
C SER E 96 5.20 31.20 -1.62
N LEU E 97 4.22 30.32 -1.62
CA LEU E 97 3.28 30.29 -0.52
C LEU E 97 4.03 29.97 0.77
N ASP E 98 4.79 28.87 0.80
CA ASP E 98 5.72 28.49 1.86
C ASP E 98 6.91 27.80 1.20
N TRP E 99 7.95 27.52 1.98
CA TRP E 99 9.17 26.90 1.43
C TRP E 99 9.35 25.51 2.03
N VAL E 100 8.23 24.87 2.35
CA VAL E 100 8.28 23.55 3.04
C VAL E 100 7.19 22.66 2.46
N GLY E 101 7.28 21.36 2.65
CA GLY E 101 6.23 20.45 2.17
C GLY E 101 6.76 19.57 1.06
N ASP E 102 5.87 19.14 0.16
CA ASP E 102 6.29 18.27 -0.96
C ASP E 102 7.35 19.02 -1.77
N GLY E 103 7.04 20.24 -2.17
CA GLY E 103 7.95 21.04 -3.01
C GLY E 103 7.13 22.18 -3.55
N GLU E 104 7.47 23.42 -3.17
CA GLU E 104 6.57 24.54 -3.54
C GLU E 104 6.93 25.25 -4.84
N ARG E 105 5.96 25.35 -5.75
CA ARG E 105 6.07 26.10 -6.98
C ARG E 105 6.36 27.58 -6.72
N GLN E 106 7.34 28.11 -7.43
CA GLN E 106 7.81 29.49 -7.29
C GLN E 106 7.24 30.32 -8.44
N TYR E 107 6.78 31.52 -8.09
CA TYR E 107 6.29 32.53 -9.03
C TYR E 107 7.31 33.67 -9.11
N PHE E 108 7.78 33.93 -10.35
CA PHE E 108 8.86 34.86 -10.64
C PHE E 108 8.32 36.19 -11.14
N GLY E 109 9.04 37.27 -10.86
CA GLY E 109 8.83 38.56 -11.50
C GLY E 109 9.55 38.62 -12.85
N PRO E 110 9.52 39.75 -13.56
CA PRO E 110 10.03 39.81 -14.93
C PRO E 110 11.45 40.35 -15.07
N GLY E 111 12.07 40.70 -13.94
CA GLY E 111 13.50 40.93 -13.89
C GLY E 111 13.80 42.43 -13.88
N THR E 112 15.02 42.73 -13.42
CA THR E 112 15.65 44.03 -13.59
C THR E 112 17.01 43.78 -14.24
N ARG E 113 17.20 44.34 -15.43
CA ARG E 113 18.47 44.19 -16.17
C ARG E 113 19.45 45.25 -15.70
N LEU E 114 20.56 44.80 -15.13
CA LEU E 114 21.54 45.72 -14.59
C LEU E 114 22.82 45.56 -15.40
N LEU E 115 23.30 46.73 -15.83
CA LEU E 115 24.57 46.81 -16.61
C LEU E 115 25.47 47.79 -15.88
N VAL E 116 26.62 47.33 -15.42
CA VAL E 116 27.61 48.11 -14.71
C VAL E 116 28.72 48.41 -15.70
N LEU E 117 29.01 49.69 -15.88
CA LEU E 117 30.03 50.10 -16.83
C LEU E 117 31.25 50.68 -16.12
N GLU E 118 32.42 50.55 -16.75
CA GLU E 118 33.65 51.16 -16.27
C GLU E 118 33.48 52.69 -16.28
N ASP E 119 32.92 53.19 -17.39
CA ASP E 119 32.73 54.66 -17.57
C ASP E 119 31.42 54.87 -18.32
N LEU E 120 30.71 55.97 -18.03
CA LEU E 120 29.38 56.19 -18.66
C LEU E 120 29.54 56.99 -19.95
N LYS E 121 30.76 57.10 -20.47
CA LYS E 121 31.01 57.97 -21.65
C LYS E 121 30.64 57.25 -22.94
N ASN E 122 30.43 55.93 -22.87
CA ASN E 122 30.15 55.16 -24.10
C ASN E 122 28.65 54.98 -24.25
N VAL E 123 27.87 55.70 -23.46
CA VAL E 123 26.38 55.54 -23.51
C VAL E 123 25.84 56.43 -24.63
N PHE E 124 25.02 55.88 -25.53
CA PHE E 124 24.52 56.66 -26.68
C PHE E 124 23.06 56.34 -26.92
N PRO E 125 22.19 57.35 -27.15
CA PRO E 125 20.79 57.10 -27.44
C PRO E 125 20.61 56.49 -28.81
N PRO E 126 19.42 55.98 -29.11
CA PRO E 126 19.16 55.41 -30.41
C PRO E 126 18.87 56.42 -31.50
N GLU E 127 19.25 56.09 -32.74
CA GLU E 127 18.86 56.95 -33.88
C GLU E 127 17.80 56.14 -34.61
N VAL E 128 16.69 56.75 -34.98
CA VAL E 128 15.59 55.97 -35.52
C VAL E 128 15.15 56.50 -36.88
N ALA E 129 15.18 55.63 -37.89
CA ALA E 129 14.59 55.91 -39.17
C ALA E 129 13.51 54.90 -39.53
N VAL E 130 12.51 55.36 -40.29
CA VAL E 130 11.46 54.45 -40.81
C VAL E 130 11.57 54.52 -42.34
N PHE E 131 11.57 53.37 -43.02
CA PHE E 131 11.68 53.33 -44.50
C PHE E 131 10.33 52.91 -45.04
N GLU E 132 9.87 53.52 -46.13
CA GLU E 132 8.49 53.27 -46.61
C GLU E 132 8.42 52.09 -47.58
N PRO E 133 7.26 51.42 -47.68
CA PRO E 133 7.08 50.30 -48.59
C PRO E 133 7.56 50.48 -50.03
N SER E 134 8.00 49.39 -50.67
CA SER E 134 8.45 49.42 -52.08
C SER E 134 7.26 49.15 -53.01
N GLU E 135 7.14 49.93 -54.07
CA GLU E 135 5.98 49.75 -54.94
C GLU E 135 6.10 48.41 -55.63
N ALA E 136 7.32 47.88 -55.61
CA ALA E 136 7.60 46.53 -56.09
C ALA E 136 6.81 45.53 -55.27
N GLU E 137 6.99 45.57 -53.94
CA GLU E 137 6.24 44.71 -53.05
C GLU E 137 4.75 44.90 -53.28
N ILE E 138 4.30 46.13 -53.46
CA ILE E 138 2.87 46.43 -53.47
C ILE E 138 2.17 45.79 -54.68
N SER E 139 2.81 45.84 -55.85
CA SER E 139 2.14 45.30 -57.02
C SER E 139 2.31 43.80 -57.04
N HIS E 140 3.45 43.31 -56.53
CA HIS E 140 3.74 41.87 -56.53
C HIS E 140 2.89 41.08 -55.53
N THR E 141 2.49 41.69 -54.39
CA THR E 141 1.90 40.97 -53.27
C THR E 141 0.59 41.59 -52.78
N GLN E 142 0.36 42.89 -53.06
CA GLN E 142 -0.68 43.70 -52.46
C GLN E 142 -0.51 43.71 -50.94
N LYS E 143 0.77 43.77 -50.55
CA LYS E 143 1.10 43.91 -49.12
C LYS E 143 2.12 45.05 -49.07
N ALA E 144 2.50 45.53 -47.89
CA ALA E 144 3.33 46.72 -47.79
C ALA E 144 4.07 46.69 -46.47
N THR E 145 5.38 46.52 -46.56
CA THR E 145 6.18 46.32 -45.34
C THR E 145 7.03 47.50 -45.01
N LEU E 146 6.65 48.25 -43.99
CA LEU E 146 7.53 49.29 -43.48
C LEU E 146 8.73 48.62 -42.83
N VAL E 147 9.80 49.40 -42.64
CA VAL E 147 11.01 48.90 -41.94
C VAL E 147 11.49 50.02 -41.03
N CYS E 148 11.92 49.68 -39.83
CA CYS E 148 12.38 50.63 -38.83
C CYS E 148 13.78 50.24 -38.42
N LEU E 149 14.62 51.23 -38.21
CA LEU E 149 16.03 50.94 -37.87
C LEU E 149 16.49 51.80 -36.71
N ALA E 150 16.93 51.17 -35.62
CA ALA E 150 17.50 51.93 -34.50
C ALA E 150 19.00 51.84 -34.69
N THR E 151 19.73 52.90 -34.37
CA THR E 151 21.17 52.85 -34.69
C THR E 151 22.00 53.59 -33.67
N GLY E 152 23.24 53.17 -33.49
CA GLY E 152 24.17 53.88 -32.59
C GLY E 152 23.71 53.87 -31.16
N PHE E 153 23.12 52.77 -30.71
CA PHE E 153 22.58 52.78 -29.33
C PHE E 153 23.46 51.93 -28.42
N TYR E 154 23.85 52.49 -27.28
CA TYR E 154 24.58 51.70 -26.30
C TYR E 154 24.23 52.18 -24.90
N PRO E 155 23.57 51.32 -24.08
CA PRO E 155 23.49 49.89 -24.35
C PRO E 155 22.20 49.37 -24.96
N ASP E 156 21.97 48.05 -24.88
CA ASP E 156 20.78 47.43 -25.51
C ASP E 156 19.54 47.67 -24.64
N HIS E 157 19.65 48.52 -23.63
CA HIS E 157 18.46 48.86 -22.79
C HIS E 157 17.52 49.68 -23.67
N VAL E 158 16.74 49.03 -24.53
CA VAL E 158 15.91 49.77 -25.51
C VAL E 158 14.64 48.97 -25.82
N GLU E 159 13.54 49.66 -26.18
CA GLU E 159 12.30 48.97 -26.47
C GLU E 159 11.54 49.64 -27.61
N LEU E 160 11.44 48.86 -28.70
CA LEU E 160 10.92 49.35 -29.97
C LEU E 160 9.49 48.86 -30.17
N SER E 161 8.61 49.82 -30.41
CA SER E 161 7.19 49.57 -30.56
C SER E 161 6.71 50.24 -31.84
N TRP E 162 5.63 49.70 -32.42
CA TRP E 162 5.05 50.25 -33.67
C TRP E 162 3.68 50.84 -33.34
N TRP E 163 3.35 52.00 -33.90
CA TRP E 163 2.11 52.68 -33.58
C TRP E 163 1.37 53.14 -34.82
N VAL E 164 0.17 52.58 -35.01
CA VAL E 164 -0.72 52.95 -36.12
C VAL E 164 -1.91 53.77 -35.62
N ASN E 165 -1.83 55.09 -35.83
CA ASN E 165 -2.93 56.01 -35.58
C ASN E 165 -3.14 56.14 -34.08
N GLY E 166 -2.03 56.14 -33.33
CA GLY E 166 -2.08 56.39 -31.91
C GLY E 166 -2.20 55.10 -31.09
N LYS E 167 -2.56 53.98 -31.71
CA LYS E 167 -2.60 52.70 -31.02
C LYS E 167 -1.38 51.84 -31.36
N GLU E 168 -0.80 51.21 -30.34
CA GLU E 168 0.23 50.21 -30.56
C GLU E 168 -0.37 49.02 -31.30
N VAL E 169 0.47 48.39 -32.13
CA VAL E 169 0.03 47.21 -32.92
C VAL E 169 1.08 46.10 -32.74
N HIS E 170 0.67 44.85 -32.95
CA HIS E 170 1.62 43.71 -32.80
C HIS E 170 1.44 42.76 -33.98
N SER E 171 0.28 42.79 -34.62
CA SER E 171 0.05 41.94 -35.82
C SER E 171 0.83 42.52 -36.99
N GLY E 172 1.66 41.70 -37.63
CA GLY E 172 2.41 42.16 -38.81
C GLY E 172 3.76 42.71 -38.40
N VAL E 173 4.06 42.67 -37.11
CA VAL E 173 5.34 43.28 -36.64
C VAL E 173 6.29 42.17 -36.24
N CYS E 174 7.60 42.40 -36.43
CA CYS E 174 8.62 41.44 -35.98
C CYS E 174 9.92 42.22 -35.82
N THR E 175 10.39 42.36 -34.59
CA THR E 175 11.64 43.09 -34.33
C THR E 175 12.73 42.07 -34.12
N ASP E 176 13.94 42.39 -34.55
CA ASP E 176 15.08 41.46 -34.40
C ASP E 176 15.15 40.98 -32.95
N PRO E 177 15.18 39.66 -32.69
CA PRO E 177 15.32 39.16 -31.34
C PRO E 177 16.63 39.61 -30.74
N GLN E 178 17.57 40.00 -31.57
CA GLN E 178 18.88 40.39 -31.13
C GLN E 178 19.25 41.71 -31.79
N PRO E 179 20.20 42.47 -31.19
CA PRO E 179 20.74 43.63 -31.87
C PRO E 179 21.97 43.21 -32.64
N LEU E 180 22.51 44.10 -33.48
CA LEU E 180 23.73 43.88 -34.26
C LEU E 180 24.81 44.85 -33.83
N LYS E 181 25.92 44.29 -33.34
CA LYS E 181 27.13 45.07 -33.13
C LYS E 181 27.43 45.83 -34.42
N GLU E 182 27.43 47.15 -34.36
CA GLU E 182 27.77 47.96 -35.56
C GLU E 182 29.23 47.68 -35.92
N GLN E 183 30.06 47.41 -34.91
CA GLN E 183 31.46 47.09 -35.11
C GLN E 183 31.77 45.83 -34.31
N PRO E 184 31.50 44.61 -34.85
CA PRO E 184 31.63 43.37 -34.08
C PRO E 184 33.02 43.23 -33.44
N ALA E 185 34.03 43.69 -34.17
CA ALA E 185 35.42 43.75 -33.72
C ALA E 185 35.50 44.35 -32.31
N LEU E 186 35.11 45.63 -32.20
CA LEU E 186 35.30 46.44 -31.01
C LEU E 186 34.54 45.83 -29.84
N ASN E 187 34.90 46.25 -28.62
CA ASN E 187 34.55 45.53 -27.41
C ASN E 187 33.32 46.14 -26.70
N ASP E 188 33.14 47.46 -26.85
CA ASP E 188 32.02 48.21 -26.28
C ASP E 188 31.26 48.88 -27.42
N SER E 189 31.02 48.11 -28.50
CA SER E 189 30.45 48.62 -29.74
C SER E 189 29.02 49.06 -29.51
N ARG E 190 28.60 50.04 -30.31
CA ARG E 190 27.21 50.49 -30.32
C ARG E 190 26.39 49.48 -31.11
N TYR E 191 25.08 49.48 -30.90
CA TYR E 191 24.29 48.42 -31.56
C TYR E 191 23.29 49.01 -32.50
N ALA E 192 22.74 48.14 -33.32
CA ALA E 192 21.68 48.57 -34.24
C ALA E 192 20.58 47.52 -34.17
N LEU E 193 19.39 47.84 -34.63
CA LEU E 193 18.26 46.94 -34.49
C LEU E 193 17.23 47.31 -35.54
N SER E 194 16.60 46.31 -36.14
CA SER E 194 15.67 46.55 -37.22
C SER E 194 14.30 46.08 -36.81
N SER E 195 13.27 46.52 -37.51
CA SER E 195 11.91 45.99 -37.24
C SER E 195 11.09 46.13 -38.51
N ARG E 196 9.98 45.39 -38.59
CA ARG E 196 9.19 45.40 -39.84
C ARG E 196 7.71 45.43 -39.49
N LEU E 197 6.96 46.33 -40.12
CA LEU E 197 5.49 46.34 -39.93
C LEU E 197 4.87 46.08 -41.30
N ARG E 198 4.16 44.96 -41.43
CA ARG E 198 3.57 44.61 -42.74
C ARG E 198 2.06 44.80 -42.67
N VAL E 199 1.50 45.49 -43.65
CA VAL E 199 0.09 45.80 -43.69
C VAL E 199 -0.37 45.61 -45.13
N SER E 200 -1.68 45.66 -45.36
CA SER E 200 -2.19 45.47 -46.72
C SER E 200 -1.83 46.70 -47.53
N ALA E 201 -1.79 46.54 -48.85
CA ALA E 201 -1.54 47.65 -49.74
C ALA E 201 -2.62 48.70 -49.56
N THR E 202 -3.90 48.30 -49.60
CA THR E 202 -5.00 49.26 -49.58
C THR E 202 -4.88 50.13 -48.33
N PHE E 203 -4.45 49.53 -47.22
CA PHE E 203 -4.28 50.24 -45.96
C PHE E 203 -3.15 51.28 -46.01
N TRP E 204 -1.99 50.91 -46.57
CA TRP E 204 -0.85 51.81 -46.66
C TRP E 204 -1.07 52.92 -47.68
N GLN E 205 -2.06 52.72 -48.55
CA GLN E 205 -2.38 53.67 -49.60
C GLN E 205 -3.28 54.80 -49.09
N ASP E 206 -3.95 54.57 -47.96
CA ASP E 206 -4.74 55.60 -47.31
C ASP E 206 -3.83 56.70 -46.74
N PRO E 207 -3.94 57.98 -47.17
CA PRO E 207 -3.02 59.00 -46.69
C PRO E 207 -3.37 59.45 -45.27
N ARG E 208 -4.54 58.98 -44.80
CA ARG E 208 -5.03 59.30 -43.47
C ARG E 208 -4.29 58.47 -42.43
N ASN E 209 -3.69 57.32 -42.80
CA ASN E 209 -3.02 56.43 -41.84
C ASN E 209 -1.60 56.94 -41.52
N HIS E 210 -1.36 57.06 -40.21
CA HIS E 210 -0.10 57.49 -39.64
C HIS E 210 0.63 56.27 -39.08
N PHE E 211 1.89 56.05 -39.47
CA PHE E 211 2.71 54.96 -38.94
C PHE E 211 3.92 55.57 -38.21
N ARG E 212 4.19 55.05 -37.02
CA ARG E 212 5.24 55.57 -36.17
C ARG E 212 5.98 54.40 -35.57
N CYS E 213 7.31 54.54 -35.56
CA CYS E 213 8.17 53.57 -34.93
C CYS E 213 8.80 54.26 -33.74
N GLN E 214 8.73 53.62 -32.58
CA GLN E 214 9.06 54.28 -31.34
C GLN E 214 10.10 53.47 -30.60
N VAL E 215 11.19 54.13 -30.20
CA VAL E 215 12.23 53.45 -29.46
C VAL E 215 12.42 54.18 -28.13
N GLN E 216 12.09 53.47 -27.05
CA GLN E 216 12.35 54.02 -25.70
C GLN E 216 13.75 53.57 -25.29
N PHE E 217 14.57 54.49 -24.80
CA PHE E 217 15.95 54.14 -24.39
C PHE E 217 16.07 54.43 -22.93
N TYR E 218 16.61 53.46 -22.18
CA TYR E 218 16.86 53.69 -20.75
C TYR E 218 18.30 54.14 -20.67
N GLY E 219 18.55 55.31 -20.09
CA GLY E 219 19.87 55.90 -20.09
C GLY E 219 20.21 56.50 -18.73
N LEU E 220 20.83 57.69 -18.73
CA LEU E 220 21.25 58.28 -17.48
C LEU E 220 20.09 59.08 -16.88
N SER E 221 20.37 59.69 -15.71
CA SER E 221 19.39 60.40 -14.90
C SER E 221 20.03 61.63 -14.28
N GLU E 222 19.39 62.08 -13.19
CA GLU E 222 19.74 63.30 -12.48
C GLU E 222 21.15 63.21 -11.87
N ASN E 223 21.35 62.18 -11.05
CA ASN E 223 22.51 62.08 -10.19
C ASN E 223 23.68 61.38 -10.90
N ASP E 224 23.64 61.26 -12.25
CA ASP E 224 24.81 60.83 -12.99
C ASP E 224 25.55 62.05 -13.53
N GLU E 225 26.88 61.99 -13.55
CA GLU E 225 27.68 63.15 -14.01
C GLU E 225 27.94 63.06 -15.52
N TRP E 226 27.81 64.17 -16.25
CA TRP E 226 28.12 64.19 -17.70
C TRP E 226 29.18 65.25 -17.98
N THR E 227 30.41 64.83 -18.26
CA THR E 227 31.50 65.78 -18.52
C THR E 227 31.66 65.92 -20.01
N GLN E 228 31.25 64.91 -20.77
CA GLN E 228 31.42 64.94 -22.24
C GLN E 228 30.70 66.16 -22.84
N ASP E 229 31.21 66.65 -23.97
CA ASP E 229 30.60 67.84 -24.63
C ASP E 229 29.36 67.41 -25.42
N ARG E 230 29.21 66.11 -25.65
CA ARG E 230 28.01 65.60 -26.39
C ARG E 230 26.78 65.73 -25.49
N ALA E 231 25.59 65.47 -26.04
CA ALA E 231 24.37 65.64 -25.27
C ALA E 231 24.21 64.51 -24.26
N LYS E 232 23.76 64.84 -23.05
CA LYS E 232 23.71 63.86 -21.97
C LYS E 232 22.73 62.76 -22.32
N PRO E 233 23.13 61.48 -22.37
CA PRO E 233 22.29 60.45 -22.97
C PRO E 233 21.22 59.95 -22.02
N VAL E 234 20.23 60.81 -21.74
CA VAL E 234 19.26 60.51 -20.70
C VAL E 234 18.17 59.62 -21.25
N THR E 235 17.38 59.02 -20.35
CA THR E 235 16.25 58.24 -20.79
C THR E 235 15.43 59.12 -21.71
N GLN E 236 14.95 58.53 -22.80
CA GLN E 236 14.28 59.30 -23.83
C GLN E 236 13.59 58.36 -24.81
N ILE E 237 12.55 58.88 -25.46
CA ILE E 237 11.81 58.16 -26.50
C ILE E 237 12.01 58.90 -27.81
N VAL E 238 12.53 58.13 -28.79
CA VAL E 238 12.99 58.63 -30.06
C VAL E 238 12.23 57.92 -31.17
N SER E 239 11.43 58.66 -31.93
CA SER E 239 10.57 58.02 -32.89
C SER E 239 10.91 58.47 -34.33
N ALA E 240 10.13 57.93 -35.27
CA ALA E 240 10.21 58.27 -36.67
C ALA E 240 8.89 57.85 -37.32
N GLU E 241 8.44 58.65 -38.28
CA GLU E 241 7.07 58.36 -38.77
C GLU E 241 7.00 58.32 -40.29
N ALA E 242 5.85 57.89 -40.79
CA ALA E 242 5.63 57.83 -42.25
C ALA E 242 4.13 57.86 -42.45
N TRP E 243 3.69 58.57 -43.48
CA TRP E 243 2.27 58.70 -43.70
C TRP E 243 1.90 57.89 -44.93
N GLY E 244 0.70 57.31 -44.89
CA GLY E 244 0.17 56.58 -46.04
C GLY E 244 0.12 57.47 -47.28
N ARG E 245 0.30 56.83 -48.44
CA ARG E 245 0.51 57.47 -49.73
C ARG E 245 -0.33 56.79 -50.82
N ALA E 246 -1.31 57.52 -51.38
CA ALA E 246 -2.20 57.02 -52.44
C ALA E 246 -1.42 56.36 -53.59
N ASP E 247 -0.34 57.03 -54.02
CA ASP E 247 0.64 56.42 -54.91
C ASP E 247 2.05 56.71 -54.38
N GLY F 1 -38.47 -49.46 11.52
CA GLY F 1 -38.85 -48.53 12.60
C GLY F 1 -37.68 -47.64 12.98
N SER F 2 -36.77 -48.16 13.82
CA SER F 2 -35.59 -47.44 14.26
C SER F 2 -34.58 -47.34 13.12
N HIS F 3 -33.82 -46.23 13.07
CA HIS F 3 -32.82 -46.00 12.04
C HIS F 3 -31.57 -45.31 12.60
N SER F 4 -30.43 -45.63 11.96
CA SER F 4 -29.16 -44.97 12.26
C SER F 4 -28.45 -44.47 10.99
N MET F 5 -27.57 -43.46 11.18
CA MET F 5 -26.50 -43.12 10.24
C MET F 5 -25.18 -43.06 11.00
N ARG F 6 -24.14 -43.65 10.40
CA ARG F 6 -22.86 -43.76 11.07
C ARG F 6 -21.75 -43.67 10.03
N TYR F 7 -20.65 -43.05 10.45
CA TYR F 7 -19.46 -42.98 9.57
C TYR F 7 -18.33 -43.66 10.31
N PHE F 8 -17.51 -44.42 9.61
CA PHE F 8 -16.44 -45.20 10.28
C PHE F 8 -15.10 -44.79 9.73
N PHE F 9 -14.15 -44.46 10.62
CA PHE F 9 -12.85 -43.95 10.14
C PHE F 9 -11.70 -44.78 10.64
N THR F 10 -10.91 -45.34 9.73
CA THR F 10 -9.71 -46.08 10.06
C THR F 10 -8.50 -45.32 9.50
N SER F 11 -7.42 -45.16 10.27
CA SER F 11 -6.17 -44.63 9.70
C SER F 11 -4.99 -45.35 10.31
N VAL F 12 -4.05 -45.83 9.46
CA VAL F 12 -2.92 -46.64 9.93
C VAL F 12 -1.59 -46.14 9.32
N SER F 13 -0.67 -45.77 10.23
CA SER F 13 0.67 -45.35 9.84
C SER F 13 1.43 -46.48 9.13
N ARG F 14 2.28 -46.08 8.18
CA ARG F 14 3.06 -47.08 7.42
C ARG F 14 4.51 -46.60 7.31
N PRO F 15 5.32 -46.69 8.39
CA PRO F 15 6.70 -46.26 8.34
C PRO F 15 7.32 -46.76 7.06
N GLY F 16 7.83 -45.84 6.24
CA GLY F 16 8.38 -46.24 4.93
C GLY F 16 7.55 -45.65 3.82
N ARG F 17 6.27 -46.03 3.74
CA ARG F 17 5.35 -45.40 2.75
C ARG F 17 5.15 -43.95 3.17
N GLY F 18 5.41 -43.64 4.45
CA GLY F 18 5.33 -42.25 4.93
C GLY F 18 3.93 -41.70 4.88
N GLU F 19 3.05 -42.28 4.05
CA GLU F 19 1.71 -41.66 3.93
C GLU F 19 0.66 -42.55 4.60
N PRO F 20 0.10 -42.13 5.75
CA PRO F 20 -0.86 -42.95 6.48
C PRO F 20 -2.08 -43.36 5.70
N ARG F 21 -2.33 -44.67 5.61
CA ARG F 21 -3.56 -45.14 4.98
C ARG F 21 -4.76 -44.59 5.76
N PHE F 22 -5.77 -44.14 5.03
CA PHE F 22 -6.97 -43.61 5.62
C PHE F 22 -8.17 -44.06 4.79
N ILE F 23 -9.17 -44.64 5.46
CA ILE F 23 -10.36 -45.18 4.82
C ILE F 23 -11.58 -44.74 5.61
N ALA F 24 -12.55 -44.12 4.94
CA ALA F 24 -13.82 -43.78 5.58
C ALA F 24 -14.94 -44.51 4.88
N VAL F 25 -15.94 -44.94 5.65
CA VAL F 25 -17.16 -45.47 5.06
C VAL F 25 -18.35 -44.93 5.83
N GLY F 26 -19.52 -44.98 5.18
CA GLY F 26 -20.72 -44.39 5.75
C GLY F 26 -21.93 -45.30 5.55
N TYR F 27 -22.70 -45.47 6.61
CA TYR F 27 -23.81 -46.41 6.59
C TYR F 27 -25.10 -45.70 6.99
N VAL F 28 -26.20 -46.16 6.39
CA VAL F 28 -27.53 -45.92 6.92
C VAL F 28 -28.13 -47.28 7.30
N ASP F 29 -28.51 -47.44 8.58
CA ASP F 29 -28.78 -48.76 9.13
C ASP F 29 -27.62 -49.63 8.66
N ASP F 30 -27.92 -50.81 8.08
CA ASP F 30 -26.90 -51.78 7.74
C ASP F 30 -26.52 -51.72 6.25
N THR F 31 -26.83 -50.61 5.55
CA THR F 31 -26.53 -50.42 4.13
C THR F 31 -25.45 -49.36 3.97
N GLN F 32 -24.30 -49.70 3.35
CA GLN F 32 -23.22 -48.75 3.11
C GLN F 32 -23.57 -47.86 1.92
N PHE F 33 -23.27 -46.54 1.98
CA PHE F 33 -23.61 -45.61 0.90
C PHE F 33 -22.45 -44.75 0.40
N VAL F 34 -21.42 -44.47 1.21
CA VAL F 34 -20.29 -43.68 0.72
C VAL F 34 -18.98 -44.33 1.18
N ARG F 35 -17.91 -44.06 0.45
CA ARG F 35 -16.58 -44.46 0.89
C ARG F 35 -15.54 -43.47 0.41
N PHE F 36 -14.39 -43.51 1.09
CA PHE F 36 -13.21 -42.76 0.70
C PHE F 36 -12.01 -43.60 1.08
N ASP F 37 -11.03 -43.68 0.18
CA ASP F 37 -9.84 -44.48 0.42
C ASP F 37 -8.64 -43.67 -0.07
N SER F 38 -7.74 -43.31 0.86
CA SER F 38 -6.57 -42.51 0.54
C SER F 38 -5.71 -43.14 -0.58
N ASP F 39 -5.88 -44.44 -0.81
CA ASP F 39 -5.03 -45.15 -1.76
C ASP F 39 -5.66 -45.19 -3.17
N ALA F 40 -6.94 -44.80 -3.25
CA ALA F 40 -7.71 -44.94 -4.48
C ALA F 40 -7.35 -43.84 -5.48
N ALA F 41 -7.78 -44.06 -6.72
CA ALA F 41 -7.50 -43.15 -7.81
C ALA F 41 -8.24 -41.82 -7.63
N SER F 42 -9.55 -41.90 -7.38
CA SER F 42 -10.45 -40.75 -7.51
C SER F 42 -10.11 -39.63 -6.53
N GLN F 43 -9.63 -39.96 -5.34
CA GLN F 43 -9.32 -38.93 -4.35
C GLN F 43 -10.56 -38.08 -4.07
N ARG F 44 -11.75 -38.62 -4.39
CA ARG F 44 -13.02 -38.05 -3.95
C ARG F 44 -13.81 -39.09 -3.15
N MET F 45 -14.80 -38.59 -2.39
CA MET F 45 -15.82 -39.44 -1.80
C MET F 45 -16.63 -40.08 -2.93
N GLU F 46 -16.77 -41.41 -2.93
CA GLU F 46 -17.44 -42.13 -4.00
C GLU F 46 -18.75 -42.74 -3.50
N PRO F 47 -19.74 -42.99 -4.38
CA PRO F 47 -20.99 -43.62 -3.98
C PRO F 47 -20.89 -45.15 -3.98
N ARG F 48 -21.60 -45.78 -3.02
CA ARG F 48 -21.62 -47.23 -2.86
C ARG F 48 -23.06 -47.73 -2.76
N ALA F 49 -23.99 -46.99 -3.37
CA ALA F 49 -25.42 -47.25 -3.26
C ALA F 49 -26.15 -46.44 -4.33
N PRO F 50 -27.10 -47.02 -5.10
CA PRO F 50 -27.82 -46.24 -6.11
C PRO F 50 -28.45 -44.91 -5.68
N TRP F 51 -29.12 -44.90 -4.53
CA TRP F 51 -29.93 -43.71 -4.14
C TRP F 51 -29.10 -42.47 -3.87
N ILE F 52 -27.86 -42.64 -3.43
CA ILE F 52 -27.04 -41.48 -3.07
C ILE F 52 -26.48 -40.84 -4.34
N GLU F 53 -26.51 -41.57 -5.47
CA GLU F 53 -25.95 -41.07 -6.72
C GLU F 53 -26.77 -39.86 -7.20
N GLN F 54 -28.06 -39.82 -6.84
CA GLN F 54 -28.97 -38.75 -7.27
C GLN F 54 -28.53 -37.40 -6.70
N GLU F 55 -27.79 -37.41 -5.57
CA GLU F 55 -27.27 -36.20 -4.97
C GLU F 55 -26.42 -35.46 -5.98
N GLY F 56 -26.57 -34.12 -5.98
CA GLY F 56 -25.93 -33.25 -6.94
C GLY F 56 -24.44 -33.04 -6.65
N PRO F 57 -23.69 -32.36 -7.54
CA PRO F 57 -22.24 -32.28 -7.40
C PRO F 57 -21.78 -31.31 -6.30
N GLU F 58 -22.68 -30.45 -5.80
CA GLU F 58 -22.34 -29.59 -4.66
C GLU F 58 -22.13 -30.48 -3.44
N TYR F 59 -22.91 -31.57 -3.36
CA TYR F 59 -22.83 -32.58 -2.32
C TYR F 59 -21.45 -33.26 -2.38
N TRP F 60 -21.13 -33.88 -3.53
CA TRP F 60 -19.91 -34.65 -3.66
C TRP F 60 -18.67 -33.78 -3.40
N ASP F 61 -18.65 -32.57 -3.97
CA ASP F 61 -17.68 -31.55 -3.61
C ASP F 61 -17.57 -31.43 -2.09
N GLY F 62 -18.69 -31.12 -1.44
CA GLY F 62 -18.73 -30.82 -0.02
C GLY F 62 -18.28 -31.97 0.88
N GLU F 63 -18.55 -33.21 0.45
CA GLU F 63 -18.15 -34.38 1.20
C GLU F 63 -16.68 -34.69 0.98
N THR F 64 -16.24 -34.60 -0.28
CA THR F 64 -14.82 -34.76 -0.57
C THR F 64 -14.01 -33.76 0.25
N ARG F 65 -14.54 -32.55 0.42
CA ARG F 65 -13.83 -31.49 1.12
C ARG F 65 -13.70 -31.93 2.58
N LYS F 66 -14.83 -32.23 3.20
CA LYS F 66 -14.91 -32.61 4.59
C LYS F 66 -14.04 -33.82 4.90
N VAL F 67 -14.02 -34.81 3.98
CA VAL F 67 -13.36 -36.07 4.25
C VAL F 67 -11.84 -35.84 4.25
N LYS F 68 -11.39 -34.99 3.32
CA LYS F 68 -9.99 -34.61 3.29
C LYS F 68 -9.62 -33.91 4.60
N ALA F 69 -10.53 -33.14 5.17
CA ALA F 69 -10.24 -32.51 6.45
C ALA F 69 -10.11 -33.58 7.52
N HIS F 70 -10.98 -34.59 7.43
CA HIS F 70 -10.86 -35.71 8.38
C HIS F 70 -9.48 -36.33 8.17
N SER F 71 -9.18 -36.68 6.92
CA SER F 71 -7.93 -37.37 6.65
C SER F 71 -6.75 -36.63 7.30
N GLN F 72 -6.80 -35.29 7.19
CA GLN F 72 -5.79 -34.44 7.76
C GLN F 72 -5.78 -34.52 9.28
N THR F 73 -6.94 -34.27 9.90
CA THR F 73 -6.93 -34.25 11.37
C THR F 73 -6.31 -35.54 11.86
N HIS F 74 -6.55 -36.64 11.16
CA HIS F 74 -6.03 -37.96 11.61
C HIS F 74 -4.51 -38.00 11.46
N ARG F 75 -4.01 -37.78 10.25
CA ARG F 75 -2.57 -37.82 10.02
C ARG F 75 -1.85 -37.16 11.20
N VAL F 76 -2.41 -36.06 11.70
CA VAL F 76 -1.84 -35.29 12.81
C VAL F 76 -2.00 -36.10 14.09
N ASP F 77 -3.23 -36.54 14.35
CA ASP F 77 -3.51 -37.32 15.57
C ASP F 77 -2.50 -38.46 15.66
N LEU F 78 -2.29 -39.19 14.58
CA LEU F 78 -1.39 -40.33 14.62
C LEU F 78 -0.11 -39.95 15.36
N GLY F 79 0.49 -38.85 14.93
CA GLY F 79 1.70 -38.35 15.56
C GLY F 79 1.43 -37.90 16.99
N THR F 80 0.28 -37.27 17.27
CA THR F 80 0.02 -36.71 18.59
C THR F 80 0.11 -37.84 19.62
N LEU F 81 -0.59 -38.95 19.30
CA LEU F 81 -0.70 -40.10 20.16
C LEU F 81 0.67 -40.76 20.30
N ARG F 82 1.38 -40.88 19.18
CA ARG F 82 2.72 -41.42 19.20
C ARG F 82 3.51 -40.75 20.32
N GLY F 83 3.31 -39.45 20.50
CA GLY F 83 4.06 -38.69 21.47
C GLY F 83 3.48 -38.82 22.88
N TYR F 84 2.13 -38.87 22.95
CA TYR F 84 1.44 -39.03 24.22
C TYR F 84 1.79 -40.38 24.88
N TYR F 85 1.75 -41.46 24.08
CA TYR F 85 2.06 -42.81 24.53
C TYR F 85 3.55 -43.09 24.40
N ASN F 86 4.36 -42.03 24.24
CA ASN F 86 5.81 -42.12 24.27
C ASN F 86 6.30 -43.32 23.42
N GLN F 87 5.81 -43.44 22.18
CA GLN F 87 6.14 -44.54 21.28
C GLN F 87 7.11 -44.06 20.21
N SER F 88 7.75 -45.01 19.52
CA SER F 88 8.77 -44.70 18.53
C SER F 88 8.17 -44.74 17.12
N GLU F 89 8.98 -44.26 16.15
CA GLU F 89 8.61 -44.18 14.74
C GLU F 89 8.61 -45.56 14.06
N ALA F 90 9.18 -46.59 14.68
CA ALA F 90 9.36 -47.86 13.98
C ALA F 90 8.02 -48.57 13.78
N GLY F 91 7.09 -48.42 14.73
CA GLY F 91 5.86 -49.21 14.78
C GLY F 91 4.75 -48.60 13.92
N SER F 92 3.89 -49.49 13.38
CA SER F 92 2.63 -49.09 12.78
C SER F 92 1.56 -48.99 13.88
N HIS F 93 0.72 -47.95 13.82
CA HIS F 93 -0.35 -47.80 14.80
C HIS F 93 -1.64 -47.50 14.06
N THR F 94 -2.77 -47.68 14.77
CA THR F 94 -4.10 -47.61 14.17
C THR F 94 -4.94 -46.64 14.99
N VAL F 95 -5.57 -45.69 14.30
CA VAL F 95 -6.49 -44.74 14.97
C VAL F 95 -7.87 -44.93 14.33
N GLN F 96 -8.86 -45.28 15.14
CA GLN F 96 -10.23 -45.51 14.61
C GLN F 96 -11.14 -44.42 15.18
N ARG F 97 -12.02 -43.90 14.34
CA ARG F 97 -12.98 -42.88 14.82
C ARG F 97 -14.36 -43.28 14.31
N MET F 98 -15.39 -43.04 15.13
CA MET F 98 -16.76 -43.40 14.71
C MET F 98 -17.73 -42.34 15.24
N TYR F 99 -18.70 -41.96 14.42
CA TYR F 99 -19.74 -41.02 14.91
C TYR F 99 -21.00 -41.31 14.11
N GLY F 100 -22.14 -40.84 14.62
CA GLY F 100 -23.40 -41.13 13.99
C GLY F 100 -24.56 -40.66 14.86
N CYS F 101 -25.78 -41.01 14.47
CA CYS F 101 -26.96 -40.70 15.28
C CYS F 101 -28.05 -41.74 15.04
N ASP F 102 -29.05 -41.74 15.93
CA ASP F 102 -30.13 -42.71 15.93
C ASP F 102 -31.48 -42.04 16.09
N VAL F 103 -32.50 -42.57 15.41
CA VAL F 103 -33.85 -42.05 15.54
C VAL F 103 -34.87 -43.18 15.61
N GLY F 104 -36.00 -42.92 16.30
CA GLY F 104 -37.10 -43.88 16.37
C GLY F 104 -37.87 -43.99 15.04
N SER F 105 -39.10 -44.53 15.07
CA SER F 105 -39.98 -44.57 13.91
C SER F 105 -40.59 -43.19 13.67
N ASP F 106 -40.70 -42.41 14.76
CA ASP F 106 -41.10 -41.02 14.71
C ASP F 106 -40.06 -40.24 13.90
N TRP F 107 -38.88 -40.85 13.70
CA TRP F 107 -37.72 -40.27 13.03
C TRP F 107 -37.13 -39.10 13.83
N ARG F 108 -37.35 -39.10 15.16
CA ARG F 108 -36.78 -38.06 16.02
C ARG F 108 -35.48 -38.56 16.66
N PHE F 109 -34.65 -37.62 17.11
CA PHE F 109 -33.39 -37.96 17.74
C PHE F 109 -33.60 -38.84 18.97
N LEU F 110 -32.82 -39.94 19.06
CA LEU F 110 -32.76 -40.79 20.23
C LEU F 110 -31.41 -40.64 20.93
N ARG F 111 -30.34 -41.04 20.24
CA ARG F 111 -29.02 -40.87 20.82
C ARG F 111 -28.02 -40.53 19.70
N GLY F 112 -26.85 -40.02 20.12
CA GLY F 112 -25.74 -39.70 19.23
C GLY F 112 -24.41 -40.24 19.74
N TYR F 113 -23.40 -40.29 18.88
CA TYR F 113 -22.12 -40.91 19.18
C TYR F 113 -20.97 -40.10 18.57
N HIS F 114 -19.82 -40.16 19.24
CA HIS F 114 -18.55 -39.55 18.73
C HIS F 114 -17.45 -40.21 19.56
N GLN F 115 -16.84 -41.27 19.03
CA GLN F 115 -15.86 -42.03 19.86
C GLN F 115 -14.53 -42.24 19.12
N TYR F 116 -13.48 -42.56 19.89
CA TYR F 116 -12.13 -42.75 19.28
C TYR F 116 -11.46 -43.97 19.85
N ALA F 117 -10.57 -44.58 19.07
CA ALA F 117 -9.83 -45.75 19.49
C ALA F 117 -8.41 -45.72 18.94
N TYR F 118 -7.45 -46.17 19.74
CA TYR F 118 -6.06 -46.23 19.32
C TYR F 118 -5.51 -47.63 19.57
N ASP F 119 -5.12 -48.33 18.50
CA ASP F 119 -4.46 -49.67 18.63
C ASP F 119 -5.42 -50.73 19.19
N GLY F 120 -6.70 -50.69 18.84
CA GLY F 120 -7.63 -51.75 19.22
C GLY F 120 -8.29 -51.52 20.58
N LYS F 121 -8.12 -50.32 21.12
CA LYS F 121 -8.65 -50.03 22.47
C LYS F 121 -9.24 -48.60 22.52
N ASP F 122 -10.27 -48.40 23.33
CA ASP F 122 -10.86 -47.09 23.53
C ASP F 122 -9.79 -46.03 23.82
N TYR F 123 -10.11 -44.79 23.43
CA TYR F 123 -9.24 -43.65 23.66
C TYR F 123 -10.07 -42.55 24.35
N ILE F 124 -11.00 -41.96 23.60
CA ILE F 124 -11.90 -40.99 24.17
C ILE F 124 -13.22 -41.12 23.45
N ALA F 125 -14.29 -40.72 24.14
CA ALA F 125 -15.63 -40.83 23.62
C ALA F 125 -16.53 -39.85 24.34
N LEU F 126 -17.60 -39.48 23.65
CA LEU F 126 -18.54 -38.51 24.15
C LEU F 126 -19.63 -39.28 24.87
N LYS F 127 -19.92 -38.88 26.11
CA LYS F 127 -20.94 -39.53 26.94
C LYS F 127 -22.28 -39.43 26.24
N GLU F 128 -23.29 -40.12 26.77
CA GLU F 128 -24.59 -40.18 26.13
C GLU F 128 -25.29 -38.82 26.16
N ASP F 129 -25.00 -37.98 27.16
CA ASP F 129 -25.65 -36.67 27.31
C ASP F 129 -25.00 -35.62 26.37
N LEU F 130 -23.91 -36.04 25.71
CA LEU F 130 -23.21 -35.24 24.72
C LEU F 130 -22.78 -33.90 25.32
N ARG F 131 -22.56 -33.84 26.65
CA ARG F 131 -22.08 -32.62 27.28
C ARG F 131 -20.69 -32.78 27.87
N SER F 132 -20.13 -34.01 27.83
CA SER F 132 -18.91 -34.34 28.53
C SER F 132 -18.30 -35.64 27.97
N TRP F 133 -17.08 -35.95 28.40
CA TRP F 133 -16.22 -36.92 27.74
C TRP F 133 -15.86 -38.08 28.69
N THR F 134 -15.56 -39.25 28.12
CA THR F 134 -14.99 -40.36 28.87
C THR F 134 -13.57 -40.59 28.36
N ALA F 135 -12.60 -40.40 29.26
CA ALA F 135 -11.22 -40.67 28.93
C ALA F 135 -10.84 -42.07 29.42
N ALA F 136 -10.51 -42.94 28.46
CA ALA F 136 -10.21 -44.32 28.73
C ALA F 136 -9.00 -44.47 29.63
N ASP F 137 -8.02 -43.54 29.56
CA ASP F 137 -6.79 -43.67 30.34
C ASP F 137 -6.28 -42.30 30.75
N MET F 138 -4.97 -42.22 31.05
CA MET F 138 -4.35 -40.97 31.45
C MET F 138 -3.99 -40.15 30.20
N ALA F 139 -3.48 -40.81 29.16
CA ALA F 139 -3.14 -40.13 27.92
C ALA F 139 -4.32 -39.27 27.47
N ALA F 140 -5.50 -39.89 27.33
CA ALA F 140 -6.64 -39.22 26.74
C ALA F 140 -7.23 -38.17 27.71
N GLN F 141 -6.79 -38.20 28.96
CA GLN F 141 -7.16 -37.20 29.94
C GLN F 141 -6.76 -35.83 29.40
N THR F 142 -5.61 -35.78 28.70
CA THR F 142 -5.06 -34.56 28.14
C THR F 142 -6.03 -33.98 27.10
N THR F 143 -6.51 -34.85 26.20
CA THR F 143 -7.44 -34.46 25.16
C THR F 143 -8.73 -33.96 25.80
N LYS F 144 -9.16 -34.64 26.87
CA LYS F 144 -10.40 -34.25 27.53
C LYS F 144 -10.27 -32.82 28.04
N HIS F 145 -9.28 -32.55 28.91
CA HIS F 145 -9.07 -31.23 29.49
C HIS F 145 -9.11 -30.14 28.43
N LYS F 146 -8.59 -30.45 27.23
CA LYS F 146 -8.51 -29.49 26.12
C LYS F 146 -9.92 -29.20 25.60
N TRP F 147 -10.59 -30.26 25.16
CA TRP F 147 -11.89 -30.13 24.51
C TRP F 147 -12.97 -29.63 25.45
N GLU F 148 -12.71 -29.72 26.77
CA GLU F 148 -13.63 -29.20 27.76
C GLU F 148 -13.53 -27.69 27.72
N ALA F 149 -12.31 -27.18 27.92
CA ALA F 149 -12.07 -25.74 27.97
C ALA F 149 -12.59 -25.08 26.71
N ALA F 150 -12.47 -25.76 25.56
CA ALA F 150 -12.74 -25.20 24.23
C ALA F 150 -14.14 -25.58 23.70
N HIS F 151 -15.05 -25.91 24.61
CA HIS F 151 -16.47 -26.19 24.26
C HIS F 151 -16.62 -26.91 22.93
N VAL F 152 -15.89 -27.99 22.72
CA VAL F 152 -16.05 -28.81 21.48
C VAL F 152 -17.42 -29.50 21.54
N ALA F 153 -17.94 -29.73 22.74
CA ALA F 153 -19.22 -30.45 22.91
C ALA F 153 -20.34 -29.75 22.15
N GLU F 154 -20.79 -28.61 22.66
CA GLU F 154 -21.95 -27.90 22.03
C GLU F 154 -21.90 -28.12 20.52
N GLN F 155 -20.77 -27.79 19.91
CA GLN F 155 -20.61 -27.94 18.45
C GLN F 155 -20.96 -29.37 18.04
N LEU F 156 -20.11 -30.33 18.39
CA LEU F 156 -20.35 -31.73 17.99
C LEU F 156 -21.80 -32.11 18.29
N ARG F 157 -22.30 -31.73 19.46
CA ARG F 157 -23.68 -32.12 19.85
C ARG F 157 -24.68 -31.64 18.81
N ALA F 158 -24.71 -30.34 18.55
CA ALA F 158 -25.72 -29.79 17.62
C ALA F 158 -25.68 -30.52 16.29
N TYR F 159 -24.50 -30.96 15.85
CA TYR F 159 -24.45 -31.76 14.60
C TYR F 159 -25.18 -33.03 14.82
N LEU F 160 -25.01 -33.64 15.98
CA LEU F 160 -25.56 -34.97 16.19
C LEU F 160 -27.08 -34.93 16.46
N GLU F 161 -27.54 -33.97 17.26
CA GLU F 161 -28.97 -33.79 17.50
C GLU F 161 -29.67 -33.18 16.28
N GLY F 162 -28.94 -32.33 15.52
CA GLY F 162 -29.53 -31.54 14.44
C GLY F 162 -29.21 -32.12 13.07
N THR F 163 -28.04 -31.75 12.57
CA THR F 163 -27.66 -32.00 11.19
C THR F 163 -27.81 -33.48 10.86
N CYS F 164 -27.14 -34.29 11.68
CA CYS F 164 -27.03 -35.71 11.46
C CYS F 164 -28.40 -36.33 11.18
N VAL F 165 -29.36 -35.96 12.01
CA VAL F 165 -30.73 -36.41 11.92
C VAL F 165 -31.34 -36.08 10.57
N GLU F 166 -31.26 -34.79 10.22
CA GLU F 166 -31.90 -34.28 9.03
C GLU F 166 -31.36 -35.01 7.80
N TRP F 167 -30.05 -35.29 7.80
CA TRP F 167 -29.44 -35.97 6.66
C TRP F 167 -29.94 -37.40 6.55
N LEU F 168 -30.02 -38.08 7.70
CA LEU F 168 -30.63 -39.39 7.75
C LEU F 168 -32.05 -39.32 7.17
N ARG F 169 -32.90 -38.43 7.72
CA ARG F 169 -34.29 -38.38 7.31
C ARG F 169 -34.34 -38.21 5.79
N ARG F 170 -33.37 -37.46 5.27
CA ARG F 170 -33.30 -37.24 3.84
C ARG F 170 -32.94 -38.54 3.14
N TYR F 171 -31.81 -39.14 3.50
CA TYR F 171 -31.38 -40.40 2.91
C TYR F 171 -32.49 -41.46 2.95
N LEU F 172 -33.34 -41.43 3.99
CA LEU F 172 -34.39 -42.42 4.15
C LEU F 172 -35.49 -42.23 3.11
N GLU F 173 -35.89 -40.98 2.85
CA GLU F 173 -36.86 -40.70 1.79
C GLU F 173 -36.25 -41.04 0.44
N ASN F 174 -35.02 -40.59 0.19
CA ASN F 174 -34.45 -40.70 -1.13
C ASN F 174 -34.26 -42.15 -1.53
N GLY F 175 -34.01 -43.00 -0.54
CA GLY F 175 -33.77 -44.44 -0.81
C GLY F 175 -34.83 -45.30 -0.18
N LYS F 176 -35.97 -44.70 0.20
CA LYS F 176 -37.10 -45.47 0.77
C LYS F 176 -37.12 -46.89 0.20
N GLU F 177 -37.33 -47.01 -1.10
CA GLU F 177 -37.42 -48.35 -1.76
C GLU F 177 -36.45 -49.33 -1.10
N THR F 178 -35.18 -48.96 -0.96
CA THR F 178 -34.18 -49.90 -0.43
C THR F 178 -34.11 -49.77 1.07
N LEU F 179 -33.67 -48.62 1.57
CA LEU F 179 -33.45 -48.47 3.03
C LEU F 179 -34.68 -48.85 3.84
N GLN F 180 -35.85 -48.29 3.54
CA GLN F 180 -37.03 -48.55 4.41
C GLN F 180 -37.82 -49.79 3.97
N ARG F 181 -37.13 -50.83 3.50
CA ARG F 181 -37.83 -52.07 3.12
C ARG F 181 -37.80 -53.08 4.28
N THR F 182 -38.82 -53.94 4.37
CA THR F 182 -38.75 -55.00 5.34
C THR F 182 -38.74 -56.32 4.57
N ASP F 183 -37.59 -57.00 4.57
CA ASP F 183 -37.44 -58.30 3.94
C ASP F 183 -37.46 -59.43 4.99
N ALA F 184 -38.63 -60.09 5.13
CA ALA F 184 -38.82 -61.14 6.13
C ALA F 184 -37.99 -62.36 5.76
N PRO F 185 -37.42 -63.08 6.73
CA PRO F 185 -36.51 -64.18 6.41
C PRO F 185 -37.21 -65.38 5.78
N LYS F 186 -36.54 -65.99 4.79
CA LYS F 186 -36.90 -67.30 4.27
C LYS F 186 -36.27 -68.34 5.18
N THR F 187 -37.09 -69.28 5.71
CA THR F 187 -36.68 -70.18 6.79
C THR F 187 -36.90 -71.64 6.39
N HIS F 188 -35.91 -72.48 6.74
CA HIS F 188 -36.00 -73.92 6.57
C HIS F 188 -35.21 -74.59 7.71
N MET F 189 -35.36 -75.91 7.90
CA MET F 189 -34.60 -76.65 8.90
C MET F 189 -34.04 -77.92 8.26
N THR F 190 -32.80 -78.30 8.61
CA THR F 190 -32.16 -79.49 8.06
C THR F 190 -31.75 -80.46 9.17
N HIS F 191 -31.67 -81.74 8.77
CA HIS F 191 -31.38 -82.84 9.68
C HIS F 191 -30.18 -83.62 9.14
N HIS F 192 -29.09 -83.67 9.91
CA HIS F 192 -27.92 -84.46 9.57
C HIS F 192 -27.60 -85.38 10.74
N ALA F 193 -27.51 -86.69 10.49
CA ALA F 193 -27.26 -87.66 11.55
C ALA F 193 -25.75 -87.82 11.81
N VAL F 194 -25.26 -87.25 12.92
CA VAL F 194 -23.84 -87.25 13.24
C VAL F 194 -23.44 -88.60 13.86
N SER F 195 -24.34 -89.25 14.61
CA SER F 195 -24.13 -90.63 15.02
C SER F 195 -25.45 -91.40 14.94
N ASP F 196 -25.40 -92.70 15.23
CA ASP F 196 -26.62 -93.49 15.45
C ASP F 196 -27.33 -92.97 16.70
N HIS F 197 -26.58 -92.22 17.53
CA HIS F 197 -27.04 -91.69 18.81
C HIS F 197 -27.58 -90.27 18.67
N GLU F 198 -26.69 -89.28 18.57
CA GLU F 198 -27.08 -87.88 18.47
C GLU F 198 -27.45 -87.58 16.98
N ALA F 199 -28.08 -86.42 16.72
CA ALA F 199 -28.43 -85.96 15.38
C ALA F 199 -28.62 -84.45 15.40
N THR F 200 -28.13 -83.72 14.37
CA THR F 200 -28.02 -82.26 14.45
C THR F 200 -29.10 -81.59 13.62
N LEU F 201 -29.86 -80.70 14.27
CA LEU F 201 -30.95 -79.93 13.67
C LEU F 201 -30.46 -78.53 13.42
N ARG F 202 -30.48 -78.08 12.15
CA ARG F 202 -29.99 -76.73 11.79
C ARG F 202 -31.15 -75.85 11.31
N CYS F 203 -31.35 -74.71 11.95
CA CYS F 203 -32.41 -73.80 11.60
C CYS F 203 -31.86 -72.59 10.86
N TRP F 204 -32.38 -72.37 9.64
CA TRP F 204 -31.82 -71.32 8.76
C TRP F 204 -32.75 -70.14 8.55
N ALA F 205 -32.18 -68.94 8.44
CA ALA F 205 -32.87 -67.70 8.09
C ALA F 205 -32.07 -66.98 7.01
N LEU F 206 -32.66 -66.91 5.81
CA LEU F 206 -31.90 -66.36 4.68
C LEU F 206 -32.66 -65.22 4.00
N SER F 207 -31.93 -64.36 3.31
CA SER F 207 -32.46 -63.25 2.52
C SER F 207 -33.28 -62.27 3.36
N PHE F 208 -32.72 -61.77 4.48
CA PHE F 208 -33.45 -60.85 5.34
C PHE F 208 -32.72 -59.50 5.42
N TYR F 209 -33.54 -58.46 5.63
CA TYR F 209 -33.00 -57.09 5.86
C TYR F 209 -34.11 -56.42 6.67
N PRO F 210 -33.83 -55.77 7.82
CA PRO F 210 -32.45 -55.59 8.29
C PRO F 210 -31.80 -56.85 8.90
N ALA F 211 -30.58 -56.69 9.45
CA ALA F 211 -29.76 -57.79 9.94
C ALA F 211 -30.17 -58.22 11.36
N GLU F 212 -30.75 -57.27 12.11
CA GLU F 212 -31.29 -57.57 13.42
C GLU F 212 -32.33 -58.68 13.30
N ILE F 213 -32.00 -59.82 13.94
CA ILE F 213 -32.84 -61.01 14.01
C ILE F 213 -32.66 -61.65 15.40
N THR F 214 -33.50 -62.64 15.75
CA THR F 214 -33.29 -63.53 16.87
C THR F 214 -33.63 -64.96 16.44
N LEU F 215 -32.72 -65.91 16.64
CA LEU F 215 -33.04 -67.33 16.55
C LEU F 215 -32.83 -67.99 17.90
N THR F 216 -33.87 -68.62 18.45
CA THR F 216 -33.69 -69.41 19.66
C THR F 216 -34.26 -70.80 19.45
N TRP F 217 -33.62 -71.80 20.07
CA TRP F 217 -34.16 -73.15 20.14
C TRP F 217 -34.98 -73.34 21.42
N GLN F 218 -36.07 -74.11 21.34
CA GLN F 218 -36.87 -74.47 22.50
C GLN F 218 -37.05 -75.99 22.59
N ARG F 219 -36.84 -76.57 23.78
CA ARG F 219 -37.22 -77.96 24.03
C ARG F 219 -38.52 -77.95 24.83
N ASP F 220 -39.54 -78.65 24.30
CA ASP F 220 -40.86 -78.69 24.89
C ASP F 220 -41.26 -77.28 25.34
N GLY F 221 -41.04 -76.30 24.47
CA GLY F 221 -41.48 -74.92 24.69
C GLY F 221 -40.76 -74.19 25.83
N GLU F 222 -39.56 -74.68 26.22
CA GLU F 222 -38.70 -73.99 27.20
C GLU F 222 -37.35 -73.71 26.59
N ASP F 223 -36.89 -72.46 26.68
CA ASP F 223 -35.64 -72.06 25.98
C ASP F 223 -34.50 -73.05 26.23
N GLN F 224 -33.97 -73.65 25.16
CA GLN F 224 -32.80 -74.56 25.29
C GLN F 224 -31.57 -73.80 24.78
N THR F 225 -30.43 -73.95 25.47
CA THR F 225 -29.23 -73.20 25.10
C THR F 225 -28.02 -74.02 25.43
N GLN F 226 -28.21 -75.24 25.94
CA GLN F 226 -27.07 -76.04 26.42
C GLN F 226 -26.20 -76.47 25.23
N ASP F 227 -26.72 -77.35 24.40
CA ASP F 227 -25.93 -77.83 23.22
C ASP F 227 -26.39 -77.05 21.99
N THR F 228 -26.08 -75.75 21.95
CA THR F 228 -26.58 -74.90 20.85
C THR F 228 -25.47 -74.11 20.22
N GLU F 229 -25.33 -74.17 18.89
CA GLU F 229 -24.36 -73.36 18.15
C GLU F 229 -25.11 -72.35 17.29
N LEU F 230 -24.64 -71.09 17.30
CA LEU F 230 -25.30 -69.97 16.65
C LEU F 230 -24.26 -69.13 15.91
N VAL F 231 -24.21 -69.17 14.58
CA VAL F 231 -23.22 -68.39 13.83
C VAL F 231 -23.58 -66.90 13.87
N GLU F 232 -22.51 -66.06 13.89
CA GLU F 232 -22.55 -64.60 13.72
C GLU F 232 -23.38 -64.27 12.48
N THR F 233 -24.32 -63.31 12.57
CA THR F 233 -25.13 -62.91 11.42
C THR F 233 -24.19 -62.48 10.29
N ARG F 234 -24.38 -63.05 9.11
CA ARG F 234 -23.45 -62.79 7.99
C ARG F 234 -24.15 -62.11 6.80
N PRO F 235 -23.43 -61.30 6.01
CA PRO F 235 -23.98 -60.64 4.83
C PRO F 235 -23.90 -61.52 3.59
N ALA F 236 -24.96 -61.50 2.79
CA ALA F 236 -25.14 -62.45 1.71
C ALA F 236 -24.39 -62.01 0.46
N GLY F 237 -24.09 -60.70 0.37
CA GLY F 237 -23.46 -60.12 -0.80
C GLY F 237 -24.43 -59.16 -1.49
N ASP F 238 -25.73 -59.50 -1.48
CA ASP F 238 -26.72 -58.80 -2.28
C ASP F 238 -27.66 -57.93 -1.42
N GLY F 239 -27.16 -57.42 -0.30
CA GLY F 239 -27.91 -56.49 0.54
C GLY F 239 -28.69 -57.18 1.66
N THR F 240 -28.75 -58.53 1.62
CA THR F 240 -29.54 -59.31 2.56
C THR F 240 -28.60 -60.04 3.53
N PHE F 241 -29.20 -60.66 4.55
CA PHE F 241 -28.40 -61.30 5.60
C PHE F 241 -28.78 -62.76 5.78
N GLN F 242 -27.90 -63.47 6.50
CA GLN F 242 -28.07 -64.88 6.78
C GLN F 242 -27.71 -65.16 8.23
N LYS F 243 -28.44 -66.09 8.85
CA LYS F 243 -28.09 -66.65 10.15
C LYS F 243 -28.58 -68.08 10.23
N TRP F 244 -27.91 -68.89 11.06
CA TRP F 244 -28.39 -70.27 11.33
C TRP F 244 -28.09 -70.71 12.77
N ALA F 245 -29.03 -71.42 13.40
CA ALA F 245 -28.88 -71.95 14.75
C ALA F 245 -28.96 -73.47 14.70
N ALA F 246 -28.16 -74.13 15.55
CA ALA F 246 -28.08 -75.58 15.56
C ALA F 246 -28.27 -76.17 16.97
N VAL F 247 -28.82 -77.39 17.02
CA VAL F 247 -28.92 -78.17 18.25
C VAL F 247 -28.58 -79.63 17.92
N VAL F 248 -27.66 -80.19 18.68
CA VAL F 248 -27.39 -81.61 18.63
C VAL F 248 -28.33 -82.28 19.62
N VAL F 249 -28.88 -83.45 19.26
CA VAL F 249 -30.11 -83.93 19.85
C VAL F 249 -30.10 -85.44 19.94
N PRO F 250 -30.52 -86.00 21.07
CA PRO F 250 -30.82 -87.43 21.14
C PRO F 250 -31.84 -87.88 20.09
N SER F 251 -31.44 -88.84 19.24
CA SER F 251 -32.27 -89.26 18.13
C SER F 251 -33.52 -89.95 18.64
N GLY F 252 -34.66 -89.69 17.98
CA GLY F 252 -35.96 -90.11 18.48
C GLY F 252 -36.66 -88.96 19.20
N GLN F 253 -35.90 -87.94 19.62
CA GLN F 253 -36.47 -86.85 20.39
C GLN F 253 -36.54 -85.60 19.52
N GLU F 254 -36.52 -85.78 18.19
CA GLU F 254 -36.32 -84.65 17.29
C GLU F 254 -37.47 -83.66 17.46
N GLN F 255 -38.71 -84.17 17.57
CA GLN F 255 -39.88 -83.31 17.50
C GLN F 255 -40.11 -82.60 18.84
N ARG F 256 -39.21 -82.75 19.81
CA ARG F 256 -39.34 -82.05 21.07
C ARG F 256 -38.84 -80.61 20.90
N TYR F 257 -38.07 -80.39 19.84
CA TYR F 257 -37.37 -79.12 19.62
C TYR F 257 -38.06 -78.28 18.52
N THR F 258 -38.13 -76.96 18.79
CA THR F 258 -38.69 -75.97 17.88
C THR F 258 -37.71 -74.80 17.71
N CYS F 259 -37.58 -74.31 16.48
CA CYS F 259 -36.82 -73.11 16.24
C CYS F 259 -37.74 -71.89 16.15
N HIS F 260 -37.40 -70.83 16.90
CA HIS F 260 -38.17 -69.60 16.93
C HIS F 260 -37.41 -68.45 16.27
N VAL F 261 -38.11 -67.76 15.36
CA VAL F 261 -37.51 -66.73 14.51
C VAL F 261 -38.28 -65.42 14.69
N GLN F 262 -37.58 -64.39 15.17
CA GLN F 262 -38.16 -63.08 15.41
C GLN F 262 -37.47 -62.08 14.49
N HIS F 263 -38.26 -61.41 13.66
CA HIS F 263 -37.71 -60.47 12.69
C HIS F 263 -38.78 -59.47 12.31
N GLU F 264 -38.35 -58.24 12.01
CA GLU F 264 -39.28 -57.13 12.01
C GLU F 264 -40.26 -57.26 10.84
N GLY F 265 -39.95 -58.09 9.84
CA GLY F 265 -40.81 -58.24 8.67
C GLY F 265 -41.98 -59.20 8.88
N LEU F 266 -41.93 -59.97 9.97
CA LEU F 266 -42.94 -60.97 10.25
C LEU F 266 -44.05 -60.35 11.10
N PRO F 267 -45.34 -60.49 10.72
CA PRO F 267 -46.44 -60.11 11.60
C PRO F 267 -46.27 -60.72 13.00
N LYS F 268 -46.24 -62.07 13.06
CA LYS F 268 -46.01 -62.79 14.30
C LYS F 268 -44.72 -63.59 14.18
N PRO F 269 -44.07 -64.00 15.29
CA PRO F 269 -42.86 -64.81 15.21
C PRO F 269 -43.19 -66.18 14.60
N LEU F 270 -42.16 -66.83 14.04
CA LEU F 270 -42.29 -68.11 13.35
C LEU F 270 -41.84 -69.27 14.24
N THR F 271 -42.50 -70.42 14.09
CA THR F 271 -42.14 -71.60 14.85
C THR F 271 -41.99 -72.77 13.88
N LEU F 272 -40.81 -73.40 13.89
CA LEU F 272 -40.45 -74.41 12.90
C LEU F 272 -40.03 -75.67 13.61
N ARG F 273 -40.42 -76.81 13.02
CA ARG F 273 -40.27 -78.11 13.67
C ARG F 273 -39.91 -79.12 12.59
N TRP F 274 -38.86 -79.92 12.81
CA TRP F 274 -38.42 -80.88 11.81
C TRP F 274 -39.57 -81.79 11.35
N GLU F 275 -39.87 -81.80 10.04
CA GLU F 275 -40.85 -82.71 9.45
C GLU F 275 -40.14 -83.63 8.46
N PRO F 276 -40.05 -84.96 8.71
CA PRO F 276 -39.27 -85.86 7.85
C PRO F 276 -40.01 -86.25 6.56
N MET G 1 -1.51 -52.81 22.81
CA MET G 1 -1.91 -53.11 21.40
C MET G 1 -2.75 -54.39 21.38
N ILE G 2 -4.07 -54.25 21.22
CA ILE G 2 -4.98 -55.43 21.24
C ILE G 2 -4.88 -56.17 19.91
N GLN G 3 -4.59 -57.47 19.96
CA GLN G 3 -4.55 -58.29 18.73
C GLN G 3 -5.67 -59.35 18.79
N ARG G 4 -6.67 -59.24 17.93
CA ARG G 4 -7.80 -60.14 17.86
C ARG G 4 -7.61 -60.98 16.61
N THR G 5 -8.10 -62.21 16.59
CA THR G 5 -7.79 -63.09 15.48
C THR G 5 -9.03 -63.19 14.57
N PRO G 6 -8.85 -63.31 13.24
CA PRO G 6 -9.98 -63.33 12.32
C PRO G 6 -10.93 -64.49 12.59
N LYS G 7 -12.23 -64.21 12.57
CA LYS G 7 -13.28 -65.22 12.51
C LYS G 7 -13.76 -65.34 11.06
N ILE G 8 -13.94 -66.56 10.56
CA ILE G 8 -14.05 -66.84 9.14
C ILE G 8 -15.29 -67.67 8.85
N GLN G 9 -16.23 -67.18 8.03
CA GLN G 9 -17.31 -68.00 7.51
C GLN G 9 -17.17 -68.08 5.99
N VAL G 10 -17.36 -69.28 5.44
CA VAL G 10 -17.27 -69.49 3.96
C VAL G 10 -18.62 -70.03 3.50
N TYR G 11 -19.35 -69.26 2.67
CA TYR G 11 -20.72 -69.70 2.31
C TYR G 11 -21.15 -69.14 0.97
N SER G 12 -22.18 -69.75 0.37
CA SER G 12 -22.76 -69.21 -0.85
C SER G 12 -23.84 -68.17 -0.55
N ARG G 13 -24.03 -67.26 -1.50
CA ARG G 13 -25.02 -66.18 -1.32
C ARG G 13 -26.41 -66.79 -1.46
N HIS G 14 -26.54 -67.74 -2.38
CA HIS G 14 -27.86 -68.36 -2.63
C HIS G 14 -27.73 -69.87 -2.44
N PRO G 15 -28.80 -70.57 -2.02
CA PRO G 15 -28.77 -72.02 -1.92
C PRO G 15 -28.00 -72.60 -3.07
N ALA G 16 -26.92 -73.32 -2.77
CA ALA G 16 -26.05 -73.86 -3.85
C ALA G 16 -26.78 -74.89 -4.70
N GLU G 17 -26.63 -74.83 -6.02
CA GLU G 17 -27.23 -75.84 -6.93
C GLU G 17 -26.15 -76.25 -7.95
N ASN G 18 -25.92 -77.53 -8.16
CA ASN G 18 -24.83 -77.93 -9.05
C ASN G 18 -25.13 -77.44 -10.47
N GLY G 19 -24.09 -76.98 -11.18
CA GLY G 19 -24.19 -76.52 -12.56
C GLY G 19 -25.01 -75.23 -12.73
N LYS G 20 -25.08 -74.40 -11.68
CA LYS G 20 -25.74 -73.11 -11.73
C LYS G 20 -24.84 -72.04 -11.07
N SER G 21 -24.83 -70.85 -11.66
CA SER G 21 -24.02 -69.75 -11.17
C SER G 21 -24.47 -69.35 -9.77
N ASN G 22 -23.46 -69.00 -8.96
CA ASN G 22 -23.72 -68.52 -7.59
C ASN G 22 -22.50 -67.68 -7.18
N PHE G 23 -22.52 -67.11 -5.99
CA PHE G 23 -21.40 -66.36 -5.44
C PHE G 23 -20.85 -67.07 -4.22
N LEU G 24 -19.55 -67.40 -4.25
CA LEU G 24 -18.81 -67.89 -3.09
C LEU G 24 -18.36 -66.69 -2.26
N ASN G 25 -18.67 -66.71 -0.96
CA ASN G 25 -18.33 -65.64 -0.04
C ASN G 25 -17.27 -66.14 0.93
N CYS G 26 -16.57 -65.20 1.59
CA CYS G 26 -15.77 -65.51 2.75
C CYS G 26 -15.73 -64.25 3.63
N TYR G 27 -16.50 -64.26 4.73
CA TYR G 27 -16.62 -63.10 5.60
C TYR G 27 -15.64 -63.24 6.76
N VAL G 28 -14.66 -62.35 6.86
CA VAL G 28 -13.75 -62.36 7.99
C VAL G 28 -14.12 -61.19 8.89
N SER G 29 -13.96 -61.34 10.20
CA SER G 29 -14.59 -60.47 11.18
C SER G 29 -13.82 -60.53 12.51
N GLY G 30 -14.04 -59.52 13.35
CA GLY G 30 -13.51 -59.51 14.71
C GLY G 30 -11.98 -59.51 14.78
N PHE G 31 -11.30 -58.97 13.76
CA PHE G 31 -9.85 -59.00 13.74
C PHE G 31 -9.29 -57.61 14.03
N HIS G 32 -8.02 -57.61 14.44
CA HIS G 32 -7.28 -56.40 14.76
C HIS G 32 -5.80 -56.77 14.85
N PRO G 33 -4.90 -56.08 14.09
CA PRO G 33 -5.27 -54.94 13.27
C PRO G 33 -5.89 -55.27 11.92
N SER G 34 -5.88 -54.31 10.99
CA SER G 34 -6.57 -54.49 9.69
C SER G 34 -5.74 -55.35 8.73
N ASP G 35 -4.42 -55.25 8.81
CA ASP G 35 -3.57 -55.99 7.84
C ASP G 35 -4.04 -57.44 7.73
N ILE G 36 -4.70 -57.79 6.63
CA ILE G 36 -5.19 -59.19 6.45
C ILE G 36 -4.97 -59.66 5.01
N GLU G 37 -4.57 -60.92 4.82
CA GLU G 37 -4.40 -61.52 3.50
C GLU G 37 -5.51 -62.56 3.35
N VAL G 38 -6.29 -62.47 2.25
CA VAL G 38 -7.44 -63.34 2.05
C VAL G 38 -7.40 -63.85 0.61
N ASP G 39 -7.60 -65.16 0.43
CA ASP G 39 -7.57 -65.76 -0.88
C ASP G 39 -8.58 -66.92 -0.90
N LEU G 40 -9.63 -66.80 -1.70
CA LEU G 40 -10.54 -67.90 -1.95
C LEU G 40 -9.86 -68.94 -2.85
N LEU G 41 -9.97 -70.23 -2.50
CA LEU G 41 -9.28 -71.28 -3.26
C LEU G 41 -10.28 -72.11 -4.04
N LYS G 42 -9.84 -72.62 -5.21
CA LYS G 42 -10.55 -73.70 -5.89
C LYS G 42 -9.56 -74.85 -6.11
N ASN G 43 -9.79 -75.96 -5.38
CA ASN G 43 -8.92 -77.13 -5.38
C ASN G 43 -7.53 -76.74 -4.87
N GLY G 44 -7.49 -75.73 -3.97
CA GLY G 44 -6.27 -75.30 -3.30
C GLY G 44 -5.37 -74.43 -4.18
N GLU G 45 -5.96 -73.46 -4.89
CA GLU G 45 -5.22 -72.53 -5.72
C GLU G 45 -6.05 -71.26 -5.93
N ARG G 46 -5.37 -70.10 -6.02
CA ARG G 46 -5.99 -68.78 -5.95
C ARG G 46 -7.03 -68.59 -7.06
N ILE G 47 -8.21 -68.03 -6.72
CA ILE G 47 -9.21 -67.60 -7.68
C ILE G 47 -8.96 -66.13 -7.99
N GLU G 48 -8.88 -65.76 -9.28
CA GLU G 48 -8.32 -64.50 -9.71
C GLU G 48 -9.20 -63.30 -9.31
N LYS G 49 -10.42 -63.28 -9.87
CA LYS G 49 -11.24 -62.08 -9.90
C LYS G 49 -12.06 -62.01 -8.61
N VAL G 50 -11.36 -61.74 -7.50
CA VAL G 50 -11.98 -61.70 -6.19
C VAL G 50 -12.08 -60.25 -5.73
N GLU G 51 -13.31 -59.79 -5.48
CA GLU G 51 -13.55 -58.44 -4.99
C GLU G 51 -13.78 -58.51 -3.48
N HIS G 52 -13.91 -57.35 -2.83
CA HIS G 52 -14.09 -57.32 -1.39
C HIS G 52 -14.64 -55.98 -0.95
N SER G 53 -15.47 -56.01 0.10
CA SER G 53 -16.14 -54.85 0.67
C SER G 53 -15.11 -53.85 1.18
N ASP G 54 -15.59 -52.64 1.52
CA ASP G 54 -14.73 -51.61 2.11
C ASP G 54 -14.53 -51.84 3.61
N LEU G 55 -13.34 -51.55 4.09
CA LEU G 55 -13.02 -51.73 5.51
C LEU G 55 -13.94 -50.90 6.40
N SER G 56 -14.79 -51.62 7.15
CA SER G 56 -15.51 -51.09 8.30
C SER G 56 -15.12 -51.85 9.56
N PHE G 57 -15.73 -51.44 10.67
CA PHE G 57 -15.45 -52.08 11.99
C PHE G 57 -16.73 -52.13 12.82
N SER G 58 -16.71 -52.86 13.93
CA SER G 58 -17.87 -53.08 14.79
C SER G 58 -17.74 -52.19 16.03
N LYS G 59 -18.69 -52.33 16.96
CA LYS G 59 -18.75 -51.44 18.12
C LYS G 59 -17.54 -51.67 19.03
N ASP G 60 -16.88 -52.82 18.82
CA ASP G 60 -15.73 -53.22 19.63
C ASP G 60 -14.41 -52.85 18.97
N TRP G 61 -14.51 -52.19 17.81
CA TRP G 61 -13.33 -51.68 17.05
C TRP G 61 -12.63 -52.79 16.25
N SER G 62 -13.28 -53.94 16.04
CA SER G 62 -12.66 -55.00 15.28
C SER G 62 -13.19 -54.95 13.84
N PHE G 63 -12.34 -55.37 12.89
CA PHE G 63 -12.58 -55.12 11.48
C PHE G 63 -13.40 -56.25 10.88
N TYR G 64 -14.24 -55.94 9.87
CA TYR G 64 -14.94 -56.97 9.12
C TYR G 64 -14.92 -56.69 7.63
N LEU G 65 -14.72 -57.76 6.86
CA LEU G 65 -14.56 -57.69 5.42
C LEU G 65 -15.28 -58.88 4.78
N LEU G 66 -15.97 -58.65 3.67
CA LEU G 66 -16.48 -59.73 2.83
C LEU G 66 -15.64 -59.84 1.58
N TYR G 67 -15.07 -61.01 1.30
CA TYR G 67 -14.50 -61.33 0.00
C TYR G 67 -15.48 -62.21 -0.75
N TYR G 68 -15.64 -62.03 -2.07
CA TYR G 68 -16.63 -62.77 -2.83
C TYR G 68 -16.18 -62.91 -4.28
N THR G 69 -16.57 -64.01 -4.93
CA THR G 69 -16.31 -64.24 -6.35
C THR G 69 -17.54 -64.88 -7.00
N GLU G 70 -17.58 -64.90 -8.33
CA GLU G 70 -18.62 -65.62 -9.03
C GLU G 70 -18.14 -67.06 -9.17
N PHE G 71 -19.08 -68.03 -9.08
CA PHE G 71 -18.69 -69.43 -9.28
C PHE G 71 -19.90 -70.32 -9.51
N THR G 72 -19.60 -71.48 -10.10
CA THR G 72 -20.55 -72.55 -10.38
C THR G 72 -20.09 -73.82 -9.65
N PRO G 73 -20.78 -74.22 -8.56
CA PRO G 73 -20.38 -75.40 -7.81
C PRO G 73 -20.69 -76.63 -8.65
N THR G 74 -20.04 -77.75 -8.35
CA THR G 74 -20.32 -78.99 -9.06
C THR G 74 -20.48 -80.11 -8.04
N GLU G 75 -20.58 -81.36 -8.52
CA GLU G 75 -20.53 -82.55 -7.67
C GLU G 75 -19.21 -82.63 -6.90
N LYS G 76 -18.13 -82.15 -7.52
CA LYS G 76 -16.78 -82.63 -7.29
C LYS G 76 -15.82 -81.54 -6.80
N ASP G 77 -16.03 -80.28 -7.17
CA ASP G 77 -15.04 -79.24 -6.96
C ASP G 77 -15.08 -78.73 -5.52
N GLU G 78 -13.91 -78.55 -4.89
CA GLU G 78 -13.81 -78.10 -3.51
C GLU G 78 -13.29 -76.67 -3.44
N TYR G 79 -14.08 -75.78 -2.84
CA TYR G 79 -13.64 -74.42 -2.57
C TYR G 79 -13.30 -74.32 -1.09
N ALA G 80 -12.42 -73.36 -0.75
CA ALA G 80 -12.05 -73.06 0.62
C ALA G 80 -11.81 -71.56 0.74
N CYS G 81 -11.32 -71.14 1.93
CA CYS G 81 -10.87 -69.78 2.14
C CYS G 81 -9.60 -69.79 3.00
N ARG G 82 -8.51 -69.22 2.47
CA ARG G 82 -7.24 -69.17 3.19
C ARG G 82 -7.00 -67.75 3.68
N VAL G 83 -6.90 -67.54 5.00
CA VAL G 83 -6.61 -66.21 5.50
C VAL G 83 -5.33 -66.27 6.34
N ASN G 84 -4.53 -65.20 6.21
CA ASN G 84 -3.33 -65.00 7.02
C ASN G 84 -3.46 -63.66 7.74
N HIS G 85 -2.77 -63.57 8.88
CA HIS G 85 -2.83 -62.37 9.75
C HIS G 85 -1.61 -62.48 10.65
N VAL G 86 -1.38 -61.47 11.47
CA VAL G 86 -0.19 -61.45 12.31
C VAL G 86 -0.44 -62.38 13.51
N THR G 87 -1.72 -62.63 13.82
CA THR G 87 -2.06 -63.43 14.99
C THR G 87 -1.94 -64.91 14.68
N LEU G 88 -1.82 -65.29 13.39
CA LEU G 88 -1.81 -66.70 12.99
C LEU G 88 -0.39 -67.15 12.70
N SER G 89 0.03 -68.24 13.33
CA SER G 89 1.37 -68.78 13.17
C SER G 89 1.54 -69.41 11.79
N GLN G 90 0.43 -69.85 11.19
CA GLN G 90 0.40 -70.15 9.77
C GLN G 90 -0.99 -69.84 9.22
N PRO G 91 -1.13 -69.70 7.88
CA PRO G 91 -2.43 -69.37 7.28
C PRO G 91 -3.48 -70.40 7.70
N LYS G 92 -4.68 -69.91 8.02
CA LYS G 92 -5.79 -70.76 8.41
C LYS G 92 -6.75 -70.93 7.22
N ILE G 93 -6.90 -72.17 6.76
CA ILE G 93 -7.83 -72.53 5.71
C ILE G 93 -9.13 -73.04 6.31
N VAL G 94 -10.25 -72.72 5.63
CA VAL G 94 -11.59 -73.07 6.07
C VAL G 94 -12.42 -73.53 4.87
N LYS G 95 -12.64 -74.85 4.77
CA LYS G 95 -13.30 -75.42 3.59
C LYS G 95 -14.76 -74.96 3.53
N TRP G 96 -15.26 -74.82 2.30
CA TRP G 96 -16.64 -74.47 2.09
C TRP G 96 -17.49 -75.70 2.37
N ASP G 97 -18.57 -75.53 3.13
CA ASP G 97 -19.53 -76.64 3.32
C ASP G 97 -20.91 -76.13 2.89
N ARG G 98 -21.48 -76.72 1.83
CA ARG G 98 -22.77 -76.23 1.31
C ARG G 98 -23.83 -76.25 2.41
N ASP G 99 -23.67 -77.14 3.40
CA ASP G 99 -24.70 -77.29 4.46
C ASP G 99 -24.30 -76.50 5.70
N MET G 100 -23.45 -75.48 5.55
CA MET G 100 -23.08 -74.61 6.70
C MET G 100 -22.65 -73.22 6.19
N SER H 1 -23.78 -37.02 5.01
CA SER H 1 -23.04 -35.74 5.15
C SER H 1 -22.21 -35.72 6.43
N LEU H 2 -20.88 -35.70 6.24
CA LEU H 2 -19.89 -35.62 7.32
C LEU H 2 -20.09 -34.33 8.10
N SER H 3 -19.27 -34.11 9.13
CA SER H 3 -19.47 -32.89 9.90
C SER H 3 -18.40 -31.88 9.46
N ASN H 4 -18.78 -30.61 9.57
CA ASN H 4 -17.83 -29.50 9.28
C ASN H 4 -16.91 -29.35 10.47
N ARG H 5 -17.15 -30.12 11.54
CA ARG H 5 -16.35 -29.94 12.78
C ARG H 5 -15.31 -31.06 12.89
N LEU H 6 -14.04 -30.68 13.03
CA LEU H 6 -12.92 -31.63 13.16
C LEU H 6 -11.91 -31.07 14.16
N TYR H 7 -11.57 -31.85 15.19
CA TYR H 7 -10.67 -31.36 16.25
C TYR H 7 -9.44 -32.24 16.34
N TYR H 8 -8.47 -31.83 17.15
CA TYR H 8 -7.18 -32.50 17.22
C TYR H 8 -6.98 -33.11 18.61
N LEU H 9 -6.18 -34.18 18.65
CA LEU H 9 -6.05 -34.92 19.90
C LEU H 9 -4.91 -34.32 20.74
N LYS I 4 -27.49 -21.02 2.63
CA LYS I 4 -27.99 -19.83 1.95
C LYS I 4 -28.10 -18.70 2.97
N THR I 5 -27.43 -17.57 2.70
CA THR I 5 -27.88 -16.30 3.24
C THR I 5 -28.68 -15.60 2.16
N THR I 6 -29.64 -14.77 2.55
CA THR I 6 -30.37 -13.91 1.63
C THR I 6 -30.37 -12.51 2.22
N GLN I 7 -29.94 -11.55 1.40
CA GLN I 7 -29.82 -10.17 1.87
C GLN I 7 -30.13 -9.20 0.71
N PRO I 8 -30.63 -7.99 1.05
CA PRO I 8 -30.90 -6.97 0.05
C PRO I 8 -29.63 -6.63 -0.75
N ILE I 9 -29.86 -6.33 -2.04
CA ILE I 9 -28.77 -6.11 -2.98
C ILE I 9 -28.15 -4.76 -2.66
N SER I 10 -29.02 -3.80 -2.28
CA SER I 10 -28.55 -2.49 -1.88
C SER I 10 -29.44 -1.90 -0.80
N MET I 11 -28.92 -0.86 -0.15
CA MET I 11 -29.66 -0.18 0.89
C MET I 11 -29.16 1.25 0.98
N ASP I 12 -30.11 2.19 1.19
CA ASP I 12 -29.84 3.62 1.14
C ASP I 12 -30.01 4.22 2.53
N SER I 13 -29.18 5.19 2.89
CA SER I 13 -29.21 5.73 4.24
C SER I 13 -28.82 7.19 4.20
N TYR I 14 -29.14 7.94 5.25
CA TYR I 14 -28.68 9.30 5.41
C TYR I 14 -27.58 9.32 6.45
N GLU I 15 -26.67 10.28 6.33
CA GLU I 15 -25.60 10.42 7.28
C GLU I 15 -26.17 10.58 8.68
N GLY I 16 -25.59 9.90 9.67
CA GLY I 16 -25.95 10.08 11.08
C GLY I 16 -26.90 8.99 11.61
N GLN I 17 -27.81 8.51 10.75
CA GLN I 17 -28.89 7.63 11.14
C GLN I 17 -28.37 6.24 11.49
N GLU I 18 -29.22 5.45 12.15
CA GLU I 18 -28.99 4.03 12.41
C GLU I 18 -29.35 3.24 11.14
N VAL I 19 -28.54 2.24 10.81
CA VAL I 19 -28.77 1.41 9.64
C VAL I 19 -28.90 -0.04 10.10
N ASN I 20 -29.91 -0.75 9.61
CA ASN I 20 -30.17 -2.10 10.06
C ASN I 20 -30.33 -3.02 8.87
N ILE I 21 -29.31 -3.84 8.61
CA ILE I 21 -29.35 -4.78 7.51
C ILE I 21 -29.81 -6.13 8.03
N THR I 22 -30.77 -6.76 7.34
CA THR I 22 -31.38 -7.99 7.78
C THR I 22 -30.88 -9.14 6.91
N CYS I 23 -30.19 -10.09 7.53
CA CYS I 23 -29.79 -11.31 6.88
C CYS I 23 -30.83 -12.40 7.13
N SER I 24 -31.02 -13.25 6.12
CA SER I 24 -32.13 -14.21 6.13
C SER I 24 -31.57 -15.61 5.86
N HIS I 25 -31.74 -16.52 6.85
CA HIS I 25 -31.08 -17.82 6.87
C HIS I 25 -31.95 -18.83 7.60
N ASN I 26 -33.03 -19.30 6.96
CA ASN I 26 -33.93 -20.26 7.60
C ASN I 26 -33.23 -21.60 7.79
N HIS I 27 -32.44 -22.00 6.78
CA HIS I 27 -31.80 -23.31 6.76
C HIS I 27 -30.38 -23.23 7.31
N ILE I 28 -30.17 -22.38 8.33
CA ILE I 28 -28.88 -22.29 9.00
C ILE I 28 -28.69 -23.57 9.81
N ALA I 29 -27.50 -24.16 9.72
CA ALA I 29 -27.21 -25.35 10.51
C ALA I 29 -27.01 -24.93 11.96
N ALA I 30 -27.29 -25.84 12.90
CA ALA I 30 -27.39 -25.45 14.30
C ALA I 30 -26.03 -25.13 14.95
N ASN I 31 -24.95 -25.41 14.22
CA ASN I 31 -23.57 -25.14 14.69
C ASN I 31 -22.95 -24.03 13.84
N ASP I 32 -23.62 -23.63 12.75
CA ASP I 32 -23.16 -22.53 11.90
C ASP I 32 -23.11 -21.22 12.71
N PHE I 33 -22.13 -20.44 12.27
CA PHE I 33 -21.98 -19.10 12.86
C PHE I 33 -22.44 -18.11 11.84
N ILE I 34 -22.74 -16.91 12.30
CA ILE I 34 -23.18 -15.77 11.52
C ILE I 34 -22.03 -14.77 11.49
N THR I 35 -21.50 -14.52 10.28
CA THR I 35 -20.32 -13.68 10.10
C THR I 35 -20.51 -12.67 8.97
N TRP I 36 -20.02 -11.43 9.20
CA TRP I 36 -20.11 -10.33 8.24
C TRP I 36 -18.73 -9.81 7.84
N TYR I 37 -18.44 -9.89 6.53
CA TYR I 37 -17.34 -9.15 5.95
C TYR I 37 -17.83 -7.83 5.32
N GLN I 38 -16.99 -6.80 5.43
CA GLN I 38 -17.18 -5.49 4.82
C GLN I 38 -16.07 -5.23 3.80
N GLN I 39 -16.46 -4.84 2.57
CA GLN I 39 -15.52 -4.60 1.48
C GLN I 39 -15.73 -3.18 0.93
N PHE I 40 -14.71 -2.35 1.10
CA PHE I 40 -14.61 -1.08 0.42
C PHE I 40 -14.11 -1.29 -1.00
N PRO I 41 -14.41 -0.34 -1.92
CA PRO I 41 -13.98 -0.45 -3.32
C PRO I 41 -12.47 -0.59 -3.44
N SER I 42 -12.03 -1.50 -4.30
CA SER I 42 -10.64 -1.58 -4.75
C SER I 42 -9.71 -2.10 -3.66
N GLN I 43 -10.31 -2.75 -2.66
CA GLN I 43 -9.51 -3.41 -1.60
C GLN I 43 -10.22 -4.74 -1.26
N GLY I 44 -9.57 -5.62 -0.49
CA GLY I 44 -10.13 -6.92 -0.13
C GLY I 44 -11.24 -6.80 0.92
N PRO I 45 -12.04 -7.87 1.17
CA PRO I 45 -13.08 -7.81 2.20
C PRO I 45 -12.37 -7.89 3.56
N ARG I 46 -12.89 -7.19 4.56
CA ARG I 46 -12.33 -7.35 5.89
C ARG I 46 -13.42 -7.85 6.86
N PHE I 47 -12.96 -8.64 7.84
CA PHE I 47 -13.83 -9.20 8.85
C PHE I 47 -14.43 -8.06 9.67
N PHE I 48 -15.75 -8.11 9.89
CA PHE I 48 -16.44 -6.96 10.47
C PHE I 48 -16.98 -7.32 11.85
N ILE I 49 -17.83 -8.35 11.92
CA ILE I 49 -18.38 -8.82 13.18
C ILE I 49 -18.91 -10.25 12.97
N GLN I 50 -18.79 -11.07 14.05
CA GLN I 50 -19.23 -12.46 14.05
C GLN I 50 -20.06 -12.76 15.31
N GLY I 51 -21.02 -13.66 15.13
CA GLY I 51 -21.91 -14.07 16.19
C GLY I 51 -22.19 -15.56 16.15
N TYR I 52 -22.67 -16.13 17.25
CA TYR I 52 -23.04 -17.57 17.29
C TYR I 52 -24.53 -17.69 17.62
N LYS I 53 -24.89 -17.66 18.90
CA LYS I 53 -26.30 -17.86 19.20
C LYS I 53 -26.83 -16.72 20.05
N THR I 54 -25.91 -15.82 20.43
CA THR I 54 -26.20 -14.77 21.38
C THR I 54 -25.76 -13.41 20.80
N ASN I 55 -26.53 -12.36 21.13
CA ASN I 55 -26.30 -10.99 20.71
C ASN I 55 -24.86 -10.54 21.00
N VAL I 56 -24.26 -9.83 20.04
CA VAL I 56 -22.91 -9.31 20.13
C VAL I 56 -22.93 -7.79 19.98
N SER I 57 -21.80 -7.15 20.32
CA SER I 57 -21.55 -5.76 19.96
C SER I 57 -20.09 -5.37 20.25
N ASN I 58 -19.32 -5.11 19.17
CA ASN I 58 -17.96 -4.57 19.23
C ASN I 58 -18.01 -3.05 19.02
N GLU I 59 -16.90 -2.45 18.59
CA GLU I 59 -16.77 -0.99 18.60
C GLU I 59 -17.37 -0.39 17.33
N VAL I 60 -17.61 -1.25 16.32
CA VAL I 60 -17.97 -0.83 14.98
C VAL I 60 -19.47 -1.04 14.74
N ALA I 61 -20.04 -2.15 15.21
CA ALA I 61 -21.44 -2.43 14.93
C ALA I 61 -22.05 -3.24 16.07
N SER I 62 -23.28 -3.70 15.86
CA SER I 62 -23.95 -4.63 16.76
C SER I 62 -24.57 -5.70 15.89
N LEU I 63 -24.65 -6.91 16.42
CA LEU I 63 -25.33 -7.98 15.71
C LEU I 63 -26.41 -8.57 16.63
N PHE I 64 -27.66 -8.59 16.14
CA PHE I 64 -28.81 -9.04 16.92
C PHE I 64 -29.21 -10.42 16.39
N ILE I 65 -29.15 -11.42 17.27
CA ILE I 65 -29.46 -12.78 16.89
C ILE I 65 -30.66 -13.25 17.70
N PRO I 66 -31.88 -13.29 17.12
CA PRO I 66 -33.01 -13.94 17.76
C PRO I 66 -32.73 -15.39 18.11
N ALA I 67 -33.61 -15.89 18.98
CA ALA I 67 -33.39 -17.18 19.61
C ALA I 67 -33.50 -18.29 18.56
N ASP I 68 -34.49 -18.18 17.67
CA ASP I 68 -34.74 -19.24 16.70
C ASP I 68 -33.81 -19.11 15.50
N ARG I 69 -33.08 -17.99 15.40
CA ARG I 69 -32.01 -17.83 14.43
C ARG I 69 -32.45 -18.08 12.98
N LYS I 70 -33.72 -17.74 12.67
CA LYS I 70 -34.23 -17.79 11.30
C LYS I 70 -33.71 -16.61 10.45
N SER I 71 -33.48 -15.45 11.08
CA SER I 71 -32.90 -14.26 10.47
C SER I 71 -31.91 -13.65 11.46
N SER I 72 -30.99 -12.79 11.04
CA SER I 72 -30.23 -11.99 12.00
C SER I 72 -30.16 -10.54 11.51
N THR I 73 -29.63 -9.61 12.32
CA THR I 73 -29.68 -8.18 12.02
C THR I 73 -28.38 -7.49 12.40
N LEU I 74 -27.63 -7.04 11.37
CA LEU I 74 -26.48 -6.16 11.53
C LEU I 74 -26.95 -4.72 11.72
N SER I 75 -26.32 -4.01 12.65
CA SER I 75 -26.79 -2.66 12.97
C SER I 75 -25.61 -1.71 13.14
N LEU I 76 -25.45 -0.86 12.12
CA LEU I 76 -24.47 0.22 12.14
C LEU I 76 -25.09 1.39 12.88
N PRO I 77 -24.46 1.92 13.95
CA PRO I 77 -25.17 2.71 14.93
C PRO I 77 -25.51 4.12 14.43
N ARG I 78 -24.57 4.72 13.68
CA ARG I 78 -24.71 6.06 13.11
C ARG I 78 -23.78 6.17 11.92
N VAL I 79 -24.30 6.10 10.69
CA VAL I 79 -23.45 5.93 9.51
C VAL I 79 -22.66 7.20 9.20
N SER I 80 -21.42 6.95 8.72
CA SER I 80 -20.55 7.93 8.08
C SER I 80 -20.61 7.71 6.58
N LEU I 81 -20.17 8.73 5.82
CA LEU I 81 -19.89 8.50 4.41
C LEU I 81 -18.87 7.38 4.31
N SER I 82 -17.95 7.35 5.30
CA SER I 82 -16.85 6.40 5.36
C SER I 82 -17.29 4.96 5.67
N ASP I 83 -18.60 4.72 5.85
CA ASP I 83 -19.13 3.37 6.04
C ASP I 83 -19.70 2.85 4.72
N THR I 84 -19.47 3.59 3.62
CA THR I 84 -20.18 3.33 2.38
C THR I 84 -19.46 2.16 1.71
N ALA I 85 -20.10 0.98 1.68
CA ALA I 85 -19.38 -0.21 1.25
C ALA I 85 -20.33 -1.37 0.99
N VAL I 86 -19.76 -2.52 0.60
CA VAL I 86 -20.54 -3.75 0.51
C VAL I 86 -20.44 -4.51 1.82
N TYR I 87 -21.58 -5.05 2.28
CA TYR I 87 -21.64 -5.87 3.49
C TYR I 87 -22.18 -7.26 3.14
N TYR I 88 -21.27 -8.24 3.21
CA TYR I 88 -21.59 -9.64 2.98
C TYR I 88 -21.96 -10.31 4.31
N CYS I 89 -22.92 -11.23 4.24
CA CYS I 89 -23.40 -11.97 5.39
C CYS I 89 -23.33 -13.46 5.10
N LEU I 90 -22.42 -14.12 5.84
CA LEU I 90 -22.14 -15.54 5.69
C LEU I 90 -22.63 -16.34 6.89
N ALA I 91 -23.17 -17.53 6.58
CA ALA I 91 -23.53 -18.52 7.58
C ALA I 91 -22.81 -19.83 7.27
N TRP I 92 -21.78 -20.08 8.09
CA TRP I 92 -20.89 -21.22 7.81
C TRP I 92 -20.36 -21.80 9.10
N GLY I 93 -19.46 -22.77 9.00
CA GLY I 93 -18.82 -23.31 10.22
C GLY I 93 -17.64 -24.19 9.91
N GLY I 94 -16.65 -24.18 10.78
CA GLY I 94 -15.50 -25.09 10.64
C GLY I 94 -14.93 -25.22 9.26
N THR I 95 -15.04 -26.41 8.67
CA THR I 95 -14.36 -26.68 7.39
C THR I 95 -15.13 -26.14 6.21
N ASP I 96 -16.25 -25.47 6.44
CA ASP I 96 -17.10 -25.03 5.30
C ASP I 96 -16.42 -23.95 4.45
N MET I 97 -16.40 -24.10 3.12
CA MET I 97 -15.94 -23.04 2.25
C MET I 97 -16.86 -21.83 2.39
N LEU I 98 -16.35 -20.64 2.10
CA LEU I 98 -17.14 -19.44 2.26
C LEU I 98 -18.00 -19.20 1.01
N ILE I 99 -19.29 -18.93 1.22
CA ILE I 99 -20.18 -18.55 0.13
C ILE I 99 -20.70 -17.14 0.35
N PHE I 100 -20.08 -16.18 -0.37
CA PHE I 100 -20.20 -14.76 -0.07
C PHE I 100 -21.48 -14.14 -0.66
N GLY I 101 -21.89 -14.57 -1.86
CA GLY I 101 -23.11 -14.03 -2.44
C GLY I 101 -22.92 -12.62 -3.02
N THR I 102 -24.00 -11.85 -2.94
CA THR I 102 -24.10 -10.58 -3.65
C THR I 102 -23.70 -9.46 -2.71
N GLY I 103 -23.93 -9.69 -1.43
CA GLY I 103 -23.76 -8.64 -0.45
C GLY I 103 -24.92 -7.65 -0.47
N THR I 104 -24.74 -6.61 0.34
CA THR I 104 -25.59 -5.43 0.38
C THR I 104 -24.73 -4.19 0.15
N ARG I 105 -24.90 -3.50 -0.99
CA ARG I 105 -24.31 -2.18 -1.20
C ARG I 105 -25.05 -1.15 -0.35
N LEU I 106 -24.33 -0.60 0.63
CA LEU I 106 -24.86 0.45 1.47
C LEU I 106 -24.44 1.77 0.84
N GLN I 107 -25.45 2.63 0.67
CA GLN I 107 -25.22 3.98 0.09
C GLN I 107 -25.57 5.03 1.15
N VAL I 108 -24.57 5.81 1.58
CA VAL I 108 -24.78 6.88 2.54
C VAL I 108 -24.85 8.23 1.84
N PHE I 109 -26.05 8.83 1.87
CA PHE I 109 -26.35 10.09 1.25
C PHE I 109 -26.19 11.26 2.22
N PRO I 110 -26.01 12.49 1.71
CA PRO I 110 -25.88 13.66 2.57
C PRO I 110 -27.26 14.24 2.86
N ASN I 111 -27.25 15.17 3.80
CA ASN I 111 -28.44 15.48 4.54
C ASN I 111 -28.98 16.85 4.15
N ILE I 112 -29.67 16.89 3.01
CA ILE I 112 -30.11 18.19 2.44
C ILE I 112 -31.10 18.87 3.39
N GLN I 113 -30.86 20.15 3.68
CA GLN I 113 -31.76 20.91 4.58
C GLN I 113 -32.63 21.85 3.74
N ASN I 114 -32.02 22.57 2.80
CA ASN I 114 -32.78 23.55 1.99
C ASN I 114 -32.51 23.32 0.50
N PRO I 115 -33.18 22.36 -0.15
CA PRO I 115 -32.89 22.07 -1.55
C PRO I 115 -33.31 23.18 -2.48
N ASP I 116 -32.51 23.46 -3.51
CA ASP I 116 -32.88 24.48 -4.52
C ASP I 116 -32.58 23.90 -5.90
N PRO I 117 -33.28 22.84 -6.36
CA PRO I 117 -32.96 22.21 -7.62
C PRO I 117 -32.78 23.23 -8.72
N ALA I 118 -31.66 23.15 -9.45
CA ALA I 118 -31.38 24.08 -10.54
C ALA I 118 -30.42 23.46 -11.54
N VAL I 119 -30.44 23.96 -12.78
CA VAL I 119 -29.47 23.49 -13.81
C VAL I 119 -28.64 24.70 -14.24
N TYR I 120 -27.33 24.51 -14.44
CA TYR I 120 -26.44 25.63 -14.87
C TYR I 120 -25.59 25.18 -16.03
N GLN I 121 -25.05 26.13 -16.80
CA GLN I 121 -24.16 25.78 -17.93
C GLN I 121 -22.76 26.35 -17.65
N LEU I 122 -21.73 25.54 -17.87
CA LEU I 122 -20.34 25.96 -17.57
C LEU I 122 -19.53 25.89 -18.86
N ARG I 123 -18.70 26.91 -19.12
CA ARG I 123 -17.93 26.95 -20.39
C ARG I 123 -16.67 26.08 -20.26
N ASP I 124 -15.88 25.97 -21.33
CA ASP I 124 -14.69 25.06 -21.32
C ASP I 124 -13.62 25.55 -20.35
N SER I 125 -12.47 24.87 -20.33
CA SER I 125 -11.41 25.21 -19.34
C SER I 125 -11.32 26.72 -19.13
N LYS I 126 -11.52 27.52 -20.19
CA LYS I 126 -11.54 29.00 -20.02
C LYS I 126 -12.97 29.49 -20.24
N SER I 127 -13.28 29.95 -21.45
CA SER I 127 -14.66 30.40 -21.77
C SER I 127 -14.95 29.99 -23.21
N SER I 128 -14.30 28.93 -23.69
CA SER I 128 -14.45 28.49 -25.10
C SER I 128 -15.89 28.01 -25.36
N ASP I 129 -16.22 27.81 -26.63
CA ASP I 129 -17.57 27.39 -26.99
C ASP I 129 -17.94 25.97 -26.51
N LYS I 130 -16.92 25.20 -26.10
CA LYS I 130 -17.18 23.86 -25.52
C LYS I 130 -17.83 24.08 -24.15
N SER I 131 -18.80 23.24 -23.79
CA SER I 131 -19.52 23.48 -22.56
C SER I 131 -20.22 22.22 -22.05
N VAL I 132 -20.60 22.23 -20.76
CA VAL I 132 -21.31 21.07 -20.14
C VAL I 132 -22.46 21.60 -19.28
N CYS I 133 -23.31 20.70 -18.79
CA CYS I 133 -24.49 21.12 -17.98
C CYS I 133 -24.39 20.54 -16.56
N LEU I 134 -24.83 21.30 -15.56
CA LEU I 134 -24.75 20.87 -14.17
C LEU I 134 -26.12 20.96 -13.49
N PHE I 135 -26.68 19.80 -13.12
CA PHE I 135 -27.85 19.72 -12.27
C PHE I 135 -27.36 19.49 -10.85
N THR I 136 -27.73 20.38 -9.92
CA THR I 136 -27.15 20.40 -8.58
C THR I 136 -28.14 21.06 -7.62
N ASP I 137 -27.89 20.92 -6.31
CA ASP I 137 -28.75 21.54 -5.27
C ASP I 137 -30.09 20.80 -5.19
N PHE I 138 -30.14 19.53 -5.62
CA PHE I 138 -31.35 18.75 -5.46
C PHE I 138 -31.17 17.89 -4.23
N ASP I 139 -32.30 17.44 -3.67
CA ASP I 139 -32.28 16.65 -2.42
C ASP I 139 -31.74 15.24 -2.67
N SER I 140 -31.67 14.45 -1.62
CA SER I 140 -31.05 13.14 -1.74
C SER I 140 -32.10 12.08 -2.10
N GLN I 141 -33.38 12.46 -1.97
CA GLN I 141 -34.52 11.74 -2.51
C GLN I 141 -34.54 11.80 -4.05
N THR I 142 -34.13 12.93 -4.63
CA THR I 142 -34.30 13.13 -6.06
C THR I 142 -33.52 12.06 -6.81
N ASN I 143 -34.22 11.41 -7.75
CA ASN I 143 -33.66 10.42 -8.65
C ASN I 143 -33.42 11.09 -10.01
N VAL I 144 -32.23 10.89 -10.58
CA VAL I 144 -31.84 11.52 -11.85
C VAL I 144 -32.13 10.56 -13.01
N SER I 145 -33.04 11.00 -13.91
CA SER I 145 -33.46 10.19 -15.04
C SER I 145 -32.31 10.04 -16.02
N GLN I 146 -32.27 8.87 -16.67
CA GLN I 146 -31.27 8.55 -17.69
C GLN I 146 -31.66 9.32 -18.96
N SER I 147 -30.74 9.44 -19.92
CA SER I 147 -31.03 10.16 -21.16
C SER I 147 -31.45 9.16 -22.24
N LYS I 148 -31.89 9.70 -23.38
CA LYS I 148 -32.41 8.91 -24.49
C LYS I 148 -31.40 8.92 -25.64
N ASP I 149 -31.03 10.12 -26.11
CA ASP I 149 -30.07 10.26 -27.21
C ASP I 149 -28.70 9.71 -26.81
N SER I 150 -28.13 8.88 -27.69
CA SER I 150 -26.73 8.46 -27.56
C SER I 150 -25.81 9.67 -27.75
N ASP I 151 -26.29 10.73 -28.43
CA ASP I 151 -25.51 11.94 -28.63
C ASP I 151 -25.44 12.81 -27.38
N VAL I 152 -26.29 12.48 -26.40
CA VAL I 152 -26.29 13.21 -25.10
C VAL I 152 -25.94 12.24 -23.97
N TYR I 153 -25.01 12.62 -23.10
CA TYR I 153 -24.62 11.82 -21.96
C TYR I 153 -25.14 12.49 -20.69
N ILE I 154 -25.77 11.71 -19.82
CA ILE I 154 -26.25 12.23 -18.50
C ILE I 154 -25.75 11.26 -17.42
N THR I 155 -24.99 11.75 -16.45
CA THR I 155 -24.44 10.88 -15.40
C THR I 155 -25.44 10.71 -14.30
N ASP I 156 -25.37 9.62 -13.53
CA ASP I 156 -26.24 9.52 -12.37
C ASP I 156 -25.69 10.45 -11.29
N LYS I 157 -26.46 10.65 -10.22
CA LYS I 157 -25.98 11.40 -9.07
C LYS I 157 -24.56 10.93 -8.77
N CYS I 158 -23.64 11.88 -8.57
CA CYS I 158 -22.32 11.52 -8.08
C CYS I 158 -22.42 11.09 -6.61
N VAL I 159 -21.34 10.55 -6.06
CA VAL I 159 -21.31 10.15 -4.67
C VAL I 159 -20.16 10.89 -3.99
N LEU I 160 -20.44 11.49 -2.83
CA LEU I 160 -19.53 12.40 -2.14
C LEU I 160 -18.25 11.64 -1.82
N ASP I 161 -17.19 12.42 -1.55
CA ASP I 161 -15.90 11.89 -1.13
C ASP I 161 -16.04 11.54 0.34
N MET I 162 -15.65 10.31 0.75
CA MET I 162 -15.64 9.92 2.15
C MET I 162 -15.03 10.97 3.08
N ARG I 163 -14.03 11.73 2.62
CA ARG I 163 -13.32 12.69 3.48
C ARG I 163 -13.87 14.11 3.36
N SER I 164 -15.06 14.32 2.76
CA SER I 164 -15.62 15.66 2.65
C SER I 164 -16.05 16.16 4.03
N MET I 165 -15.77 17.43 4.32
CA MET I 165 -16.18 18.06 5.56
C MET I 165 -17.03 19.30 5.28
N ASP I 166 -17.20 19.71 4.01
CA ASP I 166 -17.88 20.96 3.68
C ASP I 166 -18.41 20.81 2.26
N PHE I 167 -19.37 21.66 1.87
CA PHE I 167 -20.10 21.61 0.61
C PHE I 167 -20.50 20.19 0.19
N LYS I 168 -21.26 19.54 1.06
CA LYS I 168 -21.83 18.25 0.72
C LYS I 168 -23.02 18.52 -0.18
N SER I 169 -22.90 18.27 -1.49
CA SER I 169 -23.99 18.62 -2.38
C SER I 169 -24.16 17.53 -3.45
N ASN I 170 -25.42 17.31 -3.85
CA ASN I 170 -25.72 16.33 -4.89
C ASN I 170 -25.63 16.99 -6.26
N SER I 171 -25.05 16.31 -7.24
CA SER I 171 -24.81 16.90 -8.55
C SER I 171 -24.82 15.80 -9.60
N ALA I 172 -25.30 16.15 -10.80
CA ALA I 172 -25.20 15.29 -11.96
C ALA I 172 -24.90 16.17 -13.17
N VAL I 173 -24.29 15.55 -14.18
CA VAL I 173 -23.73 16.31 -15.28
C VAL I 173 -24.31 15.76 -16.56
N ALA I 174 -24.47 16.64 -17.55
CA ALA I 174 -24.92 16.19 -18.89
C ALA I 174 -24.11 16.95 -19.94
N TRP I 175 -23.66 16.24 -20.98
CA TRP I 175 -22.81 16.90 -22.00
C TRP I 175 -23.09 16.34 -23.40
N SER I 176 -23.02 17.21 -24.41
CA SER I 176 -23.27 16.77 -25.81
C SER I 176 -22.29 17.47 -26.75
N ASN I 177 -21.55 16.69 -27.56
CA ASN I 177 -20.58 17.22 -28.49
C ASN I 177 -21.31 18.02 -29.58
N LYS I 178 -22.52 17.57 -29.93
CA LYS I 178 -23.34 18.37 -30.87
C LYS I 178 -23.52 19.77 -30.27
N SER I 179 -23.37 20.81 -31.09
CA SER I 179 -23.58 22.20 -30.62
C SER I 179 -25.08 22.45 -30.43
N ASP I 180 -25.91 21.54 -30.94
CA ASP I 180 -27.38 21.68 -30.79
C ASP I 180 -27.80 21.09 -29.44
N PHE I 181 -27.02 21.39 -28.39
CA PHE I 181 -27.35 20.87 -27.04
C PHE I 181 -28.03 21.97 -26.23
N ALA I 182 -29.12 21.64 -25.56
CA ALA I 182 -29.86 22.62 -24.74
C ALA I 182 -29.72 22.24 -23.27
N CYS I 183 -29.14 23.13 -22.47
CA CYS I 183 -28.92 22.84 -21.04
C CYS I 183 -30.27 22.73 -20.31
N ALA I 184 -30.99 23.84 -20.19
CA ALA I 184 -32.26 23.85 -19.42
C ALA I 184 -33.02 22.54 -19.58
N ASN I 185 -33.55 22.28 -20.78
CA ASN I 185 -34.38 21.07 -20.98
C ASN I 185 -33.48 19.88 -21.27
N ALA I 186 -32.79 19.35 -20.27
CA ALA I 186 -31.97 18.14 -20.47
C ALA I 186 -32.22 17.17 -19.32
N PHE I 187 -32.23 17.69 -18.10
CA PHE I 187 -32.47 16.83 -16.92
C PHE I 187 -33.97 16.68 -16.74
N ASN I 188 -34.67 16.29 -17.80
CA ASN I 188 -36.15 16.15 -17.73
C ASN I 188 -36.54 14.74 -18.20
N ALA J 3 1.99 -7.46 9.91
CA ALA J 3 1.85 -7.69 8.46
C ALA J 3 0.44 -8.20 8.15
N GLY J 4 -0.15 -7.72 7.04
CA GLY J 4 -1.35 -8.28 6.43
C GLY J 4 -1.02 -9.23 5.28
N VAL J 5 -2.05 -9.72 4.59
CA VAL J 5 -1.82 -10.56 3.42
C VAL J 5 -1.34 -9.65 2.32
N ALA J 6 -0.34 -10.10 1.56
CA ALA J 6 0.30 -9.31 0.53
C ALA J 6 0.06 -9.91 -0.86
N GLN J 7 -0.27 -9.09 -1.86
CA GLN J 7 -0.31 -9.55 -3.24
C GLN J 7 0.44 -8.60 -4.18
N SER J 8 0.87 -9.18 -5.30
CA SER J 8 1.50 -8.51 -6.42
C SER J 8 0.90 -9.09 -7.70
N PRO J 9 0.60 -8.31 -8.77
CA PRO J 9 0.59 -6.85 -8.73
C PRO J 9 -0.78 -6.31 -8.31
N ARG J 10 -0.95 -4.97 -8.43
CA ARG J 10 -2.23 -4.35 -8.11
C ARG J 10 -3.17 -4.54 -9.31
N TYR J 11 -2.66 -4.41 -10.53
CA TYR J 11 -3.50 -4.57 -11.71
C TYR J 11 -2.65 -5.20 -12.81
N LYS J 12 -3.33 -5.78 -13.80
CA LYS J 12 -2.67 -6.16 -15.03
C LYS J 12 -3.65 -6.15 -16.20
N ILE J 13 -3.25 -5.49 -17.28
CA ILE J 13 -4.06 -5.50 -18.52
C ILE J 13 -3.40 -6.55 -19.42
N ILE J 14 -4.18 -7.47 -19.94
CA ILE J 14 -3.65 -8.60 -20.75
C ILE J 14 -4.63 -8.81 -21.91
N GLU J 15 -4.18 -9.44 -22.99
CA GLU J 15 -5.07 -9.60 -24.17
C GLU J 15 -5.71 -10.98 -24.13
N LYS J 16 -6.72 -11.21 -24.99
CA LYS J 16 -7.31 -12.56 -25.07
C LYS J 16 -6.16 -13.55 -25.30
N ARG J 17 -6.33 -14.82 -24.94
CA ARG J 17 -5.20 -15.76 -24.97
C ARG J 17 -4.18 -15.18 -23.98
N GLN J 18 -2.87 -15.31 -24.25
CA GLN J 18 -1.85 -14.68 -23.36
C GLN J 18 -1.87 -15.31 -21.97
N SER J 19 -0.92 -14.93 -21.11
CA SER J 19 -0.85 -15.52 -19.78
C SER J 19 -0.56 -14.46 -18.73
N VAL J 20 -0.95 -14.79 -17.51
CA VAL J 20 -0.79 -13.86 -16.40
C VAL J 20 -0.58 -14.72 -15.17
N ALA J 21 0.05 -14.12 -14.15
CA ALA J 21 0.35 -14.81 -12.90
C ALA J 21 0.17 -13.85 -11.73
N PHE J 22 -0.65 -14.24 -10.75
CA PHE J 22 -0.74 -13.43 -9.56
C PHE J 22 0.13 -14.07 -8.49
N TRP J 23 0.50 -13.26 -7.50
CA TRP J 23 1.32 -13.71 -6.38
C TRP J 23 0.66 -13.32 -5.07
N CYS J 24 0.86 -14.21 -4.11
CA CYS J 24 0.33 -14.06 -2.78
C CYS J 24 1.35 -14.47 -1.74
N ASN J 25 1.34 -13.72 -0.63
CA ASN J 25 2.14 -14.04 0.53
C ASN J 25 1.25 -13.96 1.77
N PRO J 26 0.97 -15.12 2.40
CA PRO J 26 -0.04 -15.22 3.45
C PRO J 26 0.58 -14.73 4.74
N ILE J 27 -0.27 -14.53 5.75
CA ILE J 27 0.16 -14.03 7.03
C ILE J 27 1.17 -15.01 7.65
N SER J 28 2.16 -14.48 8.36
CA SER J 28 3.35 -15.25 8.66
C SER J 28 2.98 -16.50 9.43
N GLY J 29 3.12 -17.65 8.76
CA GLY J 29 2.90 -18.94 9.38
C GLY J 29 1.42 -19.25 9.58
N HIS J 30 0.56 -18.70 8.72
CA HIS J 30 -0.75 -19.28 8.51
C HIS J 30 -0.54 -20.50 7.63
N GLY J 31 -1.31 -21.57 7.88
CA GLY J 31 -1.06 -22.83 7.16
C GLY J 31 -1.90 -22.98 5.91
N THR J 32 -3.05 -22.30 5.85
CA THR J 32 -3.93 -22.51 4.68
C THR J 32 -4.01 -21.25 3.85
N LEU J 33 -3.85 -21.39 2.53
CA LEU J 33 -3.94 -20.23 1.62
C LEU J 33 -5.12 -20.45 0.68
N TYR J 34 -5.87 -19.38 0.40
CA TYR J 34 -6.98 -19.47 -0.53
C TYR J 34 -6.76 -18.50 -1.69
N TRP J 35 -7.32 -18.88 -2.83
CA TRP J 35 -7.33 -18.00 -4.02
C TRP J 35 -8.79 -17.87 -4.44
N TYR J 36 -9.40 -16.70 -4.31
CA TYR J 36 -10.76 -16.43 -4.79
C TYR J 36 -10.77 -15.63 -6.09
N GLN J 37 -11.89 -15.70 -6.82
CA GLN J 37 -12.16 -14.84 -7.97
C GLN J 37 -13.39 -13.96 -7.71
N GLN J 38 -13.24 -12.63 -7.84
CA GLN J 38 -14.35 -11.71 -7.67
C GLN J 38 -14.72 -11.07 -9.00
N ILE J 39 -15.68 -11.69 -9.69
CA ILE J 39 -16.33 -11.10 -10.84
C ILE J 39 -16.98 -9.80 -10.40
N LEU J 40 -16.95 -8.79 -11.30
CA LEU J 40 -17.41 -7.47 -10.95
C LEU J 40 -18.88 -7.51 -10.61
N GLY J 41 -19.22 -7.07 -9.38
CA GLY J 41 -20.59 -6.89 -8.95
C GLY J 41 -21.17 -8.10 -8.19
N GLN J 42 -20.34 -9.11 -7.92
CA GLN J 42 -20.70 -10.19 -7.02
C GLN J 42 -19.65 -10.31 -5.93
N GLY J 43 -19.75 -11.35 -5.09
CA GLY J 43 -18.78 -11.57 -4.02
C GLY J 43 -17.73 -12.58 -4.46
N PRO J 44 -16.59 -12.73 -3.72
CA PRO J 44 -15.49 -13.62 -4.12
C PRO J 44 -15.95 -15.07 -4.07
N LYS J 45 -15.58 -15.88 -5.07
CA LYS J 45 -15.89 -17.29 -5.11
C LYS J 45 -14.58 -18.05 -5.04
N LEU J 46 -14.55 -19.22 -4.41
CA LEU J 46 -13.29 -19.87 -4.17
C LEU J 46 -12.81 -20.54 -5.46
N LEU J 47 -11.51 -20.40 -5.69
CA LEU J 47 -10.85 -21.06 -6.80
C LEU J 47 -10.15 -22.31 -6.31
N ILE J 48 -9.22 -22.13 -5.38
CA ILE J 48 -8.42 -23.28 -4.87
C ILE J 48 -8.08 -23.05 -3.40
N GLN J 49 -7.95 -24.12 -2.62
CA GLN J 49 -7.57 -24.00 -1.19
C GLN J 49 -6.36 -24.89 -0.94
N PHE J 50 -5.37 -24.37 -0.22
CA PHE J 50 -4.11 -25.13 -0.01
C PHE J 50 -3.83 -25.22 1.46
N HIS J 51 -3.39 -26.38 1.94
CA HIS J 51 -2.94 -26.45 3.34
C HIS J 51 -1.45 -26.81 3.27
N ASN J 52 -0.62 -26.03 3.95
CA ASN J 52 0.84 -26.26 3.82
C ASN J 52 1.17 -26.33 2.32
N ASN J 53 1.64 -27.47 1.83
CA ASN J 53 2.09 -27.53 0.45
C ASN J 53 1.16 -28.40 -0.38
N GLY J 54 -0.09 -28.54 0.06
CA GLY J 54 -0.98 -29.48 -0.66
C GLY J 54 -2.34 -28.90 -0.93
N VAL J 55 -2.94 -29.33 -2.04
CA VAL J 55 -4.28 -28.81 -2.42
C VAL J 55 -5.33 -29.52 -1.56
N VAL J 56 -6.08 -28.75 -0.78
CA VAL J 56 -7.17 -29.34 0.05
C VAL J 56 -8.45 -29.31 -0.77
N ASP J 57 -8.60 -28.32 -1.64
CA ASP J 57 -9.81 -28.18 -2.45
C ASP J 57 -9.50 -27.43 -3.74
N ASP J 58 -9.88 -28.04 -4.87
CA ASP J 58 -9.68 -27.50 -6.20
C ASP J 58 -10.76 -28.04 -7.14
N SER J 59 -11.98 -28.26 -6.61
CA SER J 59 -12.99 -28.97 -7.39
C SER J 59 -13.82 -27.95 -8.18
N GLN J 60 -13.53 -26.68 -7.87
CA GLN J 60 -14.24 -25.52 -8.38
C GLN J 60 -13.39 -24.77 -9.42
N LEU J 61 -12.10 -25.12 -9.50
CA LEU J 61 -11.12 -24.49 -10.36
C LEU J 61 -11.29 -24.94 -11.81
N PRO J 62 -11.31 -24.04 -12.83
CA PRO J 62 -11.25 -24.49 -14.23
C PRO J 62 -9.84 -24.98 -14.56
N LYS J 63 -9.64 -26.30 -14.55
CA LYS J 63 -8.30 -26.89 -14.56
C LYS J 63 -7.78 -26.91 -16.00
N ASP J 64 -8.68 -26.73 -16.97
CA ASP J 64 -8.32 -26.49 -18.35
C ASP J 64 -7.28 -25.37 -18.47
N ARG J 65 -7.42 -24.28 -17.70
CA ARG J 65 -6.58 -23.09 -17.86
C ARG J 65 -6.01 -22.53 -16.56
N PHE J 66 -6.69 -22.73 -15.42
CA PHE J 66 -6.14 -22.25 -14.16
C PHE J 66 -5.23 -23.32 -13.52
N SER J 67 -4.24 -22.82 -12.77
CA SER J 67 -3.32 -23.63 -12.01
C SER J 67 -2.75 -22.80 -10.85
N ALA J 68 -2.21 -23.48 -9.84
CA ALA J 68 -1.63 -22.76 -8.68
C ALA J 68 -0.43 -23.52 -8.13
N GLU J 69 0.20 -22.99 -7.09
CA GLU J 69 1.43 -23.62 -6.53
C GLU J 69 1.75 -23.05 -5.15
N ARG J 70 2.24 -23.87 -4.22
CA ARG J 70 2.68 -23.44 -2.88
C ARG J 70 3.64 -24.53 -2.43
N LEU J 71 4.61 -24.86 -3.28
CA LEU J 71 5.44 -26.03 -3.04
C LEU J 71 6.36 -25.83 -1.82
N LYS J 72 6.55 -24.61 -1.32
CA LYS J 72 7.28 -24.36 -0.09
C LYS J 72 6.28 -24.07 1.05
N GLY J 73 4.98 -24.20 0.79
CA GLY J 73 3.99 -24.07 1.84
C GLY J 73 3.82 -22.64 2.37
N VAL J 74 4.42 -21.62 1.72
CA VAL J 74 4.23 -20.26 2.19
C VAL J 74 3.58 -19.42 1.11
N ASP J 75 4.37 -18.80 0.23
CA ASP J 75 3.82 -17.94 -0.82
C ASP J 75 3.23 -18.83 -1.91
N SER J 76 2.29 -18.23 -2.64
CA SER J 76 1.60 -19.00 -3.70
C SER J 76 1.56 -18.20 -4.99
N THR J 77 1.28 -18.88 -6.09
CA THR J 77 1.24 -18.28 -7.41
C THR J 77 0.09 -18.90 -8.20
N LEU J 78 -0.96 -18.10 -8.42
CA LEU J 78 -2.06 -18.47 -9.30
C LEU J 78 -1.72 -17.99 -10.71
N LYS J 79 -2.15 -18.77 -11.71
CA LYS J 79 -1.75 -18.56 -13.09
C LYS J 79 -2.92 -18.97 -14.01
N ILE J 80 -3.27 -18.05 -14.92
CA ILE J 80 -4.23 -18.29 -16.00
C ILE J 80 -3.46 -18.34 -17.32
N GLN J 81 -3.77 -19.35 -18.16
CA GLN J 81 -3.11 -19.52 -19.45
C GLN J 81 -3.81 -20.61 -20.26
N PRO J 82 -4.45 -20.32 -21.42
CA PRO J 82 -4.66 -18.97 -21.92
C PRO J 82 -5.85 -18.29 -21.24
N ALA J 83 -5.72 -16.98 -21.01
CA ALA J 83 -6.79 -16.17 -20.44
C ALA J 83 -7.92 -15.96 -21.46
N LYS J 84 -9.15 -15.82 -20.97
CA LYS J 84 -10.30 -15.59 -21.84
C LYS J 84 -10.98 -14.33 -21.29
N LEU J 85 -11.92 -13.81 -22.08
CA LEU J 85 -12.47 -12.48 -21.80
C LEU J 85 -13.14 -12.47 -20.43
N GLU J 86 -13.88 -13.56 -20.16
CA GLU J 86 -14.75 -13.68 -19.00
C GLU J 86 -13.94 -13.73 -17.70
N ASP J 87 -12.61 -13.97 -17.76
CA ASP J 87 -11.75 -13.97 -16.58
C ASP J 87 -11.51 -12.56 -16.00
N SER J 88 -12.16 -11.54 -16.57
CA SER J 88 -12.02 -10.19 -16.05
C SER J 88 -12.67 -10.09 -14.69
N ALA J 89 -11.79 -9.90 -13.69
CA ALA J 89 -12.18 -10.04 -12.31
C ALA J 89 -11.07 -9.49 -11.41
N VAL J 90 -11.41 -9.33 -10.12
CA VAL J 90 -10.39 -9.20 -9.09
C VAL J 90 -10.04 -10.59 -8.60
N TYR J 91 -8.73 -10.90 -8.57
CA TYR J 91 -8.21 -12.12 -7.99
C TYR J 91 -7.77 -11.84 -6.55
N LEU J 92 -8.55 -12.36 -5.60
CA LEU J 92 -8.29 -12.20 -4.18
C LEU J 92 -7.56 -13.41 -3.61
N CYS J 93 -6.72 -13.12 -2.63
CA CYS J 93 -5.94 -14.10 -1.93
C CYS J 93 -6.26 -13.95 -0.44
N ALA J 94 -6.31 -15.10 0.28
CA ALA J 94 -6.63 -15.09 1.70
C ALA J 94 -5.80 -16.14 2.43
N SER J 95 -5.56 -15.91 3.72
CA SER J 95 -4.91 -16.93 4.55
C SER J 95 -5.64 -17.17 5.88
N SER J 96 -5.55 -18.42 6.37
CA SER J 96 -6.06 -18.78 7.68
C SER J 96 -5.01 -19.59 8.44
N LEU J 97 -5.14 -19.56 9.77
CA LEU J 97 -4.24 -20.32 10.61
C LEU J 97 -4.37 -21.81 10.28
N ASP J 98 -5.60 -22.32 10.32
CA ASP J 98 -5.96 -23.66 9.84
C ASP J 98 -7.32 -23.55 9.14
N TRP J 99 -7.78 -24.67 8.57
CA TRP J 99 -9.11 -24.69 7.93
C TRP J 99 -10.00 -25.69 8.66
N VAL J 100 -9.60 -26.07 9.86
CA VAL J 100 -10.34 -27.11 10.64
C VAL J 100 -10.59 -26.55 12.04
N GLY J 101 -11.63 -27.04 12.72
CA GLY J 101 -11.93 -26.58 14.08
C GLY J 101 -13.26 -25.89 14.13
N ASP J 102 -13.45 -24.99 15.10
CA ASP J 102 -14.75 -24.31 15.24
C ASP J 102 -15.04 -23.56 13.95
N GLY J 103 -14.03 -22.88 13.40
CA GLY J 103 -14.19 -22.09 12.17
C GLY J 103 -13.21 -20.96 12.18
N GLU J 104 -12.20 -21.00 11.30
CA GLU J 104 -11.17 -19.99 11.35
C GLU J 104 -11.58 -18.75 10.56
N ARG J 105 -11.20 -17.59 11.13
CA ARG J 105 -11.28 -16.30 10.46
C ARG J 105 -10.29 -16.25 9.29
N GLN J 106 -10.78 -15.76 8.13
CA GLN J 106 -9.98 -15.60 6.93
C GLN J 106 -9.52 -14.15 6.80
N TYR J 107 -8.25 -14.02 6.43
CA TYR J 107 -7.59 -12.75 6.21
C TYR J 107 -7.32 -12.60 4.72
N PHE J 108 -7.84 -11.50 4.15
CA PHE J 108 -7.76 -11.24 2.71
C PHE J 108 -6.65 -10.27 2.38
N GLY J 109 -6.07 -10.42 1.18
CA GLY J 109 -5.17 -9.43 0.62
C GLY J 109 -5.93 -8.30 -0.06
N PRO J 110 -5.27 -7.44 -0.85
CA PRO J 110 -5.95 -6.28 -1.42
C PRO J 110 -6.55 -6.48 -2.80
N GLY J 111 -6.15 -7.57 -3.46
CA GLY J 111 -6.67 -7.92 -4.76
C GLY J 111 -5.75 -7.48 -5.89
N THR J 112 -5.82 -8.25 -6.98
CA THR J 112 -5.17 -7.93 -8.23
C THR J 112 -6.27 -7.84 -9.28
N ARG J 113 -6.43 -6.66 -9.86
CA ARG J 113 -7.49 -6.44 -10.86
C ARG J 113 -6.97 -6.87 -12.22
N LEU J 114 -7.64 -7.84 -12.82
CA LEU J 114 -7.28 -8.33 -14.14
C LEU J 114 -8.28 -7.78 -15.13
N LEU J 115 -7.71 -7.20 -16.20
CA LEU J 115 -8.49 -6.64 -17.31
C LEU J 115 -8.05 -7.40 -18.57
N VAL J 116 -8.91 -8.25 -19.11
CA VAL J 116 -8.61 -9.08 -20.32
C VAL J 116 -9.25 -8.36 -21.52
N LEU J 117 -8.44 -7.92 -22.47
CA LEU J 117 -9.00 -7.11 -23.58
C LEU J 117 -8.94 -7.88 -24.90
N GLU J 118 -9.86 -7.57 -25.83
CA GLU J 118 -9.86 -8.22 -27.16
C GLU J 118 -8.63 -7.75 -27.93
N ASP J 119 -8.39 -6.44 -27.96
CA ASP J 119 -7.19 -5.90 -28.64
C ASP J 119 -6.52 -4.86 -27.75
N LEU J 120 -5.21 -4.98 -27.58
CA LEU J 120 -4.46 -4.00 -26.76
C LEU J 120 -4.37 -2.69 -27.54
N LYS J 121 -4.54 -2.75 -28.86
CA LYS J 121 -4.52 -1.53 -29.65
C LYS J 121 -5.73 -0.66 -29.32
N ASN J 122 -6.68 -1.19 -28.56
CA ASN J 122 -7.91 -0.39 -28.29
C ASN J 122 -7.74 0.33 -26.95
N VAL J 123 -6.51 0.43 -26.46
CA VAL J 123 -6.24 1.08 -25.14
C VAL J 123 -5.93 2.57 -25.37
N PHE J 124 -6.61 3.46 -24.66
CA PHE J 124 -6.43 4.91 -24.86
C PHE J 124 -6.43 5.65 -23.54
N PRO J 125 -5.44 6.53 -23.26
CA PRO J 125 -5.44 7.30 -22.03
C PRO J 125 -6.60 8.26 -22.00
N PRO J 126 -6.89 8.90 -20.86
CA PRO J 126 -8.06 9.76 -20.77
C PRO J 126 -7.86 11.18 -21.26
N GLU J 127 -8.94 11.79 -21.77
CA GLU J 127 -8.87 13.22 -22.15
C GLU J 127 -9.45 13.97 -20.96
N VAL J 128 -8.78 15.01 -20.47
CA VAL J 128 -9.22 15.60 -19.22
C VAL J 128 -9.41 17.11 -19.40
N ALA J 129 -10.63 17.57 -19.13
CA ALA J 129 -10.92 19.02 -19.22
C ALA J 129 -11.63 19.49 -17.96
N VAL J 130 -11.28 20.68 -17.47
CA VAL J 130 -12.00 21.26 -16.29
C VAL J 130 -12.96 22.33 -16.83
N PHE J 131 -14.12 22.49 -16.21
CA PHE J 131 -15.11 23.50 -16.66
C PHE J 131 -15.27 24.54 -15.56
N GLU J 132 -15.27 25.82 -15.93
CA GLU J 132 -15.30 26.91 -14.91
C GLU J 132 -16.73 27.12 -14.39
N PRO J 133 -16.90 27.54 -13.13
CA PRO J 133 -18.26 27.66 -12.55
C PRO J 133 -19.17 28.69 -13.19
N SER J 134 -20.50 28.45 -13.24
CA SER J 134 -21.40 29.36 -13.95
C SER J 134 -21.67 30.61 -13.11
N GLU J 135 -21.80 31.76 -13.79
CA GLU J 135 -22.04 33.03 -13.11
C GLU J 135 -23.46 33.00 -12.53
N ALA J 136 -24.29 32.14 -13.14
CA ALA J 136 -25.63 31.89 -12.65
C ALA J 136 -25.58 31.31 -11.23
N GLU J 137 -24.87 30.19 -11.08
CA GLU J 137 -24.66 29.58 -9.79
C GLU J 137 -24.08 30.62 -8.82
N ILE J 138 -23.10 31.42 -9.25
CA ILE J 138 -22.32 32.15 -8.27
C ILE J 138 -23.12 33.35 -7.73
N SER J 139 -24.03 33.92 -8.50
CA SER J 139 -24.86 34.97 -7.91
C SER J 139 -26.01 34.33 -7.11
N HIS J 140 -26.62 33.26 -7.64
CA HIS J 140 -27.81 32.65 -7.03
C HIS J 140 -27.50 31.98 -5.68
N THR J 141 -26.25 31.53 -5.48
CA THR J 141 -25.90 30.72 -4.32
C THR J 141 -24.69 31.30 -3.58
N GLN J 142 -23.84 32.06 -4.26
CA GLN J 142 -22.52 32.45 -3.79
C GLN J 142 -21.72 31.19 -3.49
N LYS J 143 -21.84 30.24 -4.41
CA LYS J 143 -21.04 29.02 -4.41
C LYS J 143 -20.65 28.76 -5.85
N ALA J 144 -19.64 27.91 -6.05
CA ALA J 144 -19.02 27.77 -7.35
C ALA J 144 -18.55 26.35 -7.53
N THR J 145 -19.16 25.66 -8.51
CA THR J 145 -18.97 24.24 -8.71
C THR J 145 -18.15 24.04 -9.97
N LEU J 146 -16.87 23.73 -9.83
CA LEU J 146 -16.07 23.32 -10.97
C LEU J 146 -16.55 21.94 -11.39
N VAL J 147 -16.29 21.58 -12.65
CA VAL J 147 -16.56 20.23 -13.15
C VAL J 147 -15.33 19.71 -13.85
N CYS J 148 -15.07 18.41 -13.72
CA CYS J 148 -13.98 17.78 -14.44
C CYS J 148 -14.51 16.62 -15.26
N LEU J 149 -14.09 16.54 -16.52
CA LEU J 149 -14.65 15.50 -17.43
C LEU J 149 -13.52 14.69 -18.07
N ALA J 150 -13.42 13.41 -17.71
CA ALA J 150 -12.43 12.52 -18.37
C ALA J 150 -13.14 11.89 -19.55
N THR J 151 -12.48 11.78 -20.70
CA THR J 151 -13.22 11.30 -21.89
C THR J 151 -12.41 10.34 -22.72
N GLY J 152 -13.08 9.40 -23.38
CA GLY J 152 -12.40 8.48 -24.31
C GLY J 152 -11.24 7.75 -23.67
N PHE J 153 -11.51 6.94 -22.66
CA PHE J 153 -10.41 6.12 -22.08
C PHE J 153 -10.79 4.66 -22.12
N TYR J 154 -9.81 3.78 -22.34
CA TYR J 154 -10.06 2.32 -22.34
C TYR J 154 -8.77 1.67 -21.89
N PRO J 155 -8.77 0.84 -20.83
CA PRO J 155 -10.00 0.46 -20.15
C PRO J 155 -10.35 1.28 -18.91
N ASP J 156 -11.03 0.63 -17.96
CA ASP J 156 -11.89 1.28 -16.93
C ASP J 156 -11.04 1.76 -15.75
N HIS J 157 -9.88 1.15 -15.52
CA HIS J 157 -9.06 1.50 -14.33
C HIS J 157 -8.59 2.95 -14.36
N VAL J 158 -9.29 3.83 -13.62
CA VAL J 158 -8.92 5.27 -13.59
C VAL J 158 -9.18 5.83 -12.19
N GLU J 159 -8.37 6.76 -11.71
CA GLU J 159 -8.59 7.37 -10.40
C GLU J 159 -8.43 8.90 -10.41
N LEU J 160 -9.52 9.60 -10.11
CA LEU J 160 -9.60 11.04 -10.30
C LEU J 160 -9.51 11.75 -8.96
N SER J 161 -8.61 12.70 -8.86
CA SER J 161 -8.35 13.48 -7.66
C SER J 161 -8.40 14.96 -8.02
N TRP J 162 -8.69 15.83 -7.04
CA TRP J 162 -8.68 17.27 -7.20
C TRP J 162 -7.58 17.91 -6.35
N TRP J 163 -6.91 18.93 -6.90
CA TRP J 163 -5.77 19.54 -6.23
C TRP J 163 -5.85 21.08 -6.26
N VAL J 164 -6.02 21.66 -5.06
CA VAL J 164 -6.13 23.10 -4.92
C VAL J 164 -4.89 23.63 -4.22
N ASN J 165 -4.06 24.33 -5.00
CA ASN J 165 -2.91 25.05 -4.49
C ASN J 165 -1.84 24.07 -4.02
N GLY J 166 -1.67 23.00 -4.79
CA GLY J 166 -0.59 22.06 -4.56
C GLY J 166 -1.04 20.89 -3.71
N LYS J 167 -2.19 20.99 -3.05
CA LYS J 167 -2.61 19.96 -2.10
C LYS J 167 -3.84 19.22 -2.65
N GLU J 168 -3.90 17.90 -2.45
CA GLU J 168 -5.11 17.15 -2.71
C GLU J 168 -6.16 17.59 -1.68
N VAL J 169 -7.41 17.64 -2.13
CA VAL J 169 -8.50 18.15 -1.31
C VAL J 169 -9.64 17.16 -1.45
N HIS J 170 -10.51 17.10 -0.42
CA HIS J 170 -11.65 16.21 -0.44
C HIS J 170 -12.95 16.94 -0.17
N SER J 171 -12.88 18.12 0.47
CA SER J 171 -14.09 18.83 0.82
C SER J 171 -14.76 19.38 -0.44
N GLY J 172 -16.05 19.08 -0.58
CA GLY J 172 -16.84 19.63 -1.68
C GLY J 172 -16.65 18.85 -2.96
N VAL J 173 -15.84 17.79 -2.90
CA VAL J 173 -15.72 16.95 -4.08
C VAL J 173 -16.74 15.83 -3.94
N CYS J 174 -17.33 15.50 -5.10
CA CYS J 174 -18.06 14.26 -5.28
C CYS J 174 -17.92 13.86 -6.74
N THR J 175 -17.63 12.57 -6.93
CA THR J 175 -17.23 11.96 -8.17
C THR J 175 -18.25 10.89 -8.55
N ASP J 176 -18.39 10.67 -9.86
CA ASP J 176 -19.35 9.65 -10.34
C ASP J 176 -18.96 8.31 -9.76
N PRO J 177 -19.94 7.45 -9.41
CA PRO J 177 -19.62 6.12 -8.92
C PRO J 177 -18.66 5.46 -9.88
N GLN J 178 -19.14 5.26 -11.10
CA GLN J 178 -18.45 4.35 -12.05
C GLN J 178 -18.35 5.02 -13.43
N PRO J 179 -17.29 4.76 -14.23
CA PRO J 179 -17.19 5.30 -15.56
C PRO J 179 -18.40 5.02 -16.44
N LEU J 180 -18.62 5.85 -17.45
CA LEU J 180 -19.79 5.69 -18.35
C LEU J 180 -19.33 5.35 -19.77
N LYS J 181 -19.92 4.33 -20.39
CA LYS J 181 -19.56 3.93 -21.77
C LYS J 181 -20.02 5.02 -22.74
N GLU J 182 -19.09 5.61 -23.48
CA GLU J 182 -19.44 6.73 -24.38
C GLU J 182 -20.42 6.20 -25.45
N GLN J 183 -20.34 4.92 -25.78
CA GLN J 183 -21.27 4.34 -26.73
C GLN J 183 -21.72 3.00 -26.18
N PRO J 184 -22.80 2.97 -25.37
CA PRO J 184 -23.34 1.72 -24.84
C PRO J 184 -23.56 0.66 -25.92
N ALA J 185 -23.98 1.11 -27.12
CA ALA J 185 -24.14 0.26 -28.29
C ALA J 185 -22.90 -0.62 -28.50
N LEU J 186 -21.75 0.02 -28.78
CA LEU J 186 -20.53 -0.67 -29.19
C LEU J 186 -20.03 -1.54 -28.04
N ASN J 187 -19.14 -2.51 -28.35
CA ASN J 187 -18.89 -3.65 -27.49
C ASN J 187 -17.63 -3.46 -26.63
N ASP J 188 -16.71 -2.64 -27.13
CA ASP J 188 -15.49 -2.29 -26.34
C ASP J 188 -15.45 -0.76 -26.28
N SER J 189 -16.61 -0.14 -26.05
CA SER J 189 -16.70 1.34 -26.04
C SER J 189 -15.73 1.95 -25.04
N ARG J 190 -15.12 3.07 -25.42
CA ARG J 190 -14.23 3.79 -24.47
C ARG J 190 -15.13 4.42 -23.41
N TYR J 191 -14.54 4.83 -22.28
CA TYR J 191 -15.42 5.31 -21.18
C TYR J 191 -15.17 6.76 -20.87
N ALA J 192 -16.02 7.30 -19.99
CA ALA J 192 -15.86 8.70 -19.57
C ALA J 192 -16.21 8.76 -18.09
N LEU J 193 -15.69 9.76 -17.36
CA LEU J 193 -16.01 9.90 -15.92
C LEU J 193 -16.05 11.39 -15.58
N SER J 194 -16.92 11.79 -14.65
CA SER J 194 -17.03 13.18 -14.26
C SER J 194 -16.80 13.33 -12.78
N SER J 195 -16.64 14.58 -12.32
CA SER J 195 -16.50 14.91 -10.92
C SER J 195 -16.63 16.42 -10.74
N ARG J 196 -17.18 16.84 -9.59
CA ARG J 196 -17.35 18.25 -9.28
C ARG J 196 -16.47 18.60 -8.09
N LEU J 197 -16.08 19.89 -8.01
CA LEU J 197 -15.46 20.46 -6.84
C LEU J 197 -16.21 21.73 -6.54
N ARG J 198 -16.74 21.87 -5.32
CA ARG J 198 -17.55 23.04 -5.00
C ARG J 198 -16.88 23.84 -3.91
N VAL J 199 -16.78 25.15 -4.14
CA VAL J 199 -16.18 26.05 -3.18
C VAL J 199 -17.01 27.32 -3.13
N SER J 200 -16.72 28.20 -2.17
CA SER J 200 -17.42 29.47 -2.06
C SER J 200 -17.11 30.34 -3.27
N ALA J 201 -18.03 31.27 -3.54
CA ALA J 201 -17.81 32.21 -4.63
C ALA J 201 -16.54 33.03 -4.39
N THR J 202 -16.41 33.61 -3.19
CA THR J 202 -15.31 34.52 -2.91
C THR J 202 -14.00 33.79 -3.16
N PHE J 203 -13.94 32.49 -2.82
CA PHE J 203 -12.74 31.68 -3.02
C PHE J 203 -12.40 31.47 -4.50
N TRP J 204 -13.40 31.14 -5.33
CA TRP J 204 -13.16 30.91 -6.75
C TRP J 204 -12.84 32.21 -7.50
N GLN J 205 -13.18 33.36 -6.90
CA GLN J 205 -13.00 34.65 -7.52
C GLN J 205 -11.58 35.16 -7.30
N ASP J 206 -10.91 34.59 -6.28
CA ASP J 206 -9.53 34.92 -5.96
C ASP J 206 -8.64 34.39 -7.08
N PRO J 207 -7.89 35.26 -7.79
CA PRO J 207 -7.08 34.79 -8.92
C PRO J 207 -5.85 34.03 -8.44
N ARG J 208 -5.61 34.04 -7.11
CA ARG J 208 -4.47 33.36 -6.52
C ARG J 208 -4.71 31.86 -6.49
N ASN J 209 -5.98 31.42 -6.61
CA ASN J 209 -6.30 30.03 -6.34
C ASN J 209 -6.23 29.22 -7.63
N HIS J 210 -5.47 28.12 -7.52
CA HIS J 210 -5.16 27.20 -8.62
C HIS J 210 -5.97 25.93 -8.39
N PHE J 211 -6.76 25.51 -9.39
CA PHE J 211 -7.59 24.31 -9.24
C PHE J 211 -7.21 23.31 -10.33
N ARG J 212 -6.91 22.07 -9.96
CA ARG J 212 -6.38 21.11 -10.91
C ARG J 212 -7.05 19.77 -10.69
N CYS J 213 -7.47 19.15 -11.79
CA CYS J 213 -8.13 17.87 -11.76
C CYS J 213 -7.18 16.85 -12.36
N GLN J 214 -7.07 15.71 -11.73
CA GLN J 214 -5.99 14.80 -12.05
C GLN J 214 -6.60 13.41 -12.22
N VAL J 215 -6.33 12.78 -13.35
CA VAL J 215 -6.90 11.46 -13.60
C VAL J 215 -5.76 10.50 -13.88
N GLN J 216 -5.53 9.61 -12.91
CA GLN J 216 -4.54 8.56 -13.05
C GLN J 216 -5.17 7.43 -13.83
N PHE J 217 -4.47 6.98 -14.87
CA PHE J 217 -4.97 5.89 -15.74
C PHE J 217 -4.04 4.72 -15.64
N TYR J 218 -4.59 3.55 -15.39
CA TYR J 218 -3.76 2.31 -15.36
C TYR J 218 -3.82 1.72 -16.74
N GLY J 219 -2.65 1.49 -17.33
CA GLY J 219 -2.57 1.08 -18.73
C GLY J 219 -1.52 -0.02 -18.90
N LEU J 220 -0.69 0.06 -19.94
CA LEU J 220 0.28 -0.99 -20.20
C LEU J 220 1.56 -0.71 -19.42
N SER J 221 2.52 -1.63 -19.54
CA SER J 221 3.76 -1.51 -18.75
C SER J 221 4.98 -1.54 -19.67
N GLU J 222 6.17 -1.43 -19.09
CA GLU J 222 7.41 -1.44 -19.90
C GLU J 222 7.74 -2.87 -20.31
N ASN J 223 6.75 -3.60 -20.80
CA ASN J 223 6.97 -4.98 -21.26
C ASN J 223 6.07 -5.21 -22.48
N ASP J 224 4.81 -4.80 -22.35
CA ASP J 224 3.88 -4.92 -23.50
C ASP J 224 4.52 -4.20 -24.69
N GLU J 225 4.85 -4.93 -25.76
CA GLU J 225 5.50 -4.31 -26.91
C GLU J 225 4.47 -3.42 -27.62
N TRP J 226 4.92 -2.38 -28.32
CA TRP J 226 3.96 -1.44 -28.90
C TRP J 226 4.31 -1.13 -30.37
N THR J 227 3.43 -1.58 -31.26
CA THR J 227 3.68 -1.63 -32.70
C THR J 227 3.24 -0.33 -33.34
N GLN J 228 2.40 0.43 -32.62
CA GLN J 228 1.64 1.51 -33.20
C GLN J 228 2.41 2.83 -33.18
N ASP J 229 2.00 3.77 -34.07
CA ASP J 229 2.76 5.00 -34.27
C ASP J 229 2.41 6.04 -33.21
N ARG J 230 1.19 5.98 -32.67
CA ARG J 230 0.87 6.87 -31.56
C ARG J 230 1.60 6.38 -30.31
N ALA J 231 1.45 7.13 -29.22
CA ALA J 231 2.25 6.94 -28.01
C ALA J 231 1.68 5.80 -27.17
N LYS J 232 2.59 4.96 -26.66
CA LYS J 232 2.18 3.77 -25.87
C LYS J 232 1.32 4.21 -24.71
N PRO J 233 0.12 3.63 -24.55
CA PRO J 233 -0.78 4.06 -23.49
C PRO J 233 -0.40 3.39 -22.16
N VAL J 234 0.76 3.79 -21.66
CA VAL J 234 1.24 3.23 -20.37
C VAL J 234 0.57 3.98 -19.23
N THR J 235 0.65 3.42 -18.03
CA THR J 235 0.15 4.09 -16.85
C THR J 235 0.69 5.51 -16.83
N GLN J 236 -0.18 6.48 -16.51
CA GLN J 236 0.14 7.89 -16.62
C GLN J 236 -0.94 8.72 -15.93
N ILE J 237 -0.59 9.96 -15.51
CA ILE J 237 -1.50 10.86 -14.82
C ILE J 237 -1.76 12.11 -15.67
N VAL J 238 -3.03 12.32 -16.02
CA VAL J 238 -3.40 13.30 -17.02
C VAL J 238 -4.24 14.40 -16.37
N SER J 239 -3.67 15.59 -16.31
CA SER J 239 -4.24 16.65 -15.50
C SER J 239 -4.73 17.80 -16.39
N ALA J 240 -5.62 18.64 -15.81
CA ALA J 240 -6.13 19.86 -16.43
C ALA J 240 -6.42 20.88 -15.32
N GLU J 241 -6.34 22.16 -15.64
CA GLU J 241 -6.46 23.14 -14.54
C GLU J 241 -7.33 24.34 -14.89
N ALA J 242 -7.53 25.21 -13.89
CA ALA J 242 -8.34 26.43 -14.08
C ALA J 242 -7.94 27.38 -12.95
N TRP J 243 -7.68 28.64 -13.28
CA TRP J 243 -7.29 29.59 -12.25
C TRP J 243 -8.51 30.42 -11.85
N GLY J 244 -8.54 30.78 -10.56
CA GLY J 244 -9.54 31.69 -10.03
C GLY J 244 -9.52 32.98 -10.83
N ARG J 245 -10.72 33.49 -11.18
CA ARG J 245 -10.89 34.58 -12.12
C ARG J 245 -11.97 35.51 -11.58
N ALA J 246 -11.59 36.78 -11.35
CA ALA J 246 -12.39 37.72 -10.58
C ALA J 246 -13.53 38.32 -11.41
N ASP J 247 -13.58 38.03 -12.71
CA ASP J 247 -14.73 38.36 -13.55
C ASP J 247 -15.18 37.08 -14.28
#